data_1MWL
# 
_entry.id   1MWL 
# 
_audit_conform.dict_name       mmcif_pdbx.dic 
_audit_conform.dict_version    5.386 
_audit_conform.dict_location   http://mmcif.pdb.org/dictionaries/ascii/mmcif_pdbx.dic 
# 
loop_
_database_2.database_id 
_database_2.database_code 
_database_2.pdbx_database_accession 
_database_2.pdbx_DOI 
PDB   1MWL         pdb_00001mwl 10.2210/pdb1mwl/pdb 
NDB   DR0008       ?            ?                   
RCSB  RCSB017251   ?            ?                   
WWPDB D_1000017251 ?            ?                   
# 
loop_
_pdbx_audit_revision_history.ordinal 
_pdbx_audit_revision_history.data_content_type 
_pdbx_audit_revision_history.major_revision 
_pdbx_audit_revision_history.minor_revision 
_pdbx_audit_revision_history.revision_date 
1 'Structure model' 1 0 2003-02-18 
2 'Structure model' 1 1 2008-04-28 
3 'Structure model' 1 2 2011-07-13 
4 'Structure model' 1 3 2012-02-08 
5 'Structure model' 1 4 2024-02-14 
# 
_pdbx_audit_revision_details.ordinal             1 
_pdbx_audit_revision_details.revision_ordinal    1 
_pdbx_audit_revision_details.data_content_type   'Structure model' 
_pdbx_audit_revision_details.provider            repository 
_pdbx_audit_revision_details.type                'Initial release' 
_pdbx_audit_revision_details.description         ? 
_pdbx_audit_revision_details.details             ? 
# 
loop_
_pdbx_audit_revision_group.ordinal 
_pdbx_audit_revision_group.revision_ordinal 
_pdbx_audit_revision_group.data_content_type 
_pdbx_audit_revision_group.group 
1 2 'Structure model' 'Version format compliance' 
2 3 'Structure model' 'Version format compliance' 
3 4 'Structure model' 'Derived calculations'      
4 5 'Structure model' 'Data collection'           
5 5 'Structure model' 'Database references'       
6 5 'Structure model' 'Derived calculations'      
7 5 'Structure model' 'Refinement description'    
# 
loop_
_pdbx_audit_revision_category.ordinal 
_pdbx_audit_revision_category.revision_ordinal 
_pdbx_audit_revision_category.data_content_type 
_pdbx_audit_revision_category.category 
1 5 'Structure model' chem_comp_atom                
2 5 'Structure model' chem_comp_bond                
3 5 'Structure model' database_2                    
4 5 'Structure model' pdbx_initial_refinement_model 
5 5 'Structure model' struct_site                   
# 
loop_
_pdbx_audit_revision_item.ordinal 
_pdbx_audit_revision_item.revision_ordinal 
_pdbx_audit_revision_item.data_content_type 
_pdbx_audit_revision_item.item 
1 5 'Structure model' '_database_2.pdbx_DOI'                
2 5 'Structure model' '_database_2.pdbx_database_accession' 
3 5 'Structure model' '_struct_site.pdbx_auth_asym_id'      
4 5 'Structure model' '_struct_site.pdbx_auth_comp_id'      
5 5 'Structure model' '_struct_site.pdbx_auth_seq_id'       
# 
_pdbx_database_status.status_code                     REL 
_pdbx_database_status.entry_id                        1MWL 
_pdbx_database_status.recvd_initial_deposition_date   2002-09-30 
_pdbx_database_status.deposit_site                    RCSB 
_pdbx_database_status.process_site                    RCSB 
_pdbx_database_status.status_code_sf                  REL 
_pdbx_database_status.SG_entry                        . 
_pdbx_database_status.status_code_mr                  ? 
_pdbx_database_status.status_code_cs                  ? 
_pdbx_database_status.pdb_format_compatible           Y 
_pdbx_database_status.status_code_nmr_data            ? 
_pdbx_database_status.methods_development_category    ? 
# 
loop_
_pdbx_database_related.db_name 
_pdbx_database_related.db_id 
_pdbx_database_related.details 
_pdbx_database_related.content_type 
PDB 1J7T 'Complex with paromomycin' unspecified 
PDB 1LC4 'Complex with tobramycin'  unspecified 
# 
loop_
_audit_author.name 
_audit_author.pdbx_ordinal 
'Vicens, Q.'  1 
'Westhof, E.' 2 
# 
loop_
_citation.id 
_citation.title 
_citation.journal_abbrev 
_citation.journal_volume 
_citation.page_first 
_citation.page_last 
_citation.year 
_citation.journal_id_ASTM 
_citation.country 
_citation.journal_id_ISSN 
_citation.journal_id_CSD 
_citation.book_publisher 
_citation.pdbx_database_id_PubMed 
_citation.pdbx_database_id_DOI 
primary 'Crystal structure of geneticin bound to a bacterial 16S ribosomal RNA A site oligonucleotide' J.Mol.Biol. 326 1175 1188 
2003 JMOBAK UK 0022-2836 0070 ? 12589761 '10.1016/S0022-2836(02)01435-3' 
1       
;Crystal structure of a complex between the aminoglycoside tobramycin and an oligonucleotide containing the ribosomal decoding A site
;
Chem.Biol.  9   747  755  2002 CBOLE2 UK 1074-5521 2050 ? ?        '10.1016/S1074-5521(02)00153-9' 
2       'Crystal structure of paromomycin docked into the eubacterial ribosomal decoding A site' Structure   9   647  658  2001 
STRUE6 UK 0969-2126 2005 ? ?        '10.1016/S0969-2126(01)00629-3' 
# 
loop_
_citation_author.citation_id 
_citation_author.name 
_citation_author.ordinal 
_citation_author.identifier_ORCID 
primary 'Vicens, Q.'  1 ? 
primary 'Westhof, E.' 2 ? 
1       'Vicens, Q.'  3 ? 
1       'Westhof, E.' 4 ? 
2       'Vicens, Q.'  5 ? 
2       'Westhof, E.' 6 ? 
# 
loop_
_entity.id 
_entity.type 
_entity.src_method 
_entity.pdbx_description 
_entity.formula_weight 
_entity.pdbx_number_of_molecules 
_entity.pdbx_ec 
_entity.pdbx_mutation 
_entity.pdbx_fragment 
_entity.details 
1 polymer     syn "5'-R(*CP*GP*CP*GP*UP*CP*AP*CP*AP*CP*CP*GP*GP*UP*GP*AP*AP*GP*UP*CP*GP*C)-3'" 7048.259 2  ? ? ? 
;eubacterial 16S rRNA A site. 
The oligonucleotide contains two A sites.
;
2 non-polymer syn GENETICIN                                                                    496.552  2  ? ? ? ? 
3 water       nat water                                                                        18.015   40 ? ? ? ? 
# 
_entity_poly.entity_id                      1 
_entity_poly.type                           polyribonucleotide 
_entity_poly.nstd_linkage                   no 
_entity_poly.nstd_monomer                   no 
_entity_poly.pdbx_seq_one_letter_code       CGCGUCACACCGGUGAAGUCGC 
_entity_poly.pdbx_seq_one_letter_code_can   CGCGUCACACCGGUGAAGUCGC 
_entity_poly.pdbx_strand_id                 A,B 
_entity_poly.pdbx_target_identifier         ? 
# 
loop_
_pdbx_entity_nonpoly.entity_id 
_pdbx_entity_nonpoly.name 
_pdbx_entity_nonpoly.comp_id 
2 GENETICIN GET 
3 water     HOH 
# 
loop_
_entity_poly_seq.entity_id 
_entity_poly_seq.num 
_entity_poly_seq.mon_id 
_entity_poly_seq.hetero 
1 1  C n 
1 2  G n 
1 3  C n 
1 4  G n 
1 5  U n 
1 6  C n 
1 7  A n 
1 8  C n 
1 9  A n 
1 10 C n 
1 11 C n 
1 12 G n 
1 13 G n 
1 14 U n 
1 15 G n 
1 16 A n 
1 17 A n 
1 18 G n 
1 19 U n 
1 20 C n 
1 21 G n 
1 22 C n 
# 
loop_
_chem_comp.id 
_chem_comp.type 
_chem_comp.mon_nstd_flag 
_chem_comp.name 
_chem_comp.pdbx_synonyms 
_chem_comp.formula 
_chem_comp.formula_weight 
A   'RNA linking' y "ADENOSINE-5'-MONOPHOSPHATE" ?    'C10 H14 N5 O7 P' 347.221 
C   'RNA linking' y "CYTIDINE-5'-MONOPHOSPHATE"  ?    'C9 H14 N3 O8 P'  323.197 
G   'RNA linking' y "GUANOSINE-5'-MONOPHOSPHATE" ?    'C10 H14 N5 O8 P' 363.221 
GET non-polymer   . GENETICIN                    G418 'C20 H40 N4 O10'  496.552 
HOH non-polymer   . WATER                        ?    'H2 O'            18.015  
U   'RNA linking' y "URIDINE-5'-MONOPHOSPHATE"   ?    'C9 H13 N2 O9 P'  324.181 
# 
loop_
_pdbx_poly_seq_scheme.asym_id 
_pdbx_poly_seq_scheme.entity_id 
_pdbx_poly_seq_scheme.seq_id 
_pdbx_poly_seq_scheme.mon_id 
_pdbx_poly_seq_scheme.ndb_seq_num 
_pdbx_poly_seq_scheme.pdb_seq_num 
_pdbx_poly_seq_scheme.auth_seq_num 
_pdbx_poly_seq_scheme.pdb_mon_id 
_pdbx_poly_seq_scheme.auth_mon_id 
_pdbx_poly_seq_scheme.pdb_strand_id 
_pdbx_poly_seq_scheme.pdb_ins_code 
_pdbx_poly_seq_scheme.hetero 
A 1 1  C 1  1  ?  ? ? A . n 
A 1 2  G 2  2  2  G G A . n 
A 1 3  C 3  3  3  C C A . n 
A 1 4  G 4  4  4  G G A . n 
A 1 5  U 5  5  5  U U A . n 
A 1 6  C 6  6  6  C C A . n 
A 1 7  A 7  7  7  A A A . n 
A 1 8  C 8  8  8  C C A . n 
A 1 9  A 9  9  9  A A A . n 
A 1 10 C 10 10 10 C C A . n 
A 1 11 C 11 11 11 C C A . n 
A 1 12 G 12 12 12 G G A . n 
A 1 13 G 13 13 13 G G A . n 
A 1 14 U 14 14 14 U U A . n 
A 1 15 G 15 15 15 G G A . n 
A 1 16 A 16 16 16 A A A . n 
A 1 17 A 17 17 17 A A A . n 
A 1 18 G 18 18 18 G G A . n 
A 1 19 U 19 19 19 U U A . n 
A 1 20 C 20 20 20 C C A . n 
A 1 21 G 21 21 21 G G A . n 
A 1 22 C 22 22 22 C C A . n 
B 1 1  C 1  23 ?  ? ? B . n 
B 1 2  G 2  24 24 G G B . n 
B 1 3  C 3  25 25 C C B . n 
B 1 4  G 4  26 26 G G B . n 
B 1 5  U 5  27 27 U U B . n 
B 1 6  C 6  28 28 C C B . n 
B 1 7  A 7  29 29 A A B . n 
B 1 8  C 8  30 30 C C B . n 
B 1 9  A 9  31 31 A A B . n 
B 1 10 C 10 32 32 C C B . n 
B 1 11 C 11 33 33 C C B . n 
B 1 12 G 12 34 34 G G B . n 
B 1 13 G 13 35 35 G G B . n 
B 1 14 U 14 36 36 U U B . n 
B 1 15 G 15 37 37 G G B . n 
B 1 16 A 16 38 38 A A B . n 
B 1 17 A 17 39 39 A A B . n 
B 1 18 G 18 40 40 G G B . n 
B 1 19 U 19 41 41 U U B . n 
B 1 20 C 20 42 42 C C B . n 
B 1 21 G 21 43 43 G G B . n 
B 1 22 C 22 44 44 C C B . n 
# 
loop_
_pdbx_nonpoly_scheme.asym_id 
_pdbx_nonpoly_scheme.entity_id 
_pdbx_nonpoly_scheme.mon_id 
_pdbx_nonpoly_scheme.ndb_seq_num 
_pdbx_nonpoly_scheme.pdb_seq_num 
_pdbx_nonpoly_scheme.auth_seq_num 
_pdbx_nonpoly_scheme.pdb_mon_id 
_pdbx_nonpoly_scheme.auth_mon_id 
_pdbx_nonpoly_scheme.pdb_strand_id 
_pdbx_nonpoly_scheme.pdb_ins_code 
C 2 GET 1  45  45  GET GET A . 
D 2 GET 1  46  46  GET GET A . 
E 3 HOH 1  102 102 HOH HOH A . 
E 3 HOH 2  104 104 HOH HOH A . 
E 3 HOH 3  106 106 HOH HOH A . 
E 3 HOH 4  108 108 HOH HOH A . 
E 3 HOH 5  111 111 HOH HOH A . 
E 3 HOH 6  114 114 HOH HOH A . 
E 3 HOH 7  115 115 HOH HOH A . 
E 3 HOH 8  116 116 HOH HOH A . 
E 3 HOH 9  118 118 HOH HOH A . 
E 3 HOH 10 119 119 HOH HOH A . 
E 3 HOH 11 121 121 HOH HOH A . 
E 3 HOH 12 122 122 HOH HOH A . 
E 3 HOH 13 126 126 HOH HOH A . 
E 3 HOH 14 127 127 HOH HOH A . 
E 3 HOH 15 129 129 HOH HOH A . 
E 3 HOH 16 130 130 HOH HOH A . 
E 3 HOH 17 132 132 HOH HOH A . 
E 3 HOH 18 134 134 HOH HOH A . 
E 3 HOH 19 135 135 HOH HOH A . 
E 3 HOH 20 136 136 HOH HOH A . 
E 3 HOH 21 137 137 HOH HOH A . 
E 3 HOH 22 139 139 HOH HOH A . 
E 3 HOH 23 140 140 HOH HOH A . 
F 3 HOH 1  101 101 HOH HOH B . 
F 3 HOH 2  103 103 HOH HOH B . 
F 3 HOH 3  105 105 HOH HOH B . 
F 3 HOH 4  107 107 HOH HOH B . 
F 3 HOH 5  109 109 HOH HOH B . 
F 3 HOH 6  110 110 HOH HOH B . 
F 3 HOH 7  112 112 HOH HOH B . 
F 3 HOH 8  113 113 HOH HOH B . 
F 3 HOH 9  117 117 HOH HOH B . 
F 3 HOH 10 120 120 HOH HOH B . 
F 3 HOH 11 123 123 HOH HOH B . 
F 3 HOH 12 124 124 HOH HOH B . 
F 3 HOH 13 125 125 HOH HOH B . 
F 3 HOH 14 128 128 HOH HOH B . 
F 3 HOH 15 131 131 HOH HOH B . 
F 3 HOH 16 133 133 HOH HOH B . 
F 3 HOH 17 138 138 HOH HOH B . 
# 
loop_
_software.name 
_software.classification 
_software.version 
_software.citation_id 
_software.pdbx_ordinal 
DENZO     'data reduction' .   ? 1 
SCALEPACK 'data scaling'   .   ? 2 
AMoRE     phasing          .   ? 3 
CNS       refinement       1.1 ? 4 
# 
_cell.entry_id           1MWL 
_cell.length_a           46.200 
_cell.length_b           33.180 
_cell.length_c           51.740 
_cell.angle_alpha        90.00 
_cell.angle_beta         104.13 
_cell.angle_gamma        90.00 
_cell.Z_PDB              4 
_cell.pdbx_unique_axis   ? 
# 
_symmetry.entry_id                         1MWL 
_symmetry.space_group_name_H-M             'P 1 21 1' 
_symmetry.pdbx_full_space_group_name_H-M   ? 
_symmetry.cell_setting                     ? 
_symmetry.Int_Tables_number                4 
# 
_exptl.entry_id          1MWL 
_exptl.method            'X-RAY DIFFRACTION' 
_exptl.crystals_number   2 
# 
_exptl_crystal.id                    1 
_exptl_crystal.density_meas          ? 
_exptl_crystal.density_percent_sol   54.91 
_exptl_crystal.density_Matthews      2.73 
_exptl_crystal.description           ? 
# 
_exptl_crystal_grow.crystal_id      1 
_exptl_crystal_grow.method          'VAPOR DIFFUSION, HANGING DROP' 
_exptl_crystal_grow.temp            310 
_exptl_crystal_grow.temp_details    ? 
_exptl_crystal_grow.pH              6.4 
_exptl_crystal_grow.pdbx_details    
;MPD, MAGNESIUM SULPHATE, POTASSIUM CHLORIDE, SODIUM CHLORIDE, SODIUM CACODYLATE, pH 6.4, VAPOR DIFFUSION, HANGING DROP, temperature 310K
;
_exptl_crystal_grow.pdbx_pH_range   . 
# 
loop_
_diffrn.id 
_diffrn.ambient_temp 
_diffrn.ambient_temp_details 
_diffrn.crystal_id 
1 100 ? 1 
2 100 ? 1 
# 
loop_
_diffrn_detector.diffrn_id 
_diffrn_detector.detector 
_diffrn_detector.type 
_diffrn_detector.pdbx_collection_date 
_diffrn_detector.details 
1 CCD 'ADSC QUANTUM 4' 2001-11-07 ? 
2 CCD 'ADSC QUANTUM 4' 2002-03-11 ? 
# 
loop_
_diffrn_radiation.diffrn_id 
_diffrn_radiation.wavelength_id 
_diffrn_radiation.pdbx_monochromatic_or_laue_m_l 
_diffrn_radiation.monochromator 
_diffrn_radiation.pdbx_diffrn_protocol 
_diffrn_radiation.pdbx_scattering_type 
1 1 M DIAMOND              'SINGLE WAVELENGTH' x-ray 
2 1 M 'GERMANIUM, DIAMOND' 'SINGLE WAVELENGTH' x-ray 
# 
_diffrn_radiation_wavelength.id           1 
_diffrn_radiation_wavelength.wavelength   0.934 
_diffrn_radiation_wavelength.wt           1.0 
# 
loop_
_diffrn_source.diffrn_id 
_diffrn_source.source 
_diffrn_source.type 
_diffrn_source.pdbx_synchrotron_site 
_diffrn_source.pdbx_synchrotron_beamline 
_diffrn_source.pdbx_wavelength 
_diffrn_source.pdbx_wavelength_list 
1 SYNCHROTRON 'ESRF BEAMLINE ID14-4' ESRF ID14-4 ? 0.934 
2 SYNCHROTRON 'ESRF BEAMLINE ID14-1' ESRF ID14-1 ? 0.934 
# 
_reflns.entry_id                     1MWL 
_reflns.observed_criterion_sigma_I   ? 
_reflns.observed_criterion_sigma_F   ? 
_reflns.d_resolution_low             25.0 
_reflns.d_resolution_high            2.40 
_reflns.number_obs                   5466 
_reflns.number_all                   ? 
_reflns.percent_possible_obs         88.8 
_reflns.pdbx_Rmerge_I_obs            ? 
_reflns.pdbx_Rsym_value              0.062 
_reflns.pdbx_netI_over_sigmaI        39.3 
_reflns.B_iso_Wilson_estimate        65.5 
_reflns.pdbx_redundancy              4.8 
_reflns.R_free_details               ? 
_reflns.pdbx_ordinal                 1 
_reflns.pdbx_diffrn_id               1,2 
# 
_reflns_shell.d_res_high             2.4 
_reflns_shell.d_res_low              2.49 
_reflns_shell.percent_possible_all   92.8 
_reflns_shell.Rmerge_I_obs           ? 
_reflns_shell.pdbx_Rsym_value        0.211 
_reflns_shell.meanI_over_sigI_obs    6.7 
_reflns_shell.pdbx_redundancy        ? 
_reflns_shell.percent_possible_obs   ? 
_reflns_shell.number_unique_all      566 
_reflns_shell.pdbx_ordinal           1 
_reflns_shell.pdbx_diffrn_id         1,2 
# 
_refine.entry_id                                 1MWL 
_refine.ls_number_reflns_obs                     5334 
_refine.ls_number_reflns_all                     ? 
_refine.pdbx_ls_sigma_I                          ? 
_refine.pdbx_ls_sigma_F                          1.5 
_refine.pdbx_data_cutoff_high_absF               ? 
_refine.pdbx_data_cutoff_low_absF                ? 
_refine.ls_d_res_low                             22.61 
_refine.ls_d_res_high                            2.40 
_refine.ls_percent_reflns_obs                    86.8 
_refine.ls_R_factor_obs                          0.224 
_refine.ls_R_factor_all                          ? 
_refine.ls_R_factor_R_work                       0.224 
_refine.ls_R_factor_R_free                       0.249 
_refine.ls_R_factor_R_free_error                 0.014 
_refine.ls_R_factor_R_free_error_details         ? 
_refine.ls_percent_reflns_R_free                 5.5 
_refine.ls_number_reflns_R_free                  296 
_refine.ls_number_parameters                     ? 
_refine.ls_number_restraints                     ? 
_refine.occupancy_min                            ? 
_refine.occupancy_max                            ? 
_refine.correlation_coeff_Fo_to_Fc               ? 
_refine.correlation_coeff_Fo_to_Fc_free          ? 
_refine.B_iso_mean                               57.4 
_refine.aniso_B[1][1]                            0.00 
_refine.aniso_B[2][2]                            0.00 
_refine.aniso_B[3][3]                            0.00 
_refine.aniso_B[1][2]                            0.00 
_refine.aniso_B[1][3]                            0.00 
_refine.aniso_B[2][3]                            0.00 
_refine.solvent_model_details                    'FLAT MODEL' 
_refine.solvent_model_param_ksol                 0.314673 
_refine.solvent_model_param_bsol                 36.9452 
_refine.pdbx_solvent_vdw_probe_radii             ? 
_refine.pdbx_solvent_ion_probe_radii             ? 
_refine.pdbx_solvent_shrinkage_radii             ? 
_refine.pdbx_ls_cross_valid_method               THROUGHOUT 
_refine.details                                  ? 
_refine.pdbx_starting_model                      'PDB ENTRY 1LC4 (RNA ONLY)' 
_refine.pdbx_method_to_determine_struct          'MOLECULAR REPLACEMENT' 
_refine.pdbx_isotropic_thermal_model             RESTRAINED 
_refine.pdbx_stereochemistry_target_values       
;G. Parkinson, J. Vojtechovsky, L. Clowney, A.T. Brunger, H.M. Berman, New parameters for the refinement of nucleic acid containing structures, Acta Cryst, D, 52, 57-64 (1996)
;
_refine.pdbx_stereochem_target_val_spec_case     ? 
_refine.pdbx_R_Free_selection_details            RANDOM 
_refine.pdbx_overall_ESU_R_Free                  ? 
_refine.overall_SU_B                             ? 
_refine.ls_redundancy_reflns_obs                 ? 
_refine.overall_SU_R_Cruickshank_DPI             ? 
_refine.overall_SU_R_free                        ? 
_refine.overall_SU_ML                            ? 
_refine.pdbx_overall_ESU_R                       ? 
_refine.pdbx_data_cutoff_high_rms_absF           ? 
_refine.pdbx_refine_id                           'X-RAY DIFFRACTION' 
_refine.pdbx_diffrn_id                           1,2 
_refine.pdbx_TLS_residual_ADP_flag               ? 
_refine.pdbx_overall_phase_error                 ? 
_refine.pdbx_overall_SU_R_free_Cruickshank_DPI   ? 
_refine.pdbx_overall_SU_R_Blow_DPI               ? 
_refine.pdbx_overall_SU_R_free_Blow_DPI          ? 
# 
_refine_analyze.entry_id                        1MWL 
_refine_analyze.Luzzati_coordinate_error_obs    ? 
_refine_analyze.Luzzati_sigma_a_obs             ? 
_refine_analyze.Luzzati_d_res_low_obs           ? 
_refine_analyze.Luzzati_coordinate_error_free   0.39 
_refine_analyze.Luzzati_sigma_a_free            0.45 
_refine_analyze.Luzzati_d_res_low_free          ? 
_refine_analyze.number_disordered_residues      ? 
_refine_analyze.occupancy_sum_hydrogen          ? 
_refine_analyze.occupancy_sum_non_hydrogen      ? 
_refine_analyze.pdbx_refine_id                  'X-RAY DIFFRACTION' 
# 
_refine_hist.pdbx_refine_id                   'X-RAY DIFFRACTION' 
_refine_hist.cycle_id                         LAST 
_refine_hist.pdbx_number_atoms_protein        0 
_refine_hist.pdbx_number_atoms_nucleic_acid   898 
_refine_hist.pdbx_number_atoms_ligand         68 
_refine_hist.number_atoms_solvent             40 
_refine_hist.number_atoms_total               1006 
_refine_hist.d_res_high                       2.40 
_refine_hist.d_res_low                        22.61 
# 
loop_
_refine_ls_restr.type 
_refine_ls_restr.dev_ideal 
_refine_ls_restr.dev_ideal_target 
_refine_ls_restr.weight 
_refine_ls_restr.number 
_refine_ls_restr.pdbx_refine_id 
_refine_ls_restr.pdbx_restraint_function 
c_bond_d                0.007 ? ? ? 'X-RAY DIFFRACTION' ? 
c_bond_d_na             ?     ? ? ? 'X-RAY DIFFRACTION' ? 
c_bond_d_prot           ?     ? ? ? 'X-RAY DIFFRACTION' ? 
c_angle_d               ?     ? ? ? 'X-RAY DIFFRACTION' ? 
c_angle_d_na            ?     ? ? ? 'X-RAY DIFFRACTION' ? 
c_angle_d_prot          ?     ? ? ? 'X-RAY DIFFRACTION' ? 
c_angle_deg             1.2   ? ? ? 'X-RAY DIFFRACTION' ? 
c_angle_deg_na          ?     ? ? ? 'X-RAY DIFFRACTION' ? 
c_angle_deg_prot        ?     ? ? ? 'X-RAY DIFFRACTION' ? 
c_dihedral_angle_d      10.6  ? ? ? 'X-RAY DIFFRACTION' ? 
c_dihedral_angle_d_na   ?     ? ? ? 'X-RAY DIFFRACTION' ? 
c_dihedral_angle_d_prot ?     ? ? ? 'X-RAY DIFFRACTION' ? 
c_improper_angle_d      0.74  ? ? ? 'X-RAY DIFFRACTION' ? 
c_improper_angle_d_na   ?     ? ? ? 'X-RAY DIFFRACTION' ? 
c_improper_angle_d_prot ?     ? ? ? 'X-RAY DIFFRACTION' ? 
c_mcbond_it             ?     ? ? ? 'X-RAY DIFFRACTION' ? 
c_mcangle_it            ?     ? ? ? 'X-RAY DIFFRACTION' ? 
c_scbond_it             ?     ? ? ? 'X-RAY DIFFRACTION' ? 
c_scangle_it            ?     ? ? ? 'X-RAY DIFFRACTION' ? 
# 
_refine_ls_shell.pdbx_total_number_of_bins_used   10 
_refine_ls_shell.d_res_high                       2.4 
_refine_ls_shell.d_res_low                        2.49 
_refine_ls_shell.number_reflns_R_work             479 
_refine_ls_shell.R_factor_R_work                  0.386 
_refine_ls_shell.percent_reflns_obs               82.4 
_refine_ls_shell.R_factor_R_free                  0.556 
_refine_ls_shell.R_factor_R_free_error            0.119 
_refine_ls_shell.percent_reflns_R_free            4.4 
_refine_ls_shell.number_reflns_R_free             22 
_refine_ls_shell.redundancy_reflns_obs            ? 
_refine_ls_shell.pdbx_refine_id                   'X-RAY DIFFRACTION' 
_refine_ls_shell.number_reflns_all                ? 
_refine_ls_shell.R_factor_all                     ? 
# 
loop_
_pdbx_xplor_file.serial_no 
_pdbx_xplor_file.param_file 
_pdbx_xplor_file.topol_file 
_pdbx_xplor_file.pdbx_refine_id 
1 DNA-RNA_REP-MODIF.PARAM DNA-RNA.TOP   'X-RAY DIFFRACTION' 
2 WATER_REP.PARAM         WATER.TOP     'X-RAY DIFFRACTION' 
3 GENETICIN.PARAM         GENETICIN.TOP 'X-RAY DIFFRACTION' 
# 
_struct.entry_id                  1MWL 
_struct.title                     'Crystal structure of geneticin bound to the eubacterial 16S rRNA A site' 
_struct.pdbx_model_details        ? 
_struct.pdbx_CASP_flag            ? 
_struct.pdbx_model_type_details   ? 
# 
_struct_keywords.entry_id        1MWL 
_struct_keywords.pdbx_keywords   RNA 
_struct_keywords.text            
'AMINOGLYCOSIDE ANTIBIOTIC, GENETICIN-A-SITE COMPLEX, 16S RIBOSOMAL RNA, Bulged adenines, UoU pairs, RNA' 
# 
loop_
_struct_asym.id 
_struct_asym.pdbx_blank_PDB_chainid_flag 
_struct_asym.pdbx_modified 
_struct_asym.entity_id 
_struct_asym.details 
A N N 1 ? 
B N N 1 ? 
C N N 2 ? 
D N N 2 ? 
E N N 3 ? 
F N N 3 ? 
# 
_struct_ref.id                         1 
_struct_ref.entity_id                  1 
_struct_ref.db_name                    PDB 
_struct_ref.db_code                    1MWL 
_struct_ref.pdbx_db_accession          1MWL 
_struct_ref.pdbx_db_isoform            ? 
_struct_ref.pdbx_seq_one_letter_code   ? 
_struct_ref.pdbx_align_begin           ? 
# 
loop_
_struct_ref_seq.align_id 
_struct_ref_seq.ref_id 
_struct_ref_seq.pdbx_PDB_id_code 
_struct_ref_seq.pdbx_strand_id 
_struct_ref_seq.seq_align_beg 
_struct_ref_seq.pdbx_seq_align_beg_ins_code 
_struct_ref_seq.seq_align_end 
_struct_ref_seq.pdbx_seq_align_end_ins_code 
_struct_ref_seq.pdbx_db_accession 
_struct_ref_seq.db_align_beg 
_struct_ref_seq.pdbx_db_align_beg_ins_code 
_struct_ref_seq.db_align_end 
_struct_ref_seq.pdbx_db_align_end_ins_code 
_struct_ref_seq.pdbx_auth_seq_align_beg 
_struct_ref_seq.pdbx_auth_seq_align_end 
1 1 1MWL A 1 ? 22 ? 1MWL 1  ? 22 ? 1  22 
2 1 1MWL B 1 ? 22 ? 1MWL 23 ? 44 ? 23 44 
# 
_pdbx_struct_assembly.id                   1 
_pdbx_struct_assembly.details              author_defined_assembly 
_pdbx_struct_assembly.method_details       ? 
_pdbx_struct_assembly.oligomeric_details   dimeric 
_pdbx_struct_assembly.oligomeric_count     2 
# 
_pdbx_struct_assembly_gen.assembly_id       1 
_pdbx_struct_assembly_gen.oper_expression   1 
_pdbx_struct_assembly_gen.asym_id_list      A,B,C,D,E,F 
# 
_pdbx_struct_oper_list.id                   1 
_pdbx_struct_oper_list.type                 'identity operation' 
_pdbx_struct_oper_list.name                 1_555 
_pdbx_struct_oper_list.symmetry_operation   x,y,z 
_pdbx_struct_oper_list.matrix[1][1]         1.0000000000 
_pdbx_struct_oper_list.matrix[1][2]         0.0000000000 
_pdbx_struct_oper_list.matrix[1][3]         0.0000000000 
_pdbx_struct_oper_list.vector[1]            0.0000000000 
_pdbx_struct_oper_list.matrix[2][1]         0.0000000000 
_pdbx_struct_oper_list.matrix[2][2]         1.0000000000 
_pdbx_struct_oper_list.matrix[2][3]         0.0000000000 
_pdbx_struct_oper_list.vector[2]            0.0000000000 
_pdbx_struct_oper_list.matrix[3][1]         0.0000000000 
_pdbx_struct_oper_list.matrix[3][2]         0.0000000000 
_pdbx_struct_oper_list.matrix[3][3]         1.0000000000 
_pdbx_struct_oper_list.vector[3]            0.0000000000 
# 
_struct_biol.id                    1 
_struct_biol.pdbx_parent_biol_id   ? 
_struct_biol.details               ? 
# 
loop_
_struct_conn.id 
_struct_conn.conn_type_id 
_struct_conn.pdbx_leaving_atom_flag 
_struct_conn.pdbx_PDB_id 
_struct_conn.ptnr1_label_asym_id 
_struct_conn.ptnr1_label_comp_id 
_struct_conn.ptnr1_label_seq_id 
_struct_conn.ptnr1_label_atom_id 
_struct_conn.pdbx_ptnr1_label_alt_id 
_struct_conn.pdbx_ptnr1_PDB_ins_code 
_struct_conn.pdbx_ptnr1_standard_comp_id 
_struct_conn.ptnr1_symmetry 
_struct_conn.ptnr2_label_asym_id 
_struct_conn.ptnr2_label_comp_id 
_struct_conn.ptnr2_label_seq_id 
_struct_conn.ptnr2_label_atom_id 
_struct_conn.pdbx_ptnr2_label_alt_id 
_struct_conn.pdbx_ptnr2_PDB_ins_code 
_struct_conn.ptnr1_auth_asym_id 
_struct_conn.ptnr1_auth_comp_id 
_struct_conn.ptnr1_auth_seq_id 
_struct_conn.ptnr2_auth_asym_id 
_struct_conn.ptnr2_auth_comp_id 
_struct_conn.ptnr2_auth_seq_id 
_struct_conn.ptnr2_symmetry 
_struct_conn.pdbx_ptnr3_label_atom_id 
_struct_conn.pdbx_ptnr3_label_seq_id 
_struct_conn.pdbx_ptnr3_label_comp_id 
_struct_conn.pdbx_ptnr3_label_asym_id 
_struct_conn.pdbx_ptnr3_label_alt_id 
_struct_conn.pdbx_ptnr3_PDB_ins_code 
_struct_conn.details 
_struct_conn.pdbx_dist_value 
_struct_conn.pdbx_value_order 
_struct_conn.pdbx_role 
hydrog1  hydrog ? ? A G 2  N1 ? ? ? 1_555 B C 22 N3 ? ? A G 2  B C 44 1_555 ? ? ? ? ? ? WATSON-CRICK  ? ? ? 
hydrog2  hydrog ? ? A G 2  N2 ? ? ? 1_555 B C 22 O2 ? ? A G 2  B C 44 1_555 ? ? ? ? ? ? WATSON-CRICK  ? ? ? 
hydrog3  hydrog ? ? A G 2  O6 ? ? ? 1_555 B C 22 N4 ? ? A G 2  B C 44 1_555 ? ? ? ? ? ? WATSON-CRICK  ? ? ? 
hydrog4  hydrog ? ? A C 3  N3 ? ? ? 1_555 B G 21 N1 ? ? A C 3  B G 43 1_555 ? ? ? ? ? ? WATSON-CRICK  ? ? ? 
hydrog5  hydrog ? ? A C 3  N4 ? ? ? 1_555 B G 21 O6 ? ? A C 3  B G 43 1_555 ? ? ? ? ? ? WATSON-CRICK  ? ? ? 
hydrog6  hydrog ? ? A C 3  O2 ? ? ? 1_555 B G 21 N2 ? ? A C 3  B G 43 1_555 ? ? ? ? ? ? WATSON-CRICK  ? ? ? 
hydrog7  hydrog ? ? A G 4  N1 ? ? ? 1_555 B C 20 N3 ? ? A G 4  B C 42 1_555 ? ? ? ? ? ? WATSON-CRICK  ? ? ? 
hydrog8  hydrog ? ? A G 4  N2 ? ? ? 1_555 B C 20 O2 ? ? A G 4  B C 42 1_555 ? ? ? ? ? ? WATSON-CRICK  ? ? ? 
hydrog9  hydrog ? ? A G 4  O6 ? ? ? 1_555 B C 20 N4 ? ? A G 4  B C 42 1_555 ? ? ? ? ? ? WATSON-CRICK  ? ? ? 
hydrog10 hydrog ? ? A U 5  O4 ? ? ? 1_555 B U 19 N3 ? ? A U 5  B U 41 1_555 ? ? ? ? ? ? 'U-U MISPAIR' ? ? ? 
hydrog11 hydrog ? ? A C 6  N3 ? ? ? 1_555 B G 18 N1 ? ? A C 6  B G 40 1_555 ? ? ? ? ? ? WATSON-CRICK  ? ? ? 
hydrog12 hydrog ? ? A C 6  N4 ? ? ? 1_555 B G 18 O6 ? ? A C 6  B G 40 1_555 ? ? ? ? ? ? WATSON-CRICK  ? ? ? 
hydrog13 hydrog ? ? A C 6  O2 ? ? ? 1_555 B G 18 N2 ? ? A C 6  B G 40 1_555 ? ? ? ? ? ? WATSON-CRICK  ? ? ? 
hydrog14 hydrog ? ? A C 8  N3 ? ? ? 1_555 B G 15 N1 ? ? A C 8  B G 37 1_555 ? ? ? ? ? ? WATSON-CRICK  ? ? ? 
hydrog15 hydrog ? ? A C 8  N4 ? ? ? 1_555 B G 15 O6 ? ? A C 8  B G 37 1_555 ? ? ? ? ? ? WATSON-CRICK  ? ? ? 
hydrog16 hydrog ? ? A C 8  O2 ? ? ? 1_555 B G 15 N2 ? ? A C 8  B G 37 1_555 ? ? ? ? ? ? WATSON-CRICK  ? ? ? 
hydrog17 hydrog ? ? A A 9  N1 ? ? ? 1_555 B U 14 N3 ? ? A A 9  B U 36 1_555 ? ? ? ? ? ? WATSON-CRICK  ? ? ? 
hydrog18 hydrog ? ? A A 9  N6 ? ? ? 1_555 B U 14 O4 ? ? A A 9  B U 36 1_555 ? ? ? ? ? ? WATSON-CRICK  ? ? ? 
hydrog19 hydrog ? ? A C 10 N3 ? ? ? 1_555 B G 13 N1 ? ? A C 10 B G 35 1_555 ? ? ? ? ? ? WATSON-CRICK  ? ? ? 
hydrog20 hydrog ? ? A C 10 N4 ? ? ? 1_555 B G 13 O6 ? ? A C 10 B G 35 1_555 ? ? ? ? ? ? WATSON-CRICK  ? ? ? 
hydrog21 hydrog ? ? A C 10 O2 ? ? ? 1_555 B G 13 N2 ? ? A C 10 B G 35 1_555 ? ? ? ? ? ? WATSON-CRICK  ? ? ? 
hydrog22 hydrog ? ? A C 11 N3 ? ? ? 1_555 B G 12 N1 ? ? A C 11 B G 34 1_555 ? ? ? ? ? ? WATSON-CRICK  ? ? ? 
hydrog23 hydrog ? ? A C 11 N4 ? ? ? 1_555 B G 12 O6 ? ? A C 11 B G 34 1_555 ? ? ? ? ? ? WATSON-CRICK  ? ? ? 
hydrog24 hydrog ? ? A C 11 O2 ? ? ? 1_555 B G 12 N2 ? ? A C 11 B G 34 1_555 ? ? ? ? ? ? WATSON-CRICK  ? ? ? 
hydrog25 hydrog ? ? A G 12 N1 ? ? ? 1_555 B C 11 N3 ? ? A G 12 B C 33 1_555 ? ? ? ? ? ? WATSON-CRICK  ? ? ? 
hydrog26 hydrog ? ? A G 12 N2 ? ? ? 1_555 B C 11 O2 ? ? A G 12 B C 33 1_555 ? ? ? ? ? ? WATSON-CRICK  ? ? ? 
hydrog27 hydrog ? ? A G 12 O6 ? ? ? 1_555 B C 11 N4 ? ? A G 12 B C 33 1_555 ? ? ? ? ? ? WATSON-CRICK  ? ? ? 
hydrog28 hydrog ? ? A G 13 N1 ? ? ? 1_555 B C 10 N3 ? ? A G 13 B C 32 1_555 ? ? ? ? ? ? WATSON-CRICK  ? ? ? 
hydrog29 hydrog ? ? A G 13 N2 ? ? ? 1_555 B C 10 O2 ? ? A G 13 B C 32 1_555 ? ? ? ? ? ? WATSON-CRICK  ? ? ? 
hydrog30 hydrog ? ? A G 13 O6 ? ? ? 1_555 B C 10 N4 ? ? A G 13 B C 32 1_555 ? ? ? ? ? ? WATSON-CRICK  ? ? ? 
hydrog31 hydrog ? ? A U 14 N3 ? ? ? 1_555 B A 9  N1 ? ? A U 14 B A 31 1_555 ? ? ? ? ? ? WATSON-CRICK  ? ? ? 
hydrog32 hydrog ? ? A U 14 O4 ? ? ? 1_555 B A 9  N6 ? ? A U 14 B A 31 1_555 ? ? ? ? ? ? WATSON-CRICK  ? ? ? 
hydrog33 hydrog ? ? A G 15 N1 ? ? ? 1_555 B C 8  N3 ? ? A G 15 B C 30 1_555 ? ? ? ? ? ? WATSON-CRICK  ? ? ? 
hydrog34 hydrog ? ? A G 15 N2 ? ? ? 1_555 B C 8  O2 ? ? A G 15 B C 30 1_555 ? ? ? ? ? ? WATSON-CRICK  ? ? ? 
hydrog35 hydrog ? ? A G 15 O6 ? ? ? 1_555 B C 8  N4 ? ? A G 15 B C 30 1_555 ? ? ? ? ? ? WATSON-CRICK  ? ? ? 
hydrog36 hydrog ? ? A G 18 N1 A ? ? 1_555 B C 6  N3 ? ? A G 18 B C 28 1_555 ? ? ? ? ? ? WATSON-CRICK  ? ? ? 
hydrog37 hydrog ? ? A G 18 N2 A ? ? 1_555 B C 6  O2 ? ? A G 18 B C 28 1_555 ? ? ? ? ? ? WATSON-CRICK  ? ? ? 
hydrog38 hydrog ? ? A G 18 O6 A ? ? 1_555 B C 6  N4 ? ? A G 18 B C 28 1_555 ? ? ? ? ? ? WATSON-CRICK  ? ? ? 
hydrog39 hydrog ? ? A U 19 N3 ? ? ? 1_555 B U 5  O4 ? ? A U 19 B U 27 1_555 ? ? ? ? ? ? 'U-U MISPAIR' ? ? ? 
hydrog40 hydrog ? ? A C 20 N3 ? ? ? 1_555 B G 4  N1 ? ? A C 20 B G 26 1_555 ? ? ? ? ? ? WATSON-CRICK  ? ? ? 
hydrog41 hydrog ? ? A C 20 N4 ? ? ? 1_555 B G 4  O6 ? ? A C 20 B G 26 1_555 ? ? ? ? ? ? WATSON-CRICK  ? ? ? 
hydrog42 hydrog ? ? A C 20 O2 ? ? ? 1_555 B G 4  N2 ? ? A C 20 B G 26 1_555 ? ? ? ? ? ? WATSON-CRICK  ? ? ? 
hydrog43 hydrog ? ? A G 21 N1 ? ? ? 1_555 B C 3  N3 ? ? A G 21 B C 25 1_555 ? ? ? ? ? ? WATSON-CRICK  ? ? ? 
hydrog44 hydrog ? ? A G 21 N2 ? ? ? 1_555 B C 3  O2 ? ? A G 21 B C 25 1_555 ? ? ? ? ? ? WATSON-CRICK  ? ? ? 
hydrog45 hydrog ? ? A G 21 O6 ? ? ? 1_555 B C 3  N4 ? ? A G 21 B C 25 1_555 ? ? ? ? ? ? WATSON-CRICK  ? ? ? 
hydrog46 hydrog ? ? A C 22 N3 ? ? ? 1_555 B G 2  N1 ? ? A C 22 B G 24 1_555 ? ? ? ? ? ? WATSON-CRICK  ? ? ? 
hydrog47 hydrog ? ? A C 22 N4 ? ? ? 1_555 B G 2  O6 ? ? A C 22 B G 24 1_555 ? ? ? ? ? ? WATSON-CRICK  ? ? ? 
hydrog48 hydrog ? ? A C 22 O2 ? ? ? 1_555 B G 2  N2 ? ? A C 22 B G 24 1_555 ? ? ? ? ? ? WATSON-CRICK  ? ? ? 
# 
_struct_conn_type.id          hydrog 
_struct_conn_type.criteria    ? 
_struct_conn_type.reference   ? 
# 
loop_
_struct_site.id 
_struct_site.pdbx_evidence_code 
_struct_site.pdbx_auth_asym_id 
_struct_site.pdbx_auth_comp_id 
_struct_site.pdbx_auth_seq_id 
_struct_site.pdbx_auth_ins_code 
_struct_site.pdbx_num_residues 
_struct_site.details 
AC1 Software A GET 45 ? 13 'BINDING SITE FOR RESIDUE GET A 45' 
AC2 Software A GET 46 ? 12 'BINDING SITE FOR RESIDUE GET A 46' 
1   ?        ? ?   ?  ? ?  ?                                   
# 
loop_
_struct_site_gen.id 
_struct_site_gen.site_id 
_struct_site_gen.pdbx_num_res 
_struct_site_gen.label_comp_id 
_struct_site_gen.label_asym_id 
_struct_site_gen.label_seq_id 
_struct_site_gen.pdbx_auth_ins_code 
_struct_site_gen.auth_comp_id 
_struct_site_gen.auth_asym_id 
_struct_site_gen.auth_seq_id 
_struct_site_gen.label_atom_id 
_struct_site_gen.label_alt_id 
_struct_site_gen.symmetry 
_struct_site_gen.details 
1  AC1 13 G   A 15 ? G   A 15  . ? 1_555 ? 
2  AC1 13 A   A 16 ? A   A 16  . ? 1_555 ? 
3  AC1 13 A   A 17 ? A   A 17  . ? 1_555 ? 
4  AC1 13 G   A 18 ? G   A 18  . ? 1_555 ? 
5  AC1 13 U   A 19 ? U   A 19  . ? 1_555 ? 
6  AC1 13 HOH E .  ? HOH A 119 . ? 1_555 ? 
7  AC1 13 HOH E .  ? HOH A 134 . ? 1_555 ? 
8  AC1 13 C   B 3  ? C   B 25  . ? 1_555 ? 
9  AC1 13 G   B 4  ? G   B 26  . ? 1_555 ? 
10 AC1 13 U   B 5  ? U   B 27  . ? 1_555 ? 
11 AC1 13 C   B 6  ? C   B 28  . ? 1_555 ? 
12 AC1 13 A   B 7  ? A   B 29  . ? 1_555 ? 
13 AC1 13 C   B 8  ? C   B 30  . ? 1_555 ? 
14 AC2 12 G   A 4  ? G   A 4   . ? 1_555 ? 
15 AC2 12 U   A 5  ? U   A 5   . ? 1_555 ? 
16 AC2 12 C   A 6  ? C   A 6   . ? 1_555 ? 
17 AC2 12 A   A 7  ? A   A 7   . ? 1_555 ? 
18 AC2 12 C   A 8  ? C   A 8   . ? 1_555 ? 
19 AC2 12 HOH E .  ? HOH A 111 . ? 1_555 ? 
20 AC2 12 HOH E .  ? HOH A 118 . ? 1_555 ? 
21 AC2 12 G   B 15 ? G   B 37  . ? 1_555 ? 
22 AC2 12 A   B 16 ? A   B 38  . ? 1_555 ? 
23 AC2 12 A   B 17 ? A   B 39  . ? 1_555 ? 
24 AC2 12 G   B 18 ? G   B 40  . ? 1_555 ? 
25 AC2 12 U   B 19 ? U   B 41  . ? 1_555 ? 
# 
_struct_site_keywords.site_id   1 
_struct_site_keywords.text      INTERCALATION 
# 
loop_
_pdbx_unobs_or_zero_occ_residues.id 
_pdbx_unobs_or_zero_occ_residues.PDB_model_num 
_pdbx_unobs_or_zero_occ_residues.polymer_flag 
_pdbx_unobs_or_zero_occ_residues.occupancy_flag 
_pdbx_unobs_or_zero_occ_residues.auth_asym_id 
_pdbx_unobs_or_zero_occ_residues.auth_comp_id 
_pdbx_unobs_or_zero_occ_residues.auth_seq_id 
_pdbx_unobs_or_zero_occ_residues.PDB_ins_code 
_pdbx_unobs_or_zero_occ_residues.label_asym_id 
_pdbx_unobs_or_zero_occ_residues.label_comp_id 
_pdbx_unobs_or_zero_occ_residues.label_seq_id 
1 1 Y 1 A C 1  ? A C 1 
2 1 Y 1 B C 23 ? B C 1 
# 
loop_
_chem_comp_atom.comp_id 
_chem_comp_atom.atom_id 
_chem_comp_atom.type_symbol 
_chem_comp_atom.pdbx_aromatic_flag 
_chem_comp_atom.pdbx_stereo_config 
_chem_comp_atom.pdbx_ordinal 
A   OP3    O N N 1   
A   P      P N N 2   
A   OP1    O N N 3   
A   OP2    O N N 4   
A   "O5'"  O N N 5   
A   "C5'"  C N N 6   
A   "C4'"  C N R 7   
A   "O4'"  O N N 8   
A   "C3'"  C N S 9   
A   "O3'"  O N N 10  
A   "C2'"  C N R 11  
A   "O2'"  O N N 12  
A   "C1'"  C N R 13  
A   N9     N Y N 14  
A   C8     C Y N 15  
A   N7     N Y N 16  
A   C5     C Y N 17  
A   C6     C Y N 18  
A   N6     N N N 19  
A   N1     N Y N 20  
A   C2     C Y N 21  
A   N3     N Y N 22  
A   C4     C Y N 23  
A   HOP3   H N N 24  
A   HOP2   H N N 25  
A   "H5'"  H N N 26  
A   "H5''" H N N 27  
A   "H4'"  H N N 28  
A   "H3'"  H N N 29  
A   "HO3'" H N N 30  
A   "H2'"  H N N 31  
A   "HO2'" H N N 32  
A   "H1'"  H N N 33  
A   H8     H N N 34  
A   H61    H N N 35  
A   H62    H N N 36  
A   H2     H N N 37  
C   OP3    O N N 38  
C   P      P N N 39  
C   OP1    O N N 40  
C   OP2    O N N 41  
C   "O5'"  O N N 42  
C   "C5'"  C N N 43  
C   "C4'"  C N R 44  
C   "O4'"  O N N 45  
C   "C3'"  C N S 46  
C   "O3'"  O N N 47  
C   "C2'"  C N R 48  
C   "O2'"  O N N 49  
C   "C1'"  C N R 50  
C   N1     N N N 51  
C   C2     C N N 52  
C   O2     O N N 53  
C   N3     N N N 54  
C   C4     C N N 55  
C   N4     N N N 56  
C   C5     C N N 57  
C   C6     C N N 58  
C   HOP3   H N N 59  
C   HOP2   H N N 60  
C   "H5'"  H N N 61  
C   "H5''" H N N 62  
C   "H4'"  H N N 63  
C   "H3'"  H N N 64  
C   "HO3'" H N N 65  
C   "H2'"  H N N 66  
C   "HO2'" H N N 67  
C   "H1'"  H N N 68  
C   H41    H N N 69  
C   H42    H N N 70  
C   H5     H N N 71  
C   H6     H N N 72  
G   OP3    O N N 73  
G   P      P N N 74  
G   OP1    O N N 75  
G   OP2    O N N 76  
G   "O5'"  O N N 77  
G   "C5'"  C N N 78  
G   "C4'"  C N R 79  
G   "O4'"  O N N 80  
G   "C3'"  C N S 81  
G   "O3'"  O N N 82  
G   "C2'"  C N R 83  
G   "O2'"  O N N 84  
G   "C1'"  C N R 85  
G   N9     N Y N 86  
G   C8     C Y N 87  
G   N7     N Y N 88  
G   C5     C Y N 89  
G   C6     C N N 90  
G   O6     O N N 91  
G   N1     N N N 92  
G   C2     C N N 93  
G   N2     N N N 94  
G   N3     N N N 95  
G   C4     C Y N 96  
G   HOP3   H N N 97  
G   HOP2   H N N 98  
G   "H5'"  H N N 99  
G   "H5''" H N N 100 
G   "H4'"  H N N 101 
G   "H3'"  H N N 102 
G   "HO3'" H N N 103 
G   "H2'"  H N N 104 
G   "HO2'" H N N 105 
G   "H1'"  H N N 106 
G   H8     H N N 107 
G   H1     H N N 108 
G   H21    H N N 109 
G   H22    H N N 110 
GET C11    C N S 111 
GET O11    O N N 112 
GET C21    C N R 113 
GET N21    N N N 114 
GET C31    C N R 115 
GET O31    O N N 116 
GET C41    C N S 117 
GET O41    O N N 118 
GET C51    C N R 119 
GET O51    O N N 120 
GET C61    C N R 121 
GET O61    O N N 122 
GET C71    C N N 123 
GET C12    C N R 124 
GET N12    N N N 125 
GET C22    C N N 126 
GET C32    C N S 127 
GET N32    N N N 128 
GET C42    C N R 129 
GET C52    C N S 130 
GET O52    O N N 131 
GET C62    C N S 132 
GET O62    O N N 133 
GET C13    C N R 134 
GET C23    C N R 135 
GET O23    O N N 136 
GET C33    C N R 137 
GET N33    N N N 138 
GET C93    C N N 139 
GET C43    C N R 140 
GET O43    O N N 141 
GET C83    C N N 142 
GET C53    C N N 143 
GET O53    O N N 144 
GET H111   H N N 145 
GET H21    H N N 146 
GET H211   H N N 147 
GET H212   H N N 148 
GET H311   H N N 149 
GET H31    H N N 150 
GET H411   H N N 151 
GET H41    H N N 152 
GET H511   H N N 153 
GET H611   H N N 154 
GET H61    H N N 155 
GET H711   H N N 156 
GET H712   H N N 157 
GET H713   H N N 158 
GET H12    H N N 159 
GET H121   H N N 160 
GET H122   H N N 161 
GET H221   H N N 162 
GET H222   H N N 163 
GET H32    H N N 164 
GET H321   H N N 165 
GET H322   H N N 166 
GET H421   H N N 167 
GET H521   H N N 168 
GET H52    H N N 169 
GET H621   H N N 170 
GET H131   H N N 171 
GET H231   H N N 172 
GET H23    H N N 173 
GET H331   H N N 174 
GET H33    H N N 175 
GET H931   H N N 176 
GET H932   H N N 177 
GET H933   H N N 178 
GET H43    H N N 179 
GET H831   H N N 180 
GET H832   H N N 181 
GET H833   H N N 182 
GET H531   H N N 183 
GET H532   H N N 184 
HOH O      O N N 185 
HOH H1     H N N 186 
HOH H2     H N N 187 
U   OP3    O N N 188 
U   P      P N N 189 
U   OP1    O N N 190 
U   OP2    O N N 191 
U   "O5'"  O N N 192 
U   "C5'"  C N N 193 
U   "C4'"  C N R 194 
U   "O4'"  O N N 195 
U   "C3'"  C N S 196 
U   "O3'"  O N N 197 
U   "C2'"  C N R 198 
U   "O2'"  O N N 199 
U   "C1'"  C N R 200 
U   N1     N N N 201 
U   C2     C N N 202 
U   O2     O N N 203 
U   N3     N N N 204 
U   C4     C N N 205 
U   O4     O N N 206 
U   C5     C N N 207 
U   C6     C N N 208 
U   HOP3   H N N 209 
U   HOP2   H N N 210 
U   "H5'"  H N N 211 
U   "H5''" H N N 212 
U   "H4'"  H N N 213 
U   "H3'"  H N N 214 
U   "HO3'" H N N 215 
U   "H2'"  H N N 216 
U   "HO2'" H N N 217 
U   "H1'"  H N N 218 
U   H3     H N N 219 
U   H5     H N N 220 
U   H6     H N N 221 
# 
loop_
_chem_comp_bond.comp_id 
_chem_comp_bond.atom_id_1 
_chem_comp_bond.atom_id_2 
_chem_comp_bond.value_order 
_chem_comp_bond.pdbx_aromatic_flag 
_chem_comp_bond.pdbx_stereo_config 
_chem_comp_bond.pdbx_ordinal 
A   OP3   P      sing N N 1   
A   OP3   HOP3   sing N N 2   
A   P     OP1    doub N N 3   
A   P     OP2    sing N N 4   
A   P     "O5'"  sing N N 5   
A   OP2   HOP2   sing N N 6   
A   "O5'" "C5'"  sing N N 7   
A   "C5'" "C4'"  sing N N 8   
A   "C5'" "H5'"  sing N N 9   
A   "C5'" "H5''" sing N N 10  
A   "C4'" "O4'"  sing N N 11  
A   "C4'" "C3'"  sing N N 12  
A   "C4'" "H4'"  sing N N 13  
A   "O4'" "C1'"  sing N N 14  
A   "C3'" "O3'"  sing N N 15  
A   "C3'" "C2'"  sing N N 16  
A   "C3'" "H3'"  sing N N 17  
A   "O3'" "HO3'" sing N N 18  
A   "C2'" "O2'"  sing N N 19  
A   "C2'" "C1'"  sing N N 20  
A   "C2'" "H2'"  sing N N 21  
A   "O2'" "HO2'" sing N N 22  
A   "C1'" N9     sing N N 23  
A   "C1'" "H1'"  sing N N 24  
A   N9    C8     sing Y N 25  
A   N9    C4     sing Y N 26  
A   C8    N7     doub Y N 27  
A   C8    H8     sing N N 28  
A   N7    C5     sing Y N 29  
A   C5    C6     sing Y N 30  
A   C5    C4     doub Y N 31  
A   C6    N6     sing N N 32  
A   C6    N1     doub Y N 33  
A   N6    H61    sing N N 34  
A   N6    H62    sing N N 35  
A   N1    C2     sing Y N 36  
A   C2    N3     doub Y N 37  
A   C2    H2     sing N N 38  
A   N3    C4     sing Y N 39  
C   OP3   P      sing N N 40  
C   OP3   HOP3   sing N N 41  
C   P     OP1    doub N N 42  
C   P     OP2    sing N N 43  
C   P     "O5'"  sing N N 44  
C   OP2   HOP2   sing N N 45  
C   "O5'" "C5'"  sing N N 46  
C   "C5'" "C4'"  sing N N 47  
C   "C5'" "H5'"  sing N N 48  
C   "C5'" "H5''" sing N N 49  
C   "C4'" "O4'"  sing N N 50  
C   "C4'" "C3'"  sing N N 51  
C   "C4'" "H4'"  sing N N 52  
C   "O4'" "C1'"  sing N N 53  
C   "C3'" "O3'"  sing N N 54  
C   "C3'" "C2'"  sing N N 55  
C   "C3'" "H3'"  sing N N 56  
C   "O3'" "HO3'" sing N N 57  
C   "C2'" "O2'"  sing N N 58  
C   "C2'" "C1'"  sing N N 59  
C   "C2'" "H2'"  sing N N 60  
C   "O2'" "HO2'" sing N N 61  
C   "C1'" N1     sing N N 62  
C   "C1'" "H1'"  sing N N 63  
C   N1    C2     sing N N 64  
C   N1    C6     sing N N 65  
C   C2    O2     doub N N 66  
C   C2    N3     sing N N 67  
C   N3    C4     doub N N 68  
C   C4    N4     sing N N 69  
C   C4    C5     sing N N 70  
C   N4    H41    sing N N 71  
C   N4    H42    sing N N 72  
C   C5    C6     doub N N 73  
C   C5    H5     sing N N 74  
C   C6    H6     sing N N 75  
G   OP3   P      sing N N 76  
G   OP3   HOP3   sing N N 77  
G   P     OP1    doub N N 78  
G   P     OP2    sing N N 79  
G   P     "O5'"  sing N N 80  
G   OP2   HOP2   sing N N 81  
G   "O5'" "C5'"  sing N N 82  
G   "C5'" "C4'"  sing N N 83  
G   "C5'" "H5'"  sing N N 84  
G   "C5'" "H5''" sing N N 85  
G   "C4'" "O4'"  sing N N 86  
G   "C4'" "C3'"  sing N N 87  
G   "C4'" "H4'"  sing N N 88  
G   "O4'" "C1'"  sing N N 89  
G   "C3'" "O3'"  sing N N 90  
G   "C3'" "C2'"  sing N N 91  
G   "C3'" "H3'"  sing N N 92  
G   "O3'" "HO3'" sing N N 93  
G   "C2'" "O2'"  sing N N 94  
G   "C2'" "C1'"  sing N N 95  
G   "C2'" "H2'"  sing N N 96  
G   "O2'" "HO2'" sing N N 97  
G   "C1'" N9     sing N N 98  
G   "C1'" "H1'"  sing N N 99  
G   N9    C8     sing Y N 100 
G   N9    C4     sing Y N 101 
G   C8    N7     doub Y N 102 
G   C8    H8     sing N N 103 
G   N7    C5     sing Y N 104 
G   C5    C6     sing N N 105 
G   C5    C4     doub Y N 106 
G   C6    O6     doub N N 107 
G   C6    N1     sing N N 108 
G   N1    C2     sing N N 109 
G   N1    H1     sing N N 110 
G   C2    N2     sing N N 111 
G   C2    N3     doub N N 112 
G   N2    H21    sing N N 113 
G   N2    H22    sing N N 114 
G   N3    C4     sing N N 115 
GET C11   O11    sing N N 116 
GET C11   C21    sing N N 117 
GET C11   O51    sing N N 118 
GET C11   H111   sing N N 119 
GET O11   C42    sing N N 120 
GET C21   N21    sing N N 121 
GET C21   C31    sing N N 122 
GET C21   H21    sing N N 123 
GET N21   H211   sing N N 124 
GET N21   H212   sing N N 125 
GET C31   O31    sing N N 126 
GET C31   C41    sing N N 127 
GET C31   H311   sing N N 128 
GET O31   H31    sing N N 129 
GET C41   O41    sing N N 130 
GET C41   C51    sing N N 131 
GET C41   H411   sing N N 132 
GET O41   H41    sing N N 133 
GET C51   O51    sing N N 134 
GET C51   C61    sing N N 135 
GET C51   H511   sing N N 136 
GET C61   O61    sing N N 137 
GET C61   C71    sing N N 138 
GET C61   H611   sing N N 139 
GET O61   H61    sing N N 140 
GET C71   H711   sing N N 141 
GET C71   H712   sing N N 142 
GET C71   H713   sing N N 143 
GET C12   N12    sing N N 144 
GET C12   C22    sing N N 145 
GET C12   C62    sing N N 146 
GET C12   H12    sing N N 147 
GET N12   H121   sing N N 148 
GET N12   H122   sing N N 149 
GET C22   C32    sing N N 150 
GET C22   H221   sing N N 151 
GET C22   H222   sing N N 152 
GET C32   N32    sing N N 153 
GET C32   C42    sing N N 154 
GET C32   H32    sing N N 155 
GET N32   H321   sing N N 156 
GET N32   H322   sing N N 157 
GET C42   C52    sing N N 158 
GET C42   H421   sing N N 159 
GET C52   O52    sing N N 160 
GET C52   C62    sing N N 161 
GET C52   H521   sing N N 162 
GET O52   H52    sing N N 163 
GET C62   O62    sing N N 164 
GET C62   H621   sing N N 165 
GET O62   C13    sing N N 166 
GET C13   C23    sing N N 167 
GET C13   O53    sing N N 168 
GET C13   H131   sing N N 169 
GET C23   O23    sing N N 170 
GET C23   C33    sing N N 171 
GET C23   H231   sing N N 172 
GET O23   H23    sing N N 173 
GET C33   N33    sing N N 174 
GET C33   C43    sing N N 175 
GET C33   H331   sing N N 176 
GET N33   C93    sing N N 177 
GET N33   H33    sing N N 178 
GET C93   H931   sing N N 179 
GET C93   H932   sing N N 180 
GET C93   H933   sing N N 181 
GET C43   O43    sing N N 182 
GET C43   C83    sing N N 183 
GET C43   C53    sing N N 184 
GET O43   H43    sing N N 185 
GET C83   H831   sing N N 186 
GET C83   H832   sing N N 187 
GET C83   H833   sing N N 188 
GET C53   O53    sing N N 189 
GET C53   H531   sing N N 190 
GET C53   H532   sing N N 191 
HOH O     H1     sing N N 192 
HOH O     H2     sing N N 193 
U   OP3   P      sing N N 194 
U   OP3   HOP3   sing N N 195 
U   P     OP1    doub N N 196 
U   P     OP2    sing N N 197 
U   P     "O5'"  sing N N 198 
U   OP2   HOP2   sing N N 199 
U   "O5'" "C5'"  sing N N 200 
U   "C5'" "C4'"  sing N N 201 
U   "C5'" "H5'"  sing N N 202 
U   "C5'" "H5''" sing N N 203 
U   "C4'" "O4'"  sing N N 204 
U   "C4'" "C3'"  sing N N 205 
U   "C4'" "H4'"  sing N N 206 
U   "O4'" "C1'"  sing N N 207 
U   "C3'" "O3'"  sing N N 208 
U   "C3'" "C2'"  sing N N 209 
U   "C3'" "H3'"  sing N N 210 
U   "O3'" "HO3'" sing N N 211 
U   "C2'" "O2'"  sing N N 212 
U   "C2'" "C1'"  sing N N 213 
U   "C2'" "H2'"  sing N N 214 
U   "O2'" "HO2'" sing N N 215 
U   "C1'" N1     sing N N 216 
U   "C1'" "H1'"  sing N N 217 
U   N1    C2     sing N N 218 
U   N1    C6     sing N N 219 
U   C2    O2     doub N N 220 
U   C2    N3     sing N N 221 
U   N3    C4     sing N N 222 
U   N3    H3     sing N N 223 
U   C4    O4     doub N N 224 
U   C4    C5     sing N N 225 
U   C5    C6     doub N N 226 
U   C5    H5     sing N N 227 
U   C6    H6     sing N N 228 
# 
loop_
_ndb_struct_conf_na.entry_id 
_ndb_struct_conf_na.feature 
1MWL 'a-form double helix'  
1MWL 'mismatched base pair' 
1MWL 'internal loop'        
# 
loop_
_ndb_struct_na_base_pair.model_number 
_ndb_struct_na_base_pair.i_label_asym_id 
_ndb_struct_na_base_pair.i_label_comp_id 
_ndb_struct_na_base_pair.i_label_seq_id 
_ndb_struct_na_base_pair.i_symmetry 
_ndb_struct_na_base_pair.j_label_asym_id 
_ndb_struct_na_base_pair.j_label_comp_id 
_ndb_struct_na_base_pair.j_label_seq_id 
_ndb_struct_na_base_pair.j_symmetry 
_ndb_struct_na_base_pair.shear 
_ndb_struct_na_base_pair.stretch 
_ndb_struct_na_base_pair.stagger 
_ndb_struct_na_base_pair.buckle 
_ndb_struct_na_base_pair.propeller 
_ndb_struct_na_base_pair.opening 
_ndb_struct_na_base_pair.pair_number 
_ndb_struct_na_base_pair.pair_name 
_ndb_struct_na_base_pair.i_auth_asym_id 
_ndb_struct_na_base_pair.i_auth_seq_id 
_ndb_struct_na_base_pair.i_PDB_ins_code 
_ndb_struct_na_base_pair.j_auth_asym_id 
_ndb_struct_na_base_pair.j_auth_seq_id 
_ndb_struct_na_base_pair.j_PDB_ins_code 
_ndb_struct_na_base_pair.hbond_type_28 
_ndb_struct_na_base_pair.hbond_type_12 
1 A G 2  1_555 B C 22 1_555 -0.751 -0.490 -0.085 -6.243  -5.306  -8.348  1  A_G2:C44_B  A 2  ? B 44 ? 19 1 
1 A C 3  1_555 B G 21 1_555 0.124  -0.068 0.074  -2.747  0.773   -0.881  2  A_C3:G43_B  A 3  ? B 43 ? 19 1 
1 A G 4  1_555 B C 20 1_555 -0.148 -0.281 -0.052 -0.922  -3.259  2.994   3  A_G4:C42_B  A 4  ? B 42 ? 19 1 
1 A U 5  1_555 B U 19 1_555 -2.319 -1.497 -0.533 3.097   -11.765 -7.448  4  A_U5:U41_B  A 5  ? B 41 ? ?  ? 
1 A C 6  1_555 B G 18 1_555 0.385  -0.301 -0.338 -3.332  2.950   -0.978  5  A_C6:G40_B  A 6  ? B 40 ? 19 1 
1 A C 8  1_555 B G 15 1_555 0.081  -0.165 -0.008 3.783   -15.295 1.685   6  A_C8:G37_B  A 8  ? B 37 ? 19 1 
1 A A 9  1_555 B U 14 1_555 0.288  -0.189 0.021  3.565   -16.562 2.617   7  A_A9:U36_B  A 9  ? B 36 ? 20 1 
1 A C 10 1_555 B G 13 1_555 0.247  0.004  0.058  5.345   -19.414 5.128   8  A_C10:G35_B A 10 ? B 35 ? 19 1 
1 A C 11 1_555 B G 12 1_555 -0.163 -0.236 -0.175 7.074   -9.501  0.804   9  A_C11:G34_B A 11 ? B 34 ? 19 1 
1 A G 12 1_555 B C 11 1_555 -0.228 -0.039 -0.303 -5.922  -13.556 -0.838  10 A_G12:C33_B A 12 ? B 33 ? 19 1 
1 A G 13 1_555 B C 10 1_555 -0.087 -0.156 0.162  -3.024  -12.494 1.084   11 A_G13:C32_B A 13 ? B 32 ? 19 1 
1 A U 14 1_555 B A 9  1_555 0.171  -0.103 0.222  -10.168 -16.577 -0.145  12 A_U14:A31_B A 14 ? B 31 ? 20 1 
1 A G 15 1_555 B C 8  1_555 0.102  -0.087 0.101  -3.558  -8.233  1.528   13 A_G15:C30_B A 15 ? B 30 ? 19 1 
1 A G 18 1_555 B C 6  1_555 -0.005 -0.075 -0.288 4.374   -3.011  3.452   14 A_G18:C28_B A 18 ? B 28 ? 19 1 
1 A U 19 1_555 B U 5  1_555 2.283  -1.738 -0.262 -1.109  -9.677  -10.420 15 A_U19:U27_B A 19 ? B 27 ? ?  ? 
1 A C 20 1_555 B G 4  1_555 -0.032 -0.353 -0.016 -1.020  -2.545  -1.323  16 A_C20:G26_B A 20 ? B 26 ? 19 1 
1 A G 21 1_555 B C 3  1_555 -0.146 -0.356 0.076  -0.480  -0.853  -4.989  17 A_G21:C25_B A 21 ? B 25 ? 19 1 
1 A C 22 1_555 B G 2  1_555 0.337  -0.261 -0.306 4.554   -4.818  -4.449  18 A_C22:G24_B A 22 ? B 24 ? 19 1 
# 
loop_
_ndb_struct_na_base_pair_step.model_number 
_ndb_struct_na_base_pair_step.i_label_asym_id_1 
_ndb_struct_na_base_pair_step.i_label_comp_id_1 
_ndb_struct_na_base_pair_step.i_label_seq_id_1 
_ndb_struct_na_base_pair_step.i_symmetry_1 
_ndb_struct_na_base_pair_step.j_label_asym_id_1 
_ndb_struct_na_base_pair_step.j_label_comp_id_1 
_ndb_struct_na_base_pair_step.j_label_seq_id_1 
_ndb_struct_na_base_pair_step.j_symmetry_1 
_ndb_struct_na_base_pair_step.i_label_asym_id_2 
_ndb_struct_na_base_pair_step.i_label_comp_id_2 
_ndb_struct_na_base_pair_step.i_label_seq_id_2 
_ndb_struct_na_base_pair_step.i_symmetry_2 
_ndb_struct_na_base_pair_step.j_label_asym_id_2 
_ndb_struct_na_base_pair_step.j_label_comp_id_2 
_ndb_struct_na_base_pair_step.j_label_seq_id_2 
_ndb_struct_na_base_pair_step.j_symmetry_2 
_ndb_struct_na_base_pair_step.shift 
_ndb_struct_na_base_pair_step.slide 
_ndb_struct_na_base_pair_step.rise 
_ndb_struct_na_base_pair_step.tilt 
_ndb_struct_na_base_pair_step.roll 
_ndb_struct_na_base_pair_step.twist 
_ndb_struct_na_base_pair_step.x_displacement 
_ndb_struct_na_base_pair_step.y_displacement 
_ndb_struct_na_base_pair_step.helical_rise 
_ndb_struct_na_base_pair_step.inclination 
_ndb_struct_na_base_pair_step.tip 
_ndb_struct_na_base_pair_step.helical_twist 
_ndb_struct_na_base_pair_step.step_number 
_ndb_struct_na_base_pair_step.step_name 
_ndb_struct_na_base_pair_step.i_auth_asym_id_1 
_ndb_struct_na_base_pair_step.i_auth_seq_id_1 
_ndb_struct_na_base_pair_step.i_PDB_ins_code_1 
_ndb_struct_na_base_pair_step.j_auth_asym_id_1 
_ndb_struct_na_base_pair_step.j_auth_seq_id_1 
_ndb_struct_na_base_pair_step.j_PDB_ins_code_1 
_ndb_struct_na_base_pair_step.i_auth_asym_id_2 
_ndb_struct_na_base_pair_step.i_auth_seq_id_2 
_ndb_struct_na_base_pair_step.i_PDB_ins_code_2 
_ndb_struct_na_base_pair_step.j_auth_asym_id_2 
_ndb_struct_na_base_pair_step.j_auth_seq_id_2 
_ndb_struct_na_base_pair_step.j_PDB_ins_code_2 
1 A G 2  1_555 B C 22 1_555 A C 3  1_555 B G 21 1_555 0.060  -1.589 3.216 -2.264 1.219  34.268 -2.876 -0.446 3.149 2.065  3.836  
34.362 1  AA_G2C3:G43C44_BB   A 2  ? B 44 ? A 3  ? B 43 ? 
1 A C 3  1_555 B G 21 1_555 A G 4  1_555 B C 20 1_555 0.140  -2.022 3.229 -0.524 4.719  26.813 -5.400 -0.420 2.835 10.075 1.120  
27.222 2  AA_C3G4:C42G43_BB   A 3  ? B 43 ? A 4  ? B 42 ? 
1 A G 4  1_555 B C 20 1_555 A U 5  1_555 B U 19 1_555 -0.550 -1.886 3.203 -0.044 1.640  23.786 -5.081 1.316  3.068 3.974  0.107  
23.841 3  AA_G4U5:U41C42_BB   A 4  ? B 42 ? A 5  ? B 41 ? 
1 A U 5  1_555 B U 19 1_555 A C 6  1_555 B G 18 1_555 1.008  -2.411 3.633 -1.808 2.677  44.163 -3.469 -1.520 3.447 3.555  2.401  
44.275 4  AA_U5C6:G40U41_BB   A 5  ? B 41 ? A 6  ? B 40 ? 
1 A C 8  1_555 B G 15 1_555 A A 9  1_555 B U 14 1_555 -0.191 -1.445 3.125 0.265  11.707 33.359 -3.915 0.349  2.491 19.655 -0.444 
35.299 5  AA_C8A9:U36G37_BB   A 8  ? B 37 ? A 9  ? B 36 ? 
1 A A 9  1_555 B U 14 1_555 A C 10 1_555 B G 13 1_555 1.008  -1.914 3.231 1.503  2.189  27.786 -4.476 -1.742 3.123 4.546  -3.121 
27.910 6  AA_A9C10:G35U36_BB  A 9  ? B 36 ? A 10 ? B 35 ? 
1 A C 10 1_555 B G 13 1_555 A C 11 1_555 B G 12 1_555 -0.991 -1.979 3.197 -1.323 5.294  29.570 -4.828 1.657  2.848 10.262 2.565  
30.059 7  AA_C10C11:G34G35_BB A 10 ? B 35 ? A 11 ? B 34 ? 
1 A C 11 1_555 B G 12 1_555 A G 12 1_555 B C 11 1_555 -0.132 -1.638 3.638 0.480  10.885 31.249 -4.780 0.316  2.917 19.480 -0.859 
33.049 8  AA_C11G12:C33G34_BB A 11 ? B 34 ? A 12 ? B 33 ? 
1 A G 12 1_555 B C 11 1_555 A G 13 1_555 B C 10 1_555 0.765  -1.726 3.008 -1.302 9.222  30.968 -4.477 -1.569 2.376 16.801 2.372  
32.306 9  AA_G12G13:C32C33_BB A 12 ? B 33 ? A 13 ? B 32 ? 
1 A G 13 1_555 B C 10 1_555 A U 14 1_555 B A 9  1_555 -0.272 -1.486 3.371 0.410  2.441  34.058 -2.923 0.529  3.257 4.160  -0.699 
34.145 10 AA_G13U14:A31C32_BB A 13 ? B 32 ? A 14 ? B 31 ? 
1 A U 14 1_555 B A 9  1_555 A G 15 1_555 B C 8  1_555 0.320  -1.681 2.894 3.304  9.138  31.948 -4.175 -0.107 2.357 16.141 -5.837 
33.356 11 AA_U14G15:C30A31_BB A 14 ? B 31 ? A 15 ? B 30 ? 
1 A G 18 1_555 B C 6  1_555 A U 19 1_555 B U 5  1_555 -1.180 -2.106 3.505 0.101  2.869  39.687 -3.443 1.746  3.348 4.219  -0.148 
39.787 12 AA_G18U19:U27C28_BB A 18 ? B 28 ? A 19 ? B 27 ? 
1 A U 19 1_555 B U 5  1_555 A C 20 1_555 B G 4  1_555 0.292  -2.410 3.250 1.079  2.988  22.176 -7.254 -0.371 2.915 7.716  -2.787 
22.399 13 AA_U19C20:G26U27_BB A 19 ? B 27 ? A 20 ? B 26 ? 
1 A C 20 1_555 B G 4  1_555 A G 21 1_555 B C 3  1_555 0.119  -1.780 3.093 -0.657 5.192  32.406 -3.956 -0.313 2.779 9.229  1.169  
32.814 14 AA_C20G21:C25G26_BB A 20 ? B 26 ? A 21 ? B 25 ? 
1 A G 21 1_555 B C 3  1_555 A C 22 1_555 B G 2  1_555 0.392  -2.225 3.215 4.375  1.489  29.108 -4.684 0.139  3.123 2.940  -8.636 
29.464 15 AA_G21C22:G24C25_BB A 21 ? B 25 ? A 22 ? B 24 ? 
# 
_pdbx_initial_refinement_model.id               1 
_pdbx_initial_refinement_model.entity_id_list   ? 
_pdbx_initial_refinement_model.type             'experimental model' 
_pdbx_initial_refinement_model.source_name      PDB 
_pdbx_initial_refinement_model.accession_code   1LC4 
_pdbx_initial_refinement_model.details          'PDB ENTRY 1LC4 (RNA ONLY)' 
# 
_atom_sites.entry_id                    1MWL 
_atom_sites.fract_transf_matrix[1][1]   0.01893319 
_atom_sites.fract_transf_matrix[1][2]   -0.00338018 
_atom_sites.fract_transf_matrix[1][3]   -0.01132724 
_atom_sites.fract_transf_matrix[2][1]   0.01444110 
_atom_sites.fract_transf_matrix[2][2]   0.01891606 
_atom_sites.fract_transf_matrix[2][3]   0.01849315 
_atom_sites.fract_transf_matrix[3][1]   0.00848707 
_atom_sites.fract_transf_matrix[3][2]   -0.01549573 
_atom_sites.fract_transf_matrix[3][3]   0.00922264 
_atom_sites.fract_transf_vector[1]      0.120431 
_atom_sites.fract_transf_vector[2]      -0.004521 
_atom_sites.fract_transf_vector[3]      0.238818 
# 
loop_
_atom_type.symbol 
C 
N 
O 
P 
# 
loop_
_atom_site.group_PDB 
_atom_site.id 
_atom_site.type_symbol 
_atom_site.label_atom_id 
_atom_site.label_alt_id 
_atom_site.label_comp_id 
_atom_site.label_asym_id 
_atom_site.label_entity_id 
_atom_site.label_seq_id 
_atom_site.pdbx_PDB_ins_code 
_atom_site.Cartn_x 
_atom_site.Cartn_y 
_atom_site.Cartn_z 
_atom_site.occupancy 
_atom_site.B_iso_or_equiv 
_atom_site.pdbx_formal_charge 
_atom_site.auth_seq_id 
_atom_site.auth_comp_id 
_atom_site.auth_asym_id 
_atom_site.auth_atom_id 
_atom_site.pdbx_PDB_model_num 
ATOM   1    P P     . G   A 1 2  ? -11.950 -1.764  26.172  1.00 90.07  ? 2   G   A P     1 
ATOM   2    O OP1   . G   A 1 2  ? -10.630 -1.036  26.396  1.00 88.13  ? 2   G   A OP1   1 
ATOM   3    O OP2   . G   A 1 2  ? -12.551 -2.320  27.462  1.00 87.65  ? 2   G   A OP2   1 
ATOM   4    O "O5'" . G   A 1 2  ? -13.016 -0.641  25.656  1.00 85.51  ? 2   G   A "O5'" 1 
ATOM   5    C "C5'" . G   A 1 2  ? -14.392 -0.993  25.428  1.00 78.91  ? 2   G   A "C5'" 1 
ATOM   6    C "C4'" . G   A 1 2  ? -15.128 0.141   24.743  1.00 74.83  ? 2   G   A "C4'" 1 
ATOM   7    O "O4'" . G   A 1 2  ? -15.070 1.315   25.599  1.00 73.27  ? 2   G   A "O4'" 1 
ATOM   8    C "C3'" . G   A 1 2  ? -14.473 0.622   23.462  1.00 71.81  ? 2   G   A "C3'" 1 
ATOM   9    O "O3'" . G   A 1 2  ? -14.891 -0.186  22.361  1.00 69.15  ? 2   G   A "O3'" 1 
ATOM   10   C "C2'" . G   A 1 2  ? -15.074 2.017   23.341  1.00 71.68  ? 2   G   A "C2'" 1 
ATOM   11   O "O2'" . G   A 1 2  ? -16.422 1.954   22.939  1.00 73.34  ? 2   G   A "O2'" 1 
ATOM   12   C "C1'" . G   A 1 2  ? -15.036 2.488   24.794  1.00 69.06  ? 2   G   A "C1'" 1 
ATOM   13   N N9    . G   A 1 2  ? -13.785 3.175   25.065  1.00 67.04  ? 2   G   A N9    1 
ATOM   14   C C8    . G   A 1 2  ? -12.703 2.652   25.729  1.00 64.39  ? 2   G   A C8    1 
ATOM   15   N N7    . G   A 1 2  ? -11.695 3.469   25.783  1.00 63.52  ? 2   G   A N7    1 
ATOM   16   C C5    . G   A 1 2  ? -12.138 4.609   25.130  1.00 62.38  ? 2   G   A C5    1 
ATOM   17   C C6    . G   A 1 2  ? -11.471 5.804   24.889  1.00 63.07  ? 2   G   A C6    1 
ATOM   18   O O6    . G   A 1 2  ? -10.311 6.091   25.226  1.00 63.56  ? 2   G   A O6    1 
ATOM   19   N N1    . G   A 1 2  ? -12.267 6.713   24.187  1.00 60.38  ? 2   G   A N1    1 
ATOM   20   C C2    . G   A 1 2  ? -13.552 6.476   23.781  1.00 62.15  ? 2   G   A C2    1 
ATOM   21   N N2    . G   A 1 2  ? -14.139 7.484   23.122  1.00 62.82  ? 2   G   A N2    1 
ATOM   22   N N3    . G   A 1 2  ? -14.199 5.336   24.008  1.00 62.37  ? 2   G   A N3    1 
ATOM   23   C C4    . G   A 1 2  ? -13.429 4.451   24.687  1.00 63.24  ? 2   G   A C4    1 
ATOM   24   P P     . C   A 1 3  ? -14.061 -0.144  20.979  1.00 66.64  ? 3   C   A P     1 
ATOM   25   O OP1   . C   A 1 3  ? -14.730 -1.053  20.017  1.00 66.92  ? 3   C   A OP1   1 
ATOM   26   O OP2   . C   A 1 3  ? -12.620 -0.337  21.288  1.00 66.28  ? 3   C   A OP2   1 
ATOM   27   O "O5'" . C   A 1 3  ? -14.275 1.341   20.439  1.00 64.01  ? 3   C   A "O5'" 1 
ATOM   28   C "C5'" . C   A 1 3  ? -15.508 1.732   19.842  1.00 58.31  ? 3   C   A "C5'" 1 
ATOM   29   C "C4'" . C   A 1 3  ? -15.410 3.147   19.315  1.00 56.89  ? 3   C   A "C4'" 1 
ATOM   30   O "O4'" . C   A 1 3  ? -15.188 4.047   20.439  1.00 56.33  ? 3   C   A "O4'" 1 
ATOM   31   C "C3'" . C   A 1 3  ? -14.186 3.387   18.450  1.00 58.31  ? 3   C   A "C3'" 1 
ATOM   32   O "O3'" . C   A 1 3  ? -14.433 3.020   17.098  1.00 57.61  ? 3   C   A "O3'" 1 
ATOM   33   C "C2'" . C   A 1 3  ? -14.033 4.893   18.556  1.00 56.77  ? 3   C   A "C2'" 1 
ATOM   34   O "O2'" . C   A 1 3  ? -15.036 5.561   17.819  1.00 57.65  ? 3   C   A "O2'" 1 
ATOM   35   C "C1'" . C   A 1 3  ? -14.304 5.094   20.045  1.00 55.30  ? 3   C   A "C1'" 1 
ATOM   36   N N1    . C   A 1 3  ? -13.042 4.927   20.772  1.00 52.66  ? 3   C   A N1    1 
ATOM   37   C C2    . C   A 1 3  ? -12.109 5.963   20.737  1.00 52.41  ? 3   C   A C2    1 
ATOM   38   O O2    . C   A 1 3  ? -12.399 7.010   20.139  1.00 55.26  ? 3   C   A O2    1 
ATOM   39   N N3    . C   A 1 3  ? -10.909 5.796   21.351  1.00 51.33  ? 3   C   A N3    1 
ATOM   40   C C4    . C   A 1 3  ? -10.640 4.652   21.989  1.00 48.27  ? 3   C   A C4    1 
ATOM   41   N N4    . C   A 1 3  ? -9.459  4.527   22.570  1.00 47.05  ? 3   C   A N4    1 
ATOM   42   C C5    . C   A 1 3  ? -11.582 3.589   22.055  1.00 51.75  ? 3   C   A C5    1 
ATOM   43   C C6    . C   A 1 3  ? -12.764 3.769   21.443  1.00 53.42  ? 3   C   A C6    1 
ATOM   44   P P     . G   A 1 4  ? -13.190 2.652   16.158  1.00 57.88  ? 4   G   A P     1 
ATOM   45   O OP1   . G   A 1 4  ? -13.702 2.107   14.876  1.00 59.08  ? 4   G   A OP1   1 
ATOM   46   O OP2   . G   A 1 4  ? -12.230 1.848   16.970  1.00 57.24  ? 4   G   A OP2   1 
ATOM   47   O "O5'" . G   A 1 4  ? -12.538 4.071   15.865  1.00 57.06  ? 4   G   A "O5'" 1 
ATOM   48   C "C5'" . G   A 1 4  ? -13.337 5.121   15.351  1.00 55.10  ? 4   G   A "C5'" 1 
ATOM   49   C "C4'" . G   A 1 4  ? -12.533 6.392   15.232  1.00 51.41  ? 4   G   A "C4'" 1 
ATOM   50   O "O4'" . G   A 1 4  ? -12.237 6.922   16.552  1.00 51.45  ? 4   G   A "O4'" 1 
ATOM   51   C "C3'" . G   A 1 4  ? -11.165 6.152   14.662  1.00 52.08  ? 4   G   A "C3'" 1 
ATOM   52   O "O3'" . G   A 1 4  ? -11.261 6.068   13.255  1.00 58.05  ? 4   G   A "O3'" 1 
ATOM   53   C "C2'" . G   A 1 4  ? -10.462 7.422   15.103  1.00 49.91  ? 4   G   A "C2'" 1 
ATOM   54   O "O2'" . G   A 1 4  ? -10.960 8.551   14.416  1.00 53.52  ? 4   G   A "O2'" 1 
ATOM   55   C "C1'" . G   A 1 4  ? -10.939 7.506   16.546  1.00 45.86  ? 4   G   A "C1'" 1 
ATOM   56   N N9    . G   A 1 4  ? -10.076 6.708   17.413  1.00 40.57  ? 4   G   A N9    1 
ATOM   57   C C8    . G   A 1 4  ? -10.332 5.451   17.918  1.00 39.56  ? 4   G   A C8    1 
ATOM   58   N N7    . G   A 1 4  ? -9.352  4.984   18.646  1.00 35.78  ? 4   G   A N7    1 
ATOM   59   C C5    . G   A 1 4  ? -8.398  5.997   18.619  1.00 35.91  ? 4   G   A C5    1 
ATOM   60   C C6    . G   A 1 4  ? -7.120  6.063   19.209  1.00 32.73  ? 4   G   A C6    1 
ATOM   61   O O6    . G   A 1 4  ? -6.560  5.225   19.914  1.00 34.03  ? 4   G   A O6    1 
ATOM   62   N N1    . G   A 1 4  ? -6.477  7.258   18.912  1.00 31.55  ? 4   G   A N1    1 
ATOM   63   C C2    . G   A 1 4  ? -7.002  8.266   18.151  1.00 37.30  ? 4   G   A C2    1 
ATOM   64   N N2    . G   A 1 4  ? -6.233  9.358   17.967  1.00 35.57  ? 4   G   A N2    1 
ATOM   65   N N3    . G   A 1 4  ? -8.199  8.219   17.598  1.00 36.47  ? 4   G   A N3    1 
ATOM   66   C C4    . G   A 1 4  ? -8.834  7.065   17.868  1.00 36.12  ? 4   G   A C4    1 
ATOM   67   P P     . U   A 1 5  ? -9.947  5.739   12.408  1.00 60.08  ? 5   U   A P     1 
ATOM   68   O OP1   . U   A 1 5  ? -10.303 5.549   10.980  1.00 61.16  ? 5   U   A OP1   1 
ATOM   69   O OP2   . U   A 1 5  ? -9.242  4.660   13.132  1.00 61.30  ? 5   U   A OP2   1 
ATOM   70   O "O5'" . U   A 1 5  ? -9.126  7.089   12.535  1.00 59.11  ? 5   U   A "O5'" 1 
ATOM   71   C "C5'" . U   A 1 5  ? -7.923  7.234   11.843  1.00 60.72  ? 5   U   A "C5'" 1 
ATOM   72   C "C4'" . U   A 1 5  ? -7.282  8.558   12.149  1.00 59.49  ? 5   U   A "C4'" 1 
ATOM   73   O "O4'" . U   A 1 5  ? -7.416  8.934   13.546  1.00 58.71  ? 5   U   A "O4'" 1 
ATOM   74   C "C3'" . U   A 1 5  ? -5.798  8.413   11.940  1.00 57.86  ? 5   U   A "C3'" 1 
ATOM   75   O "O3'" . U   A 1 5  ? -5.602  8.606   10.563  1.00 58.46  ? 5   U   A "O3'" 1 
ATOM   76   C "C2'" . U   A 1 5  ? -5.225  9.490   12.834  1.00 56.55  ? 5   U   A "C2'" 1 
ATOM   77   O "O2'" . U   A 1 5  ? -5.415  10.767  12.271  1.00 63.23  ? 5   U   A "O2'" 1 
ATOM   78   C "C1'" . U   A 1 5  ? -6.144  9.340   14.052  1.00 55.35  ? 5   U   A "C1'" 1 
ATOM   79   N N1    . U   A 1 5  ? -5.661  8.259   14.918  1.00 49.15  ? 5   U   A N1    1 
ATOM   80   C C2    . U   A 1 5  ? -4.464  8.442   15.544  1.00 51.74  ? 5   U   A C2    1 
ATOM   81   O O2    . U   A 1 5  ? -3.832  9.478   15.447  1.00 59.22  ? 5   U   A O2    1 
ATOM   82   N N3    . U   A 1 5  ? -4.024  7.368   16.279  1.00 47.87  ? 5   U   A N3    1 
ATOM   83   C C4    . U   A 1 5  ? -4.672  6.157   16.440  1.00 48.06  ? 5   U   A C4    1 
ATOM   84   O O4    . U   A 1 5  ? -4.133  5.256   17.090  1.00 49.63  ? 5   U   A O4    1 
ATOM   85   C C5    . U   A 1 5  ? -5.934  6.066   15.777  1.00 43.12  ? 5   U   A C5    1 
ATOM   86   C C6    . U   A 1 5  ? -6.375  7.095   15.067  1.00 43.71  ? 5   U   A C6    1 
ATOM   87   P P     . C   A 1 6  ? -4.991  7.404   9.710   1.00 59.82  ? 6   C   A P     1 
ATOM   88   O OP1   . C   A 1 6  ? -5.051  7.807   8.285   1.00 61.90  ? 6   C   A OP1   1 
ATOM   89   O OP2   . C   A 1 6  ? -5.654  6.147   10.137  1.00 55.91  ? 6   C   A OP2   1 
ATOM   90   O "O5'" . C   A 1 6  ? -3.479  7.413   10.232  1.00 56.86  ? 6   C   A "O5'" 1 
ATOM   91   C "C5'" . C   A 1 6  ? -2.810  8.661   10.422  1.00 53.89  ? 6   C   A "C5'" 1 
ATOM   92   C "C4'" . C   A 1 6  ? -1.530  8.496   11.222  1.00 52.21  ? 6   C   A "C4'" 1 
ATOM   93   O "O4'" . C   A 1 6  ? -1.869  8.251   12.614  1.00 51.08  ? 6   C   A "O4'" 1 
ATOM   94   C "C3'" . C   A 1 6  ? -0.713  7.269   10.862  1.00 51.34  ? 6   C   A "C3'" 1 
ATOM   95   O "O3'" . C   A 1 6  ? 0.087   7.517   9.706   1.00 54.45  ? 6   C   A "O3'" 1 
ATOM   96   C "C2'" . C   A 1 6  ? 0.169   7.160   12.097  1.00 47.79  ? 6   C   A "C2'" 1 
ATOM   97   O "O2'" . C   A 1 6  ? 1.144   8.185   12.104  1.00 45.85  ? 6   C   A "O2'" 1 
ATOM   98   C "C1'" . C   A 1 6  ? -0.852  7.439   13.205  1.00 45.41  ? 6   C   A "C1'" 1 
ATOM   99   N N1    . C   A 1 6  ? -1.469  6.194   13.713  1.00 41.24  ? 6   C   A N1    1 
ATOM   100  C C2    . C   A 1 6  ? -0.700  5.367   14.506  1.00 35.33  ? 6   C   A C2    1 
ATOM   101  O O2    . C   A 1 6  ? 0.461   5.711   14.752  1.00 40.60  ? 6   C   A O2    1 
ATOM   102  N N3    . C   A 1 6  ? -1.230  4.217   14.977  1.00 38.08  ? 6   C   A N3    1 
ATOM   103  C C4    . C   A 1 6  ? -2.490  3.877   14.656  1.00 38.15  ? 6   C   A C4    1 
ATOM   104  N N4    . C   A 1 6  ? -2.964  2.724   15.112  1.00 32.26  ? 6   C   A N4    1 
ATOM   105  C C5    . C   A 1 6  ? -3.308  4.714   13.844  1.00 33.40  ? 6   C   A C5    1 
ATOM   106  C C6    . C   A 1 6  ? -2.764  5.856   13.403  1.00 40.28  ? 6   C   A C6    1 
ATOM   107  P P     . A   A 1 7  ? 0.680   6.273   8.867   1.00 54.50  ? 7   A   A P     1 
ATOM   108  O OP1   . A   A 1 7  ? 1.344   6.850   7.675   1.00 57.26  ? 7   A   A OP1   1 
ATOM   109  O OP2   . A   A 1 7  ? -0.336  5.213   8.695   1.00 50.62  ? 7   A   A OP2   1 
ATOM   110  O "O5'" . A   A 1 7  ? 1.815   5.709   9.824   1.00 52.88  ? 7   A   A "O5'" 1 
ATOM   111  C "C5'" . A   A 1 7  ? 2.873   6.551   10.252  1.00 50.22  ? 7   A   A "C5'" 1 
ATOM   112  C "C4'" . A   A 1 7  ? 3.776   5.788   11.180  1.00 51.15  ? 7   A   A "C4'" 1 
ATOM   113  O "O4'" . A   A 1 7  ? 2.984   5.363   12.325  1.00 46.81  ? 7   A   A "O4'" 1 
ATOM   114  C "C3'" . A   A 1 7  ? 4.265   4.472   10.603  1.00 50.00  ? 7   A   A "C3'" 1 
ATOM   115  O "O3'" . A   A 1 7  ? 5.426   4.684   9.813   1.00 51.85  ? 7   A   A "O3'" 1 
ATOM   116  C "C2'" . A   A 1 7  ? 4.618   3.701   11.864  1.00 48.29  ? 7   A   A "C2'" 1 
ATOM   117  O "O2'" . A   A 1 7  ? 5.822   4.160   12.420  1.00 49.54  ? 7   A   A "O2'" 1 
ATOM   118  C "C1'" . A   A 1 7  ? 3.472   4.114   12.787  1.00 45.63  ? 7   A   A "C1'" 1 
ATOM   119  N N9    . A   A 1 7  ? 2.370   3.160   12.760  1.00 40.34  ? 7   A   A N9    1 
ATOM   120  C C8    . A   A 1 7  ? 1.169   3.237   12.083  1.00 37.22  ? 7   A   A C8    1 
ATOM   121  N N7    . A   A 1 7  ? 0.373   2.216   12.310  1.00 34.54  ? 7   A   A N7    1 
ATOM   122  C C5    . A   A 1 7  ? 1.106   1.415   13.183  1.00 33.61  ? 7   A   A C5    1 
ATOM   123  C C6    . A   A 1 7  ? 0.819   0.200   13.817  1.00 30.65  ? 7   A   A C6    1 
ATOM   124  N N6    . A   A 1 7  ? -0.313  -0.454  13.660  1.00 33.05  ? 7   A   A N6    1 
ATOM   125  N N1    . A   A 1 7  ? 1.755   -0.324  14.639  1.00 34.69  ? 7   A   A N1    1 
ATOM   126  C C2    . A   A 1 7  ? 2.904   0.343   14.798  1.00 31.34  ? 7   A   A C2    1 
ATOM   127  N N3    . A   A 1 7  ? 3.289   1.494   14.257  1.00 35.44  ? 7   A   A N3    1 
ATOM   128  C C4    . A   A 1 7  ? 2.336   1.983   13.454  1.00 33.04  ? 7   A   A C4    1 
ATOM   129  P P     . C   A 1 8  ? 5.710   3.745   8.529   1.00 53.54  ? 8   C   A P     1 
ATOM   130  O OP1   . C   A 1 8  ? 7.021   4.227   8.039   1.00 56.56  ? 8   C   A OP1   1 
ATOM   131  O OP2   . C   A 1 8  ? 4.542   3.693   7.589   1.00 49.66  ? 8   C   A OP2   1 
ATOM   132  O "O5'" . C   A 1 8  ? 5.953   2.310   9.159   1.00 50.73  ? 8   C   A "O5'" 1 
ATOM   133  C "C5'" . C   A 1 8  ? 7.140   2.062   9.894   1.00 54.37  ? 8   C   A "C5'" 1 
ATOM   134  C "C4'" . C   A 1 8  ? 7.177   0.627   10.354  1.00 55.32  ? 8   C   A "C4'" 1 
ATOM   135  O "O4'" . C   A 1 8  ? 6.155   0.453   11.366  1.00 53.93  ? 8   C   A "O4'" 1 
ATOM   136  C "C3'" . C   A 1 8  ? 6.791   -0.368  9.275   1.00 53.48  ? 8   C   A "C3'" 1 
ATOM   137  O "O3'" . C   A 1 8  ? 7.939   -0.712  8.512   1.00 55.29  ? 8   C   A "O3'" 1 
ATOM   138  C "C2'" . C   A 1 8  ? 6.349   -1.546  10.121  1.00 53.63  ? 8   C   A "C2'" 1 
ATOM   139  O "O2'" . C   A 1 8  ? 7.462   -2.195  10.692  1.00 53.43  ? 8   C   A "O2'" 1 
ATOM   140  C "C1'" . C   A 1 8  ? 5.584   -0.834  11.241  1.00 54.68  ? 8   C   A "C1'" 1 
ATOM   141  N N1    . C   A 1 8  ? 4.141   -0.697  10.950  1.00 51.92  ? 8   C   A N1    1 
ATOM   142  C C2    . C   A 1 8  ? 3.337   -1.797  11.166  1.00 49.79  ? 8   C   A C2    1 
ATOM   143  O O2    . C   A 1 8  ? 3.867   -2.826  11.612  1.00 49.74  ? 8   C   A O2    1 
ATOM   144  N N3    . C   A 1 8  ? 2.010   -1.724  10.880  1.00 47.84  ? 8   C   A N3    1 
ATOM   145  C C4    . C   A 1 8  ? 1.495   -0.596  10.389  1.00 45.67  ? 8   C   A C4    1 
ATOM   146  N N4    . C   A 1 8  ? 0.177   -0.573  10.105  1.00 40.06  ? 8   C   A N4    1 
ATOM   147  C C5    . C   A 1 8  ? 2.302   0.558   10.166  1.00 45.47  ? 8   C   A C5    1 
ATOM   148  C C6    . C   A 1 8  ? 3.605   0.466   10.465  1.00 48.80  ? 8   C   A C6    1 
ATOM   149  P P     . A   A 1 9  ? 7.780   -1.152  6.969   1.00 59.37  ? 9   A   A P     1 
ATOM   150  O OP1   . A   A 1 9  ? 9.174   -1.206  6.453   1.00 60.02  ? 9   A   A OP1   1 
ATOM   151  O OP2   . A   A 1 9  ? 6.780   -0.290  6.284   1.00 58.21  ? 9   A   A OP2   1 
ATOM   152  O "O5'" . A   A 1 9  ? 7.206   -2.641  7.034   1.00 54.07  ? 9   A   A "O5'" 1 
ATOM   153  C "C5'" . A   A 1 9  ? 7.939   -3.676  7.690   1.00 52.70  ? 9   A   A "C5'" 1 
ATOM   154  C "C4'" . A   A 1 9  ? 7.130   -4.952  7.724   1.00 53.75  ? 9   A   A "C4'" 1 
ATOM   155  O "O4'" . A   A 1 9  ? 6.041   -4.780  8.671   1.00 57.04  ? 9   A   A "O4'" 1 
ATOM   156  C "C3'" . A   A 1 9  ? 6.403   -5.250  6.424   1.00 54.94  ? 9   A   A "C3'" 1 
ATOM   157  O "O3'" . A   A 1 9  ? 7.231   -5.966  5.519   1.00 54.41  ? 9   A   A "O3'" 1 
ATOM   158  C "C2'" . A   A 1 9  ? 5.304   -6.171  6.905   1.00 51.78  ? 9   A   A "C2'" 1 
ATOM   159  O "O2'" . A   A 1 9  ? 5.846   -7.439  7.202   1.00 52.71  ? 9   A   A "O2'" 1 
ATOM   160  C "C1'" . A   A 1 9  ? 4.896   -5.479  8.202   1.00 53.88  ? 9   A   A "C1'" 1 
ATOM   161  N N9    . A   A 1 9  ? 3.811   -4.516  8.000   1.00 53.04  ? 9   A   A N9    1 
ATOM   162  C C8    . A   A 1 9  ? 3.890   -3.165  7.749   1.00 53.14  ? 9   A   A C8    1 
ATOM   163  N N7    . A   A 1 9  ? 2.719   -2.580  7.629   1.00 47.84  ? 9   A   A N7    1 
ATOM   164  C C5    . A   A 1 9  ? 1.813   -3.617  7.812   1.00 45.82  ? 9   A   A C5    1 
ATOM   165  C C6    . A   A 1 9  ? 0.405   -3.659  7.809   1.00 39.79  ? 9   A   A C6    1 
ATOM   166  N N6    . A   A 1 9  ? -0.372  -2.596  7.592   1.00 34.07  ? 9   A   A N6    1 
ATOM   167  N N1    . A   A 1 9  ? -0.182  -4.849  8.032   1.00 35.09  ? 9   A   A N1    1 
ATOM   168  C C2    . A   A 1 9  ? 0.587   -5.919  8.234   1.00 38.00  ? 9   A   A C2    1 
ATOM   169  N N3    . A   A 1 9  ? 1.914   -6.011  8.258   1.00 42.99  ? 9   A   A N3    1 
ATOM   170  C C4    . A   A 1 9  ? 2.472   -4.811  8.038   1.00 45.62  ? 9   A   A C4    1 
ATOM   171  P P     . C   A 1 10 ? 6.977   -5.819  3.937   1.00 56.37  ? 10  C   A P     1 
ATOM   172  O OP1   . C   A 1 10 ? 7.974   -6.746  3.333   1.00 61.73  ? 10  C   A OP1   1 
ATOM   173  O OP2   . C   A 1 10 ? 6.934   -4.390  3.516   1.00 55.56  ? 10  C   A OP2   1 
ATOM   174  O "O5'" . C   A 1 10 ? 5.513   -6.408  3.685   1.00 50.71  ? 10  C   A "O5'" 1 
ATOM   175  C "C5'" . C   A 1 10 ? 5.295   -7.800  3.780   1.00 46.94  ? 10  C   A "C5'" 1 
ATOM   176  C "C4'" . C   A 1 10 ? 3.817   -8.137  3.905   1.00 44.36  ? 10  C   A "C4'" 1 
ATOM   177  O "O4'" . C   A 1 10 ? 3.238   -7.226  4.868   1.00 43.45  ? 10  C   A "O4'" 1 
ATOM   178  C "C3'" . C   A 1 10 ? 2.937   -7.876  2.694   1.00 38.48  ? 10  C   A "C3'" 1 
ATOM   179  O "O3'" . C   A 1 10 ? 3.070   -8.941  1.749   1.00 40.67  ? 10  C   A "O3'" 1 
ATOM   180  C "C2'" . C   A 1 10 ? 1.570   -7.966  3.368   1.00 39.76  ? 10  C   A "C2'" 1 
ATOM   181  O "O2'" . C   A 1 10 ? 1.239   -9.312  3.683   1.00 34.09  ? 10  C   A "O2'" 1 
ATOM   182  C "C1'" . C   A 1 10 ? 1.837   -7.228  4.688   1.00 38.14  ? 10  C   A "C1'" 1 
ATOM   183  N N1    . C   A 1 10 ? 1.355   -5.853  4.611   1.00 39.29  ? 10  C   A N1    1 
ATOM   184  C C2    . C   A 1 10 ? -0.008  -5.654  4.750   1.00 37.21  ? 10  C   A C2    1 
ATOM   185  O O2    . C   A 1 10 ? -0.708  -6.636  5.009   1.00 32.20  ? 10  C   A O2    1 
ATOM   186  N N3    . C   A 1 10 ? -0.527  -4.415  4.608   1.00 36.67  ? 10  C   A N3    1 
ATOM   187  C C4    . C   A 1 10 ? 0.276   -3.386  4.353   1.00 40.54  ? 10  C   A C4    1 
ATOM   188  N N4    . C   A 1 10 ? -0.295  -2.181  4.221   1.00 37.72  ? 10  C   A N4    1 
ATOM   189  C C5    . C   A 1 10 ? 1.697   -3.551  4.228   1.00 43.56  ? 10  C   A C5    1 
ATOM   190  C C6    . C   A 1 10 ? 2.190   -4.799  4.373   1.00 39.23  ? 10  C   A C6    1 
ATOM   191  P P     . C   A 1 11 ? 2.513   -8.779  0.232   1.00 42.17  ? 11  C   A P     1 
ATOM   192  O OP1   . C   A 1 11 ? 3.067   -9.949  -0.494  1.00 46.92  ? 11  C   A OP1   1 
ATOM   193  O OP2   . C   A 1 11 ? 2.698   -7.414  -0.320  1.00 39.99  ? 11  C   A OP2   1 
ATOM   194  O "O5'" . C   A 1 11 ? 0.942   -9.044  0.320   1.00 40.11  ? 11  C   A "O5'" 1 
ATOM   195  C "C5'" . C   A 1 11 ? 0.453   -10.349 0.561   1.00 35.58  ? 11  C   A "C5'" 1 
ATOM   196  C "C4'" . C   A 1 11 ? -1.054  -10.342 0.566   1.00 40.17  ? 11  C   A "C4'" 1 
ATOM   197  O "O4'" . C   A 1 11 ? -1.522  -9.447  1.611   1.00 40.28  ? 11  C   A "O4'" 1 
ATOM   198  C "C3'" . C   A 1 11 ? -1.657  -9.715  -0.667  1.00 42.49  ? 11  C   A "C3'" 1 
ATOM   199  O "O3'" . C   A 1 11 ? -1.703  -10.652 -1.728  1.00 43.64  ? 11  C   A "O3'" 1 
ATOM   200  C "C2'" . C   A 1 11 ? -3.060  -9.412  -0.175  1.00 40.60  ? 11  C   A "C2'" 1 
ATOM   201  O "O2'" . C   A 1 11 ? -3.803  -10.605 0.007   1.00 39.29  ? 11  C   A "O2'" 1 
ATOM   202  C "C1'" . C   A 1 11 ? -2.748  -8.842  1.203   1.00 39.65  ? 11  C   A "C1'" 1 
ATOM   203  N N1    . C   A 1 11 ? -2.591  -7.374  1.230   1.00 36.00  ? 11  C   A N1    1 
ATOM   204  C C2    . C   A 1 11 ? -3.727  -6.576  1.343   1.00 36.64  ? 11  C   A C2    1 
ATOM   205  O O2    . C   A 1 11 ? -4.841  -7.106  1.395   1.00 33.74  ? 11  C   A O2    1 
ATOM   206  N N3    . C   A 1 11 ? -3.589  -5.243  1.404   1.00 37.55  ? 11  C   A N3    1 
ATOM   207  C C4    . C   A 1 11 ? -2.388  -4.690  1.355   1.00 40.31  ? 11  C   A C4    1 
ATOM   208  N N4    . C   A 1 11 ? -2.326  -3.365  1.410   1.00 40.03  ? 11  C   A N4    1 
ATOM   209  C C5    . C   A 1 11 ? -1.207  -5.473  1.240   1.00 38.96  ? 11  C   A C5    1 
ATOM   210  C C6    . C   A 1 11 ? -1.355  -6.801  1.172   1.00 37.85  ? 11  C   A C6    1 
ATOM   211  P P     . G   A 1 12 ? -1.790  -10.118 -3.238  1.00 46.31  ? 12  G   A P     1 
ATOM   212  O OP1   . G   A 1 12 ? -1.650  -11.335 -4.101  1.00 48.63  ? 12  G   A OP1   1 
ATOM   213  O OP2   . G   A 1 12 ? -0.887  -8.961  -3.460  1.00 47.38  ? 12  G   A OP2   1 
ATOM   214  O "O5'" . G   A 1 12 ? -3.257  -9.509  -3.320  1.00 43.25  ? 12  G   A "O5'" 1 
ATOM   215  C "C5'" . G   A 1 12 ? -4.393  -10.352 -3.237  1.00 48.48  ? 12  G   A "C5'" 1 
ATOM   216  C "C4'" . G   A 1 12 ? -5.667  -9.535  -3.339  1.00 50.67  ? 12  G   A "C4'" 1 
ATOM   217  O "O4'" . G   A 1 12 ? -5.757  -8.665  -2.174  1.00 49.25  ? 12  G   A "O4'" 1 
ATOM   218  C "C3'" . G   A 1 12 ? -5.673  -8.531  -4.475  1.00 51.72  ? 12  G   A "C3'" 1 
ATOM   219  O "O3'" . G   A 1 12 ? -6.062  -9.132  -5.689  1.00 53.20  ? 12  G   A "O3'" 1 
ATOM   220  C "C2'" . G   A 1 12 ? -6.773  -7.595  -4.019  1.00 48.58  ? 12  G   A "C2'" 1 
ATOM   221  O "O2'" . G   A 1 12 ? -8.028  -8.221  -4.149  1.00 48.27  ? 12  G   A "O2'" 1 
ATOM   222  C "C1'" . G   A 1 12 ? -6.430  -7.469  -2.539  1.00 47.74  ? 12  G   A "C1'" 1 
ATOM   223  N N9    . G   A 1 12 ? -5.525  -6.343  -2.340  1.00 47.52  ? 12  G   A N9    1 
ATOM   224  C C8    . G   A 1 12 ? -4.158  -6.369  -2.220  1.00 46.14  ? 12  G   A C8    1 
ATOM   225  N N7    . G   A 1 12 ? -3.637  -5.183  -2.056  1.00 42.07  ? 12  G   A N7    1 
ATOM   226  C C5    . G   A 1 12 ? -4.728  -4.330  -2.070  1.00 41.87  ? 12  G   A C5    1 
ATOM   227  C C6    . G   A 1 12 ? -4.783  -2.931  -1.936  1.00 41.28  ? 12  G   A C6    1 
ATOM   228  O O6    . G   A 1 12 ? -3.848  -2.148  -1.765  1.00 45.80  ? 12  G   A O6    1 
ATOM   229  N N1    . G   A 1 12 ? -6.090  -2.454  -2.016  1.00 42.79  ? 12  G   A N1    1 
ATOM   230  C C2    . G   A 1 12 ? -7.208  -3.240  -2.203  1.00 48.67  ? 12  G   A C2    1 
ATOM   231  N N2    . G   A 1 12 ? -8.388  -2.592  -2.257  1.00 43.39  ? 12  G   A N2    1 
ATOM   232  N N3    . G   A 1 12 ? -7.166  -4.566  -2.330  1.00 47.21  ? 12  G   A N3    1 
ATOM   233  C C4    . G   A 1 12 ? -5.901  -5.033  -2.249  1.00 45.40  ? 12  G   A C4    1 
ATOM   234  P P     . G   A 1 13 ? -5.551  -8.511  -7.079  1.00 58.53  ? 13  G   A P     1 
ATOM   235  O OP1   . G   A 1 13 ? -6.071  -9.464  -8.114  1.00 58.19  ? 13  G   A OP1   1 
ATOM   236  O OP2   . G   A 1 13 ? -4.084  -8.240  -6.991  1.00 58.30  ? 13  G   A OP2   1 
ATOM   237  O "O5'" . G   A 1 13 ? -6.306  -7.109  -7.211  1.00 54.52  ? 13  G   A "O5'" 1 
ATOM   238  C "C5'" . G   A 1 13 ? -7.726  -7.057  -7.210  1.00 59.02  ? 13  G   A "C5'" 1 
ATOM   239  C "C4'" . G   A 1 13 ? -8.220  -5.621  -7.154  1.00 61.18  ? 13  G   A "C4'" 1 
ATOM   240  O "O4'" . G   A 1 13 ? -7.790  -5.035  -5.900  1.00 60.52  ? 13  G   A "O4'" 1 
ATOM   241  C "C3'" . G   A 1 13 ? -7.589  -4.690  -8.175  1.00 63.83  ? 13  G   A "C3'" 1 
ATOM   242  O "O3'" . G   A 1 13 ? -8.251  -4.774  -9.430  1.00 64.92  ? 13  G   A "O3'" 1 
ATOM   243  C "C2'" . G   A 1 13 ? -7.884  -3.338  -7.554  1.00 60.09  ? 13  G   A "C2'" 1 
ATOM   244  O "O2'" . G   A 1 13 ? -9.243  -3.006  -7.724  1.00 61.82  ? 13  G   A "O2'" 1 
ATOM   245  C "C1'" . G   A 1 13 ? -7.635  -3.638  -6.078  1.00 58.11  ? 13  G   A "C1'" 1 
ATOM   246  N N9    . G   A 1 13 ? -6.293  -3.241  -5.674  1.00 54.49  ? 13  G   A N9    1 
ATOM   247  C C8    . G   A 1 13 ? -5.166  -4.017  -5.521  1.00 52.46  ? 13  G   A C8    1 
ATOM   248  N N7    . G   A 1 13 ? -4.116  -3.326  -5.149  1.00 49.50  ? 13  G   A N7    1 
ATOM   249  C C5    . G   A 1 13 ? -4.584  -2.019  -5.051  1.00 50.71  ? 13  G   A C5    1 
ATOM   250  C C6    . G   A 1 13 ? -3.921  -0.820  -4.680  1.00 50.30  ? 13  G   A C6    1 
ATOM   251  O O6    . G   A 1 13 ? -2.734  -0.659  -4.350  1.00 48.85  ? 13  G   A O6    1 
ATOM   252  N N1    . G   A 1 13 ? -4.787  0.272   -4.715  1.00 49.28  ? 13  G   A N1    1 
ATOM   253  C C2    . G   A 1 13 ? -6.119  0.219   -5.061  1.00 51.00  ? 13  G   A C2    1 
ATOM   254  N N2    . G   A 1 13 ? -6.808  1.367   -5.048  1.00 52.92  ? 13  G   A N2    1 
ATOM   255  N N3    . G   A 1 13 ? -6.741  -0.882  -5.399  1.00 53.06  ? 13  G   A N3    1 
ATOM   256  C C4    . G   A 1 13 ? -5.923  -1.956  -5.373  1.00 54.58  ? 13  G   A C4    1 
ATOM   257  P P     . U   A 1 14 ? -7.564  -4.119  -10.726 1.00 68.46  ? 14  U   A P     1 
ATOM   258  O OP1   . U   A 1 14 ? -8.410  -4.505  -11.882 1.00 68.61  ? 14  U   A OP1   1 
ATOM   259  O OP2   . U   A 1 14 ? -6.115  -4.431  -10.744 1.00 65.01  ? 14  U   A OP2   1 
ATOM   260  O "O5'" . U   A 1 14 ? -7.715  -2.552  -10.477 1.00 69.13  ? 14  U   A "O5'" 1 
ATOM   261  C "C5'" . U   A 1 14 ? -9.004  -1.952  -10.402 1.00 67.78  ? 14  U   A "C5'" 1 
ATOM   262  C "C4'" . U   A 1 14 ? -8.888  -0.458  -10.177 1.00 67.07  ? 14  U   A "C4'" 1 
ATOM   263  O "O4'" . U   A 1 14 ? -8.382  -0.220  -8.835  1.00 66.26  ? 14  U   A "O4'" 1 
ATOM   264  C "C3'" . U   A 1 14 ? -7.849  0.210   -11.054 1.00 68.54  ? 14  U   A "C3'" 1 
ATOM   265  O "O3'" . U   A 1 14 ? -8.392  0.522   -12.337 1.00 68.17  ? 14  U   A "O3'" 1 
ATOM   266  C "C2'" . U   A 1 14 ? -7.584  1.485   -10.270 1.00 68.21  ? 14  U   A "C2'" 1 
ATOM   267  O "O2'" . U   A 1 14 ? -8.668  2.386   -10.390 1.00 70.02  ? 14  U   A "O2'" 1 
ATOM   268  C "C1'" . U   A 1 14 ? -7.555  0.941   -8.840  1.00 66.38  ? 14  U   A "C1'" 1 
ATOM   269  N N1    . U   A 1 14 ? -6.182  0.545   -8.498  1.00 65.81  ? 14  U   A N1    1 
ATOM   270  C C2    . U   A 1 14 ? -5.318  1.542   -8.068  1.00 66.11  ? 14  U   A C2    1 
ATOM   271  O O2    . U   A 1 14 ? -5.681  2.703   -7.902  1.00 66.76  ? 14  U   A O2    1 
ATOM   272  N N3    . U   A 1 14 ? -4.023  1.131   -7.847  1.00 63.24  ? 14  U   A N3    1 
ATOM   273  C C4    . U   A 1 14 ? -3.524  -0.150  -7.992  1.00 63.04  ? 14  U   A C4    1 
ATOM   274  O O4    . U   A 1 14 ? -2.334  -0.364  -7.756  1.00 62.82  ? 14  U   A O4    1 
ATOM   275  C C5    . U   A 1 14 ? -4.491  -1.128  -8.407  1.00 62.20  ? 14  U   A C5    1 
ATOM   276  C C6    . U   A 1 14 ? -5.753  -0.758  -8.634  1.00 62.81  ? 14  U   A C6    1 
ATOM   277  P P     . G   A 1 15 ? -7.393  0.865   -13.551 1.00 69.72  ? 15  G   A P     1 
ATOM   278  O OP1   . G   A 1 15 ? -8.208  1.289   -14.717 1.00 70.94  ? 15  G   A OP1   1 
ATOM   279  O OP2   . G   A 1 15 ? -6.442  -0.263  -13.695 1.00 70.69  ? 15  G   A OP2   1 
ATOM   280  O "O5'" . G   A 1 15 ? -6.598  2.150   -13.033 1.00 67.59  ? 15  G   A "O5'" 1 
ATOM   281  C "C5'" . G   A 1 15 ? -7.276  3.390   -12.882 1.00 65.03  ? 15  G   A "C5'" 1 
ATOM   282  C "C4'" . G   A 1 15 ? -6.298  4.526   -12.673 1.00 63.40  ? 15  G   A "C4'" 1 
ATOM   283  O "O4'" . G   A 1 15 ? -5.753  4.434   -11.337 1.00 62.09  ? 15  G   A "O4'" 1 
ATOM   284  C "C3'" . G   A 1 15 ? -5.071  4.457   -13.558 1.00 64.88  ? 15  G   A "C3'" 1 
ATOM   285  O "O3'" . G   A 1 15 ? -5.399  5.001   -14.830 1.00 64.46  ? 15  G   A "O3'" 1 
ATOM   286  C "C2'" . G   A 1 15 ? -4.106  5.343   -12.783 1.00 63.50  ? 15  G   A "C2'" 1 
ATOM   287  O "O2'" . G   A 1 15 ? -4.435  6.712   -12.889 1.00 66.48  ? 15  G   A "O2'" 1 
ATOM   288  C "C1'" . G   A 1 15 ? -4.416  4.903   -11.352 1.00 63.21  ? 15  G   A "C1'" 1 
ATOM   289  N N9    . G   A 1 15 ? -3.557  3.793   -10.973 1.00 62.89  ? 15  G   A N9    1 
ATOM   290  C C8    . G   A 1 15 ? -3.782  2.457   -11.193 1.00 62.39  ? 15  G   A C8    1 
ATOM   291  N N7    . G   A 1 15 ? -2.809  1.700   -10.766 1.00 64.75  ? 15  G   A N7    1 
ATOM   292  C C5    . G   A 1 15 ? -1.894  2.594   -10.226 1.00 60.00  ? 15  G   A C5    1 
ATOM   293  C C6    . G   A 1 15 ? -0.655  2.366   -9.608  1.00 57.00  ? 15  G   A C6    1 
ATOM   294  O O6    . G   A 1 15 ? -0.082  1.288   -9.407  1.00 53.11  ? 15  G   A O6    1 
ATOM   295  N N1    . G   A 1 15 ? -0.064  3.559   -9.198  1.00 56.27  ? 15  G   A N1    1 
ATOM   296  C C2    . G   A 1 15 ? -0.607  4.810   -9.369  1.00 56.74  ? 15  G   A C2    1 
ATOM   297  N N2    . G   A 1 15 ? 0.102   5.852   -8.915  1.00 55.36  ? 15  G   A N2    1 
ATOM   298  N N3    . G   A 1 15 ? -1.765  5.029   -9.944  1.00 55.77  ? 15  G   A N3    1 
ATOM   299  C C4    . G   A 1 15 ? -2.350  3.889   -10.344 1.00 59.52  ? 15  G   A C4    1 
ATOM   300  P P     A A   A 1 16 ? -4.339  4.946   -16.036 0.50 66.38  ? 16  A   A P     1 
ATOM   301  P P     B A   A 1 16 ? -5.171  4.101   -16.143 0.50 65.93  ? 16  A   A P     1 
ATOM   302  O OP1   A A   A 1 16 ? -5.123  4.961   -17.301 0.50 67.14  ? 16  A   A OP1   1 
ATOM   303  O OP1   B A   A 1 16 ? -6.502  3.800   -16.730 0.50 64.75  ? 16  A   A OP1   1 
ATOM   304  O OP2   A A   A 1 16 ? -3.386  3.837   -15.785 0.50 65.66  ? 16  A   A OP2   1 
ATOM   305  O OP2   B A   A 1 16 ? -4.267  2.982   -15.772 0.50 65.39  ? 16  A   A OP2   1 
ATOM   306  O "O5'" A A   A 1 16 ? -3.567  6.337   -15.943 0.50 65.06  ? 16  A   A "O5'" 1 
ATOM   307  O "O5'" B A   A 1 16 ? -4.379  5.064   -17.135 0.50 65.46  ? 16  A   A "O5'" 1 
ATOM   308  C "C5'" A A   A 1 16 ? -2.147  6.386   -15.840 0.50 66.97  ? 16  A   A "C5'" 1 
ATOM   309  C "C5'" B A   A 1 16 ? -2.980  5.303   -16.969 0.50 63.75  ? 16  A   A "C5'" 1 
ATOM   310  C "C4'" A A   A 1 16 ? -1.553  7.021   -17.078 0.50 67.84  ? 16  A   A "C4'" 1 
ATOM   311  C "C4'" B A   A 1 16 ? -2.421  5.949   -18.215 0.50 61.79  ? 16  A   A "C4'" 1 
ATOM   312  O "O4'" A A   A 1 16 ? -2.311  8.220   -17.369 0.50 68.06  ? 16  A   A "O4'" 1 
ATOM   313  O "O4'" B A   A 1 16 ? -3.185  7.161   -18.430 0.50 61.02  ? 16  A   A "O4'" 1 
ATOM   314  C "C3'" A A   A 1 16 ? -0.121  7.496   -16.895 0.50 68.76  ? 16  A   A "C3'" 1 
ATOM   315  C "C3'" B A   A 1 16 ? -0.984  6.434   -18.109 0.50 59.54  ? 16  A   A "C3'" 1 
ATOM   316  O "O3'" A A   A 1 16 ? 0.782   6.448   -17.257 0.50 70.86  ? 16  A   A "O3'" 1 
ATOM   317  O "O3'" B A   A 1 16 ? -0.084  5.392   -18.482 0.50 59.59  ? 16  A   A "O3'" 1 
ATOM   318  C "C2'" A A   A 1 16 ? -0.027  8.644   -17.893 0.50 68.31  ? 16  A   A "C2'" 1 
ATOM   319  C "C2'" B A   A 1 16 ? -0.964  7.537   -19.156 0.50 59.70  ? 16  A   A "C2'" 1 
ATOM   320  O "O2'" A A   A 1 16 ? 0.167   8.166   -19.211 0.50 68.09  ? 16  A   A "O2'" 1 
ATOM   321  O "O2'" B A   A 1 16 ? -0.948  7.010   -20.468 0.50 59.47  ? 16  A   A "O2'" 1 
ATOM   322  C "C1'" A A   A 1 16 ? -1.433  9.245   -17.804 0.50 68.30  ? 16  A   A "C1'" 1 
ATOM   323  C "C1'" B A   A 1 16 ? -2.336  8.173   -18.933 0.50 59.98  ? 16  A   A "C1'" 1 
ATOM   324  N N9    A A   A 1 16 ? -1.562  10.370  -16.877 0.50 68.83  ? 16  A   A N9    1 
ATOM   325  N N9    B A   A 1 16 ? -2.330  9.274   -17.973 0.50 58.97  ? 16  A   A N9    1 
ATOM   326  C C8    A A   A 1 16 ? -1.985  10.331  -15.566 0.50 68.46  ? 16  A   A C8    1 
ATOM   327  C C8    B A   A 1 16 ? -2.802  9.280   -16.680 0.50 58.60  ? 16  A   A C8    1 
ATOM   328  N N7    A A   A 1 16 ? -2.023  11.505  -14.986 0.50 66.39  ? 16  A   A N7    1 
ATOM   329  N N7    B A   A 1 16 ? -2.661  10.436  -16.071 0.50 59.63  ? 16  A   A N7    1 
ATOM   330  C C5    A A   A 1 16 ? -1.594  12.379  -15.976 0.50 67.74  ? 16  A   A C5    1 
ATOM   331  C C5    B A   A 1 16 ? -2.051  11.243  -17.027 0.50 58.50  ? 16  A   A C5    1 
ATOM   332  C C6    A A   A 1 16 ? -1.413  13.774  -15.993 0.50 67.18  ? 16  A   A C6    1 
ATOM   333  C C6    B A   A 1 16 ? -1.634  12.588  -17.008 0.50 57.54  ? 16  A   A C6    1 
ATOM   334  N N6    A A   A 1 16 ? -1.654  14.562  -14.943 0.50 64.77  ? 16  A   A N6    1 
ATOM   335  N N6    B A   A 1 16 ? -1.768  13.397  -15.947 0.50 58.64  ? 16  A   A N6    1 
ATOM   336  N N1    A A   A 1 16 ? -0.972  14.336  -17.140 0.50 67.00  ? 16  A   A N1    1 
ATOM   337  N N1    B A   A 1 16 ? -1.069  13.083  -18.131 0.50 53.61  ? 16  A   A N1    1 
ATOM   338  C C2    A A   A 1 16 ? -0.735  13.542  -18.193 0.50 65.99  ? 16  A   A C2    1 
ATOM   339  C C2    B A   A 1 16 ? -0.934  12.276  -19.190 0.50 55.50  ? 16  A   A C2    1 
ATOM   340  N N3    A A   A 1 16 ? -0.866  12.222  -18.302 0.50 66.41  ? 16  A   A N3    1 
ATOM   341  N N3    B A   A 1 16 ? -1.282  11.002  -19.330 0.50 56.03  ? 16  A   A N3    1 
ATOM   342  C C4    A A   A 1 16 ? -1.302  11.694  -17.146 0.50 67.85  ? 16  A   A C4    1 
ATOM   343  C C4    B A   A 1 16 ? -1.843  10.538  -18.199 0.50 57.64  ? 16  A   A C4    1 
ATOM   344  P P     A A   A 1 17 ? 2.222   6.348   -16.545 0.50 70.52  ? 17  A   A P     1 
ATOM   345  P P     B A   A 1 17 ? 1.134   4.998   -17.502 0.50 59.89  ? 17  A   A P     1 
ATOM   346  O OP1   A A   A 1 17 ? 2.369   4.960   -16.053 0.50 72.07  ? 17  A   A OP1   1 
ATOM   347  O OP1   B A   A 1 17 ? 1.478   3.583   -17.795 0.50 59.30  ? 17  A   A OP1   1 
ATOM   348  O OP2   A A   A 1 17 ? 2.367   7.481   -15.599 0.50 71.94  ? 17  A   A OP2   1 
ATOM   349  O OP2   B A   A 1 17 ? 0.786   5.391   -16.119 0.50 59.29  ? 17  A   A OP2   1 
ATOM   350  O "O5'" A A   A 1 17 ? 3.266   6.552   -17.733 0.50 73.12  ? 17  A   A "O5'" 1 
ATOM   351  O "O5'" B A   A 1 17 ? 2.345   5.932   -17.958 0.50 63.51  ? 17  A   A "O5'" 1 
ATOM   352  C "C5'" A A   A 1 17 ? 3.367   5.591   -18.780 0.50 76.03  ? 17  A   A "C5'" 1 
ATOM   353  C "C5'" B A   A 1 17 ? 3.007   5.725   -19.209 0.50 69.67  ? 17  A   A "C5'" 1 
ATOM   354  C "C4'" A A   A 1 17 ? 4.071   6.187   -19.982 0.50 78.03  ? 17  A   A "C4'" 1 
ATOM   355  C "C4'" B A   A 1 17 ? 3.923   6.894   -19.530 0.50 72.79  ? 17  A   A "C4'" 1 
ATOM   356  O "O4'" A A   A 1 17 ? 3.361   7.394   -20.356 0.50 79.39  ? 17  A   A "O4'" 1 
ATOM   357  O "O4'" B A   A 1 17 ? 3.142   8.095   -19.388 0.50 74.15  ? 17  A   A "O4'" 1 
ATOM   358  C "C3'" A A   A 1 17 ? 5.486   6.664   -19.707 0.50 78.54  ? 17  A   A "C3'" 1 
ATOM   359  C "C3'" B A   A 1 17 ? 5.086   7.093   -18.565 0.50 73.59  ? 17  A   A "C3'" 1 
ATOM   360  O "O3'" A A   A 1 17 ? 6.388   5.580   -19.912 0.50 77.91  ? 17  A   A "O3'" 1 
ATOM   361  O "O3'" B A   A 1 17 ? 6.245   6.415   -19.054 0.50 75.54  ? 17  A   A "O3'" 1 
ATOM   362  C "C2'" A A   A 1 17 ? 5.681   7.729   -20.781 0.50 79.74  ? 17  A   A "C2'" 1 
ATOM   363  C "C2'" B A   A 1 17 ? 5.352   8.602   -18.628 0.50 75.09  ? 17  A   A "C2'" 1 
ATOM   364  O "O2'" A A   A 1 17 ? 5.985   7.143   -22.035 0.50 78.89  ? 17  A   A "O2'" 1 
ATOM   365  O "O2'" B A   A 1 17 ? 6.333   8.919   -19.603 0.50 76.11  ? 17  A   A "O2'" 1 
ATOM   366  C "C1'" A A   A 1 17 ? 4.281   8.349   -20.861 0.50 79.84  ? 17  A   A "C1'" 1 
ATOM   367  C "C1'" B A   A 1 17 ? 4.010   9.167   -19.110 0.50 76.14  ? 17  A   A "C1'" 1 
ATOM   368  N N9    A A   A 1 17 ? 4.131   9.579   -20.084 0.50 79.34  ? 17  A   A N9    1 
ATOM   369  N N9    B A   A 1 17 ? 3.331   10.124  -18.235 0.50 79.11  ? 17  A   A N9    1 
ATOM   370  C C8    A A   A 1 17 ? 4.599   9.851   -18.821 0.50 79.09  ? 17  A   A C8    1 
ATOM   371  C C8    B A   A 1 17 ? 3.015   10.042  -16.903 0.50 79.42  ? 17  A   A C8    1 
ATOM   372  N N7    A A   A 1 17 ? 4.288   11.048  -18.389 0.50 79.47  ? 17  A   A N7    1 
ATOM   373  N N7    B A   A 1 17 ? 2.412   11.112  -16.439 0.50 80.33  ? 17  A   A N7    1 
ATOM   374  C C5    A A   A 1 17 ? 3.568   11.604  -19.438 0.50 78.54  ? 17  A   A C5    1 
ATOM   375  C C5    B A   A 1 17 ? 2.324   11.952  -17.541 0.50 80.41  ? 17  A   A C5    1 
ATOM   376  C C6    A A   A 1 17 ? 2.957   12.856  -19.603 0.50 78.26  ? 17  A   A C6    1 
ATOM   377  C C6    B A   A 1 17 ? 1.788   13.249  -17.721 0.50 81.45  ? 17  A   A C6    1 
ATOM   378  N N6    A A   A 1 17 ? 2.973   13.813  -18.676 0.50 77.57  ? 17  A   A N6    1 
ATOM   379  N N6    B A   A 1 17 ? 1.213   13.965  -16.752 0.50 81.10  ? 17  A   A N6    1 
ATOM   380  N N1    A A   A 1 17 ? 2.320   13.094  -20.770 0.50 77.57  ? 17  A   A N1    1 
ATOM   381  N N1    B A   A 1 17 ? 1.866   13.792  -18.955 0.50 80.77  ? 17  A   A N1    1 
ATOM   382  C C2    A A   A 1 17 ? 2.305   12.130  -21.699 0.50 76.96  ? 17  A   A C2    1 
ATOM   383  C C2    B A   A 1 17 ? 2.439   13.081  -19.933 0.50 80.51  ? 17  A   A C2    1 
ATOM   384  N N3    A A   A 1 17 ? 2.843   10.915  -21.661 0.50 77.14  ? 17  A   A N3    1 
ATOM   385  N N3    B A   A 1 17 ? 2.974   11.864  -19.890 0.50 80.26  ? 17  A   A N3    1 
ATOM   386  C C4    A A   A 1 17 ? 3.467   10.713  -20.489 0.50 78.11  ? 17  A   A C4    1 
ATOM   387  C C4    B A   A 1 17 ? 2.884   11.352  -18.653 0.50 80.00  ? 17  A   A C4    1 
ATOM   388  P P     A G   A 1 18 ? 7.948   5.768   -19.590 0.50 76.28  ? 18  G   A P     1 
ATOM   389  P P     B G   A 1 18 ? 6.497   4.871   -18.684 0.50 75.50  ? 18  G   A P     1 
ATOM   390  O OP1   A G   A 1 18 ? 8.360   7.073   -20.172 0.50 75.40  ? 18  G   A OP1   1 
ATOM   391  O OP1   B G   A 1 18 ? 6.627   4.094   -19.944 0.50 74.49  ? 18  G   A OP1   1 
ATOM   392  O OP2   A G   A 1 18 ? 8.657   4.526   -19.992 0.50 77.35  ? 18  G   A OP2   1 
ATOM   393  O OP2   B G   A 1 18 ? 5.484   4.474   -17.675 0.50 77.53  ? 18  G   A OP2   1 
ATOM   394  O "O5'" A G   A 1 18 ? 8.011   5.883   -18.004 0.50 75.36  ? 18  G   A "O5'" 1 
ATOM   395  O "O5'" B G   A 1 18 ? 7.929   4.873   -17.990 0.50 74.84  ? 18  G   A "O5'" 1 
ATOM   396  C "C5'" A G   A 1 18 ? 8.925   6.779   -17.387 0.50 74.48  ? 18  G   A "C5'" 1 
ATOM   397  C "C5'" B G   A 1 18 ? 8.647   6.086   -17.796 0.50 73.75  ? 18  G   A "C5'" 1 
ATOM   398  C "C4'" A G   A 1 18 ? 9.531   6.161   -16.143 0.50 73.63  ? 18  G   A "C4'" 1 
ATOM   399  C "C4'" B G   A 1 18 ? 9.383   6.036   -16.483 0.50 73.01  ? 18  G   A "C4'" 1 
ATOM   400  O "O4'" A G   A 1 18 ? 8.474   5.960   -15.169 0.50 71.89  ? 18  G   A "O4'" 1 
ATOM   401  O "O4'" B G   A 1 18 ? 8.411   6.080   -15.401 0.50 70.96  ? 18  G   A "O4'" 1 
ATOM   402  C "C3'" A G   A 1 18 ? 10.063  4.752   -16.330 0.50 74.18  ? 18  G   A "C3'" 1 
ATOM   403  C "C3'" B G   A 1 18 ? 10.097  4.718   -16.263 0.50 73.56  ? 18  G   A "C3'" 1 
ATOM   404  O "O3'" A G   A 1 18 ? 11.378  4.769   -16.875 0.50 75.98  ? 18  G   A "O3'" 1 
ATOM   405  O "O3'" B G   A 1 18 ? 11.387  4.761   -16.861 0.50 75.70  ? 18  G   A "O3'" 1 
ATOM   406  C "C2'" A G   A 1 18 ? 10.116  4.270   -14.888 0.50 73.21  ? 18  G   A "C2'" 1 
ATOM   407  C "C2'" B G   A 1 18 ? 10.198  4.678   -14.748 0.50 72.44  ? 18  G   A "C2'" 1 
ATOM   408  O "O2'" A G   A 1 18 ? 11.217  4.836   -14.198 0.50 74.17  ? 18  G   A "O2'" 1 
ATOM   409  O "O2'" B G   A 1 18 ? 11.174  5.588   -14.274 0.50 72.89  ? 18  G   A "O2'" 1 
ATOM   410  C "C1'" A G   A 1 18 ? 8.826   4.873   -14.324 0.50 70.60  ? 18  G   A "C1'" 1 
ATOM   411  C "C1'" B G   A 1 18 ? 8.813   5.200   -14.361 0.50 69.40  ? 18  G   A "C1'" 1 
ATOM   412  N N9    A G   A 1 18 ? 7.750   3.890   -14.339 0.50 67.50  ? 18  G   A N9    1 
ATOM   413  N N9    B G   A 1 18 ? 7.842   4.117   -14.295 0.50 65.26  ? 18  G   A N9    1 
ATOM   414  C C8    A G   A 1 18 ? 6.640   3.867   -15.150 0.50 67.27  ? 18  G   A C8    1 
ATOM   415  C C8    B G   A 1 18 ? 6.702   3.978   -15.052 0.50 65.02  ? 18  G   A C8    1 
ATOM   416  N N7    A G   A 1 18 ? 5.887   2.816   -14.957 0.50 65.35  ? 18  G   A N7    1 
ATOM   417  N N7    B G   A 1 18 ? 6.045   2.878   -14.800 0.50 62.98  ? 18  G   A N7    1 
ATOM   418  C C5    A G   A 1 18 ? 6.533   2.112   -13.951 0.50 64.82  ? 18  G   A C5    1 
ATOM   419  C C5    B G   A 1 18 ? 6.792   2.255   -13.808 0.50 62.18  ? 18  G   A C5    1 
ATOM   420  C C6    A G   A 1 18 ? 6.193   0.889   -13.320 0.50 63.99  ? 18  G   A C6    1 
ATOM   421  C C6    B G   A 1 18 ? 6.577   1.026   -13.137 0.50 60.85  ? 18  G   A C6    1 
ATOM   422  O O6    A G   A 1 18 ? 5.223   0.158   -13.532 0.50 65.20  ? 18  G   A O6    1 
ATOM   423  O O6    B G   A 1 18 ? 5.660   0.214   -13.287 0.50 59.87  ? 18  G   A O6    1 
ATOM   424  N N1    A G   A 1 18 ? 7.123   0.537   -12.349 0.50 64.20  ? 18  G   A N1    1 
ATOM   425  N N1    B G   A 1 18 ? 7.577   0.775   -12.202 0.50 61.49  ? 18  G   A N1    1 
ATOM   426  C C2    A G   A 1 18 ? 8.242   1.268   -12.024 0.50 64.70  ? 18  G   A C2    1 
ATOM   427  C C2    B G   A 1 18 ? 8.648   1.599   -11.948 0.50 61.30  ? 18  G   A C2    1 
ATOM   428  N N2    A G   A 1 18 ? 9.019   0.757   -11.056 0.50 64.77  ? 18  G   A N2    1 
ATOM   429  N N2    B G   A 1 18 ? 9.505   1.178   -11.007 0.50 62.14  ? 18  G   A N2    1 
ATOM   430  N N3    A G   A 1 18 ? 8.572   2.409   -12.605 0.50 64.57  ? 18  G   A N3    1 
ATOM   431  N N3    B G   A 1 18 ? 8.862   2.748   -12.570 0.50 61.40  ? 18  G   A N3    1 
ATOM   432  C C4    A G   A 1 18 ? 7.680   2.769   -13.552 0.50 66.06  ? 18  G   A C4    1 
ATOM   433  C C4    B G   A 1 18 ? 7.900   3.011   -13.481 0.50 63.39  ? 18  G   A C4    1 
ATOM   434  P P     . U   A 1 19 ? 11.955  3.448   -17.597 1.00 79.33  ? 19  U   A P     1 
ATOM   435  O OP1   . U   A 1 19 ? 13.311  3.767   -18.120 1.00 79.24  ? 19  U   A OP1   1 
ATOM   436  O OP2   . U   A 1 19 ? 10.907  2.929   -18.525 1.00 77.61  ? 19  U   A OP2   1 
ATOM   437  O "O5'" . U   A 1 19 ? 12.131  2.407   -16.403 1.00 76.75  ? 19  U   A "O5'" 1 
ATOM   438  C "C5'" . U   A 1 19 ? 13.049  2.670   -15.349 1.00 75.33  ? 19  U   A "C5'" 1 
ATOM   439  C "C4'" . U   A 1 19 ? 13.143  1.480   -14.425 1.00 74.66  ? 19  U   A "C4'" 1 
ATOM   440  O "O4'" . U   A 1 19 ? 11.850  1.280   -13.802 1.00 73.65  ? 19  U   A "O4'" 1 
ATOM   441  C "C3'" . U   A 1 19 ? 13.373  0.165   -15.142 1.00 75.46  ? 19  U   A "C3'" 1 
ATOM   442  O "O3'" . U   A 1 19 ? 14.763  -0.022  -15.379 1.00 76.70  ? 19  U   A "O3'" 1 
ATOM   443  C "C2'" . U   A 1 19 ? 12.870  -0.841  -14.120 1.00 73.50  ? 19  U   A "C2'" 1 
ATOM   444  O "O2'" . U   A 1 19 ? 13.805  -1.022  -13.072 1.00 75.25  ? 19  U   A "O2'" 1 
ATOM   445  C "C1'" . U   A 1 19 ? 11.655  -0.104  -13.556 1.00 71.52  ? 19  U   A "C1'" 1 
ATOM   446  N N1    . U   A 1 19 ? 10.398  -0.530  -14.186 1.00 67.45  ? 19  U   A N1    1 
ATOM   447  C C2    . U   A 1 19 ? 9.859   -1.710  -13.739 1.00 66.25  ? 19  U   A C2    1 
ATOM   448  O O2    . U   A 1 19 ? 10.382  -2.368  -12.864 1.00 69.51  ? 19  U   A O2    1 
ATOM   449  N N3    . U   A 1 19 ? 8.691   -2.093  -14.349 1.00 64.62  ? 19  U   A N3    1 
ATOM   450  C C4    . U   A 1 19 ? 8.017   -1.418  -15.343 1.00 65.74  ? 19  U   A C4    1 
ATOM   451  O O4    . U   A 1 19 ? 6.959   -1.887  -15.791 1.00 62.78  ? 19  U   A O4    1 
ATOM   452  C C5    . U   A 1 19 ? 8.642   -0.191  -15.754 1.00 63.82  ? 19  U   A C5    1 
ATOM   453  C C6    . U   A 1 19 ? 9.783   0.199   -15.174 1.00 64.51  ? 19  U   A C6    1 
ATOM   454  P P     . C   A 1 20 ? 15.238  -0.850  -16.669 1.00 76.79  ? 20  C   A P     1 
ATOM   455  O OP1   . C   A 1 20 ? 16.633  -0.426  -16.964 1.00 79.09  ? 20  C   A OP1   1 
ATOM   456  O OP2   . C   A 1 20 ? 14.190  -0.718  -17.716 1.00 76.39  ? 20  C   A OP2   1 
ATOM   457  O "O5'" . C   A 1 20 ? 15.242  -2.362  -16.171 1.00 75.31  ? 20  C   A "O5'" 1 
ATOM   458  C "C5'" . C   A 1 20 ? 15.992  -2.742  -15.025 1.00 74.35  ? 20  C   A "C5'" 1 
ATOM   459  C "C4'" . C   A 1 20 ? 15.508  -4.075  -14.487 1.00 74.19  ? 20  C   A "C4'" 1 
ATOM   460  O "O4'" . C   A 1 20 ? 14.130  -3.928  -14.051 1.00 72.53  ? 20  C   A "O4'" 1 
ATOM   461  C "C3'" . C   A 1 20 ? 15.394  -5.165  -15.534 1.00 75.29  ? 20  C   A "C3'" 1 
ATOM   462  O "O3'" . C   A 1 20 ? 16.669  -5.768  -15.746 1.00 79.29  ? 20  C   A "O3'" 1 
ATOM   463  C "C2'" . C   A 1 20 ? 14.451  -6.141  -14.839 1.00 72.37  ? 20  C   A "C2'" 1 
ATOM   464  O "O2'" . C   A 1 20 ? 15.119  -6.867  -13.820 1.00 72.61  ? 20  C   A "O2'" 1 
ATOM   465  C "C1'" . C   A 1 20 ? 13.467  -5.178  -14.171 1.00 68.91  ? 20  C   A "C1'" 1 
ATOM   466  N N1    . C   A 1 20 ? 12.248  -4.990  -14.965 1.00 63.52  ? 20  C   A N1    1 
ATOM   467  C C2    . C   A 1 20 ? 11.269  -5.966  -14.909 1.00 63.75  ? 20  C   A C2    1 
ATOM   468  O O2    . C   A 1 20 ? 11.464  -6.955  -14.183 1.00 65.96  ? 20  C   A O2    1 
ATOM   469  N N3    . C   A 1 20 ? 10.140  -5.814  -15.645 1.00 60.68  ? 20  C   A N3    1 
ATOM   470  C C4    . C   A 1 20 ? 9.981   -4.733  -16.410 1.00 60.96  ? 20  C   A C4    1 
ATOM   471  N N4    . C   A 1 20 ? 8.862   -4.620  -17.110 1.00 57.31  ? 20  C   A N4    1 
ATOM   472  C C5    . C   A 1 20 ? 10.970  -3.720  -16.483 1.00 58.77  ? 20  C   A C5    1 
ATOM   473  C C6    . C   A 1 20 ? 12.077  -3.885  -15.749 1.00 61.50  ? 20  C   A C6    1 
ATOM   474  P P     . G   A 1 21 ? 16.914  -6.682  -17.051 1.00 81.09  ? 21  G   A P     1 
ATOM   475  O OP1   . G   A 1 21 ? 18.327  -7.146  -16.934 1.00 81.63  ? 21  G   A OP1   1 
ATOM   476  O OP2   . G   A 1 21 ? 16.480  -5.937  -18.266 1.00 78.52  ? 21  G   A OP2   1 
ATOM   477  O "O5'" . G   A 1 21 ? 15.943  -7.936  -16.842 1.00 77.84  ? 21  G   A "O5'" 1 
ATOM   478  C "C5'" . G   A 1 21 ? 16.175  -8.858  -15.777 1.00 76.74  ? 21  G   A "C5'" 1 
ATOM   479  C "C4'" . G   A 1 21 ? 15.098  -9.932  -15.730 1.00 76.51  ? 21  G   A "C4'" 1 
ATOM   480  O "O4'" . G   A 1 21 ? 13.828  -9.302  -15.429 1.00 74.47  ? 21  G   A "O4'" 1 
ATOM   481  C "C3'" . G   A 1 21 ? 14.816  -10.604 -17.058 1.00 76.81  ? 21  G   A "C3'" 1 
ATOM   482  O "O3'" . G   A 1 21 ? 15.751  -11.650 -17.292 1.00 80.87  ? 21  G   A "O3'" 1 
ATOM   483  C "C2'" . G   A 1 21 ? 13.432  -11.191 -16.810 1.00 75.05  ? 21  G   A "C2'" 1 
ATOM   484  O "O2'" . G   A 1 21 ? 13.476  -12.341 -15.980 1.00 74.95  ? 21  G   A "O2'" 1 
ATOM   485  C "C1'" . G   A 1 21 ? 12.779  -10.067 -16.010 1.00 71.93  ? 21  G   A "C1'" 1 
ATOM   486  N N9    . G   A 1 21 ? 11.986  -9.194  -16.863 1.00 66.91  ? 21  G   A N9    1 
ATOM   487  C C8    . G   A 1 21 ? 12.317  -7.938  -17.318 1.00 65.69  ? 21  G   A C8    1 
ATOM   488  N N7    . G   A 1 21 ? 11.381  -7.397  -18.046 1.00 63.04  ? 21  G   A N7    1 
ATOM   489  C C5    . G   A 1 21 ? 10.382  -8.357  -18.078 1.00 61.99  ? 21  G   A C5    1 
ATOM   490  C C6    . G   A 1 21 ? 9.133   -8.331  -18.705 1.00 60.04  ? 21  G   A C6    1 
ATOM   491  O O6    . G   A 1 21 ? 8.643   -7.420  -19.381 1.00 58.12  ? 21  G   A O6    1 
ATOM   492  N N1    . G   A 1 21 ? 8.428   -9.514  -18.486 1.00 58.56  ? 21  G   A N1    1 
ATOM   493  C C2    . G   A 1 21 ? 8.883   -10.579 -17.748 1.00 61.09  ? 21  G   A C2    1 
ATOM   494  N N2    . G   A 1 21 ? 8.068   -11.636 -17.650 1.00 58.83  ? 21  G   A N2    1 
ATOM   495  N N3    . G   A 1 21 ? 10.059  -10.608 -17.152 1.00 62.05  ? 21  G   A N3    1 
ATOM   496  C C4    . G   A 1 21 ? 10.748  -9.472  -17.357 1.00 62.19  ? 21  G   A C4    1 
ATOM   497  P P     . C   A 1 22 ? 16.048  -12.113 -18.805 1.00 83.81  ? 22  C   A P     1 
ATOM   498  O OP1   . C   A 1 22 ? 17.080  -13.186 -18.734 1.00 82.65  ? 22  C   A OP1   1 
ATOM   499  O OP2   . C   A 1 22 ? 16.307  -10.895 -19.617 1.00 83.08  ? 22  C   A OP2   1 
ATOM   500  O "O5'" . C   A 1 22 ? 14.664  -12.745 -19.297 1.00 79.70  ? 22  C   A "O5'" 1 
ATOM   501  C "C5'" . C   A 1 22 ? 14.086  -13.838 -18.594 1.00 75.39  ? 22  C   A "C5'" 1 
ATOM   502  C "C4'" . C   A 1 22 ? 12.718  -14.170 -19.145 1.00 74.35  ? 22  C   A "C4'" 1 
ATOM   503  O "O4'" . C   A 1 22 ? 11.834  -13.035 -18.961 1.00 73.04  ? 22  C   A "O4'" 1 
ATOM   504  C "C3'" . C   A 1 22 ? 12.680  -14.330 -20.649 1.00 74.03  ? 22  C   A "C3'" 1 
ATOM   505  O "O3'" . C   A 1 22 ? 13.287  -15.527 -21.127 1.00 76.22  ? 22  C   A "O3'" 1 
ATOM   506  C "C2'" . C   A 1 22 ? 11.186  -14.210 -20.929 1.00 73.18  ? 22  C   A "C2'" 1 
ATOM   507  O "O2'" . C   A 1 22 ? 10.501  -15.414 -20.622 1.00 72.88  ? 22  C   A "O2'" 1 
ATOM   508  C "C1'" . C   A 1 22 ? 10.772  -13.146 -19.903 1.00 72.28  ? 22  C   A "C1'" 1 
ATOM   509  N N1    . C   A 1 22 ? 10.521  -11.839 -20.528 1.00 69.57  ? 22  C   A N1    1 
ATOM   510  C C2    . C   A 1 22 ? 9.243   -11.591 -21.052 1.00 69.05  ? 22  C   A C2    1 
ATOM   511  O O2    . C   A 1 22 ? 8.366   -12.476 -20.946 1.00 67.78  ? 22  C   A O2    1 
ATOM   512  N N3    . C   A 1 22 ? 8.997   -10.406 -21.657 1.00 67.78  ? 22  C   A N3    1 
ATOM   513  C C4    . C   A 1 22 ? 9.968   -9.490  -21.744 1.00 67.00  ? 22  C   A C4    1 
ATOM   514  N N4    . C   A 1 22 ? 9.689   -8.337  -22.353 1.00 66.36  ? 22  C   A N4    1 
ATOM   515  C C5    . C   A 1 22 ? 11.272  -9.716  -21.209 1.00 65.42  ? 22  C   A C5    1 
ATOM   516  C C6    . C   A 1 22 ? 11.502  -10.889 -20.612 1.00 67.23  ? 22  C   A C6    1 
ATOM   517  P P     . G   B 1 2  ? 0.523   -5.099  -25.656 1.00 103.56 ? 24  G   B P     1 
ATOM   518  O OP1   . G   B 1 2  ? 1.918   -4.538  -25.414 1.00 100.72 ? 24  G   B OP1   1 
ATOM   519  O OP2   . G   B 1 2  ? 0.033   -4.834  -27.074 1.00 102.80 ? 24  G   B OP2   1 
ATOM   520  O "O5'" . G   B 1 2  ? 0.674   -6.716  -25.522 1.00 100.61 ? 24  G   B "O5'" 1 
ATOM   521  C "C5'" . G   B 1 2  ? -0.466  -7.577  -25.698 1.00 95.73  ? 24  G   B "C5'" 1 
ATOM   522  C "C4'" . G   B 1 2  ? -0.134  -8.978  -25.247 1.00 91.59  ? 24  G   B "C4'" 1 
ATOM   523  O "O4'" . G   B 1 2  ? 1.047   -9.422  -25.968 1.00 89.27  ? 24  G   B "O4'" 1 
ATOM   524  C "C3'" . G   B 1 2  ? 0.302   -9.059  -23.798 1.00 90.12  ? 24  G   B "C3'" 1 
ATOM   525  O "O3'" . G   B 1 2  ? -0.837  -9.173  -22.963 1.00 91.42  ? 24  G   B "O3'" 1 
ATOM   526  C "C2'" . G   B 1 2  ? 1.101   -10.349 -23.795 1.00 87.83  ? 24  G   B "C2'" 1 
ATOM   527  O "O2'" . G   B 1 2  ? 0.252   -11.474 -23.895 1.00 87.44  ? 24  G   B "O2'" 1 
ATOM   528  C "C1'" . G   B 1 2  ? 1.868   -10.200 -25.106 1.00 85.19  ? 24  G   B "C1'" 1 
ATOM   529  N N9    . G   B 1 2  ? 3.103   -9.462  -24.890 1.00 78.57  ? 24  G   B N9    1 
ATOM   530  C C8    . G   B 1 2  ? 3.377   -8.176  -25.287 1.00 76.52  ? 24  G   B C8    1 
ATOM   531  N N7    . G   B 1 2  ? 4.554   -7.767  -24.907 1.00 73.18  ? 24  G   B N7    1 
ATOM   532  C C5    . G   B 1 2  ? 5.091   -8.850  -24.231 1.00 71.99  ? 24  G   B C5    1 
ATOM   533  C C6    . G   B 1 2  ? 6.329   -8.990  -23.600 1.00 69.85  ? 24  G   B C6    1 
ATOM   534  O O6    . G   B 1 2  ? 7.226   -8.151  -23.507 1.00 69.83  ? 24  G   B O6    1 
ATOM   535  N N1    . G   B 1 2  ? 6.483   -10.257 -23.034 1.00 68.38  ? 24  G   B N1    1 
ATOM   536  C C2    . G   B 1 2  ? 5.547   -11.255 -23.075 1.00 68.88  ? 24  G   B C2    1 
ATOM   537  N N2    . G   B 1 2  ? 5.885   -12.405 -22.471 1.00 68.58  ? 24  G   B N2    1 
ATOM   538  N N3    . G   B 1 2  ? 4.368   -11.131 -23.665 1.00 72.53  ? 24  G   B N3    1 
ATOM   539  C C4    . G   B 1 2  ? 4.211   -9.908  -24.220 1.00 74.57  ? 24  G   B C4    1 
ATOM   540  P P     . C   B 1 3  ? -0.811  -8.502  -21.505 1.00 91.32  ? 25  C   B P     1 
ATOM   541  O OP1   . C   B 1 3  ? -2.216  -8.473  -21.020 1.00 91.85  ? 25  C   B OP1   1 
ATOM   542  O OP2   . C   B 1 3  ? -0.033  -7.236  -21.592 1.00 90.39  ? 25  C   B OP2   1 
ATOM   543  O "O5'" . C   B 1 3  ? 0.015   -9.544  -20.631 1.00 87.97  ? 25  C   B "O5'" 1 
ATOM   544  C "C5'" . C   B 1 3  ? -0.350  -10.916 -20.615 1.00 82.44  ? 25  C   B "C5'" 1 
ATOM   545  C "C4'" . C   B 1 3  ? 0.724   -11.737 -19.949 1.00 78.57  ? 25  C   B "C4'" 1 
ATOM   546  O "O4'" . C   B 1 3  ? 1.925   -11.662 -20.757 1.00 75.96  ? 25  C   B "O4'" 1 
ATOM   547  C "C3'" . C   B 1 3  ? 1.194   -11.177 -18.622 1.00 78.37  ? 25  C   B "C3'" 1 
ATOM   548  O "O3'" . C   B 1 3  ? 0.332   -11.592 -17.574 1.00 80.66  ? 25  C   B "O3'" 1 
ATOM   549  C "C2'" . C   B 1 3  ? 2.541   -11.862 -18.478 1.00 75.66  ? 25  C   B "C2'" 1 
ATOM   550  O "O2'" . C   B 1 3  ? 2.382   -13.223 -18.139 1.00 76.39  ? 25  C   B "O2'" 1 
ATOM   551  C "C1'" . C   B 1 3  ? 3.061   -11.777 -19.912 1.00 71.95  ? 25  C   B "C1'" 1 
ATOM   552  N N1    . C   B 1 3  ? 3.901   -10.593 -20.094 1.00 66.18  ? 25  C   B N1    1 
ATOM   553  C C2    . C   B 1 3  ? 5.154   -10.582 -19.503 1.00 65.30  ? 25  C   B C2    1 
ATOM   554  O O2    . C   B 1 3  ? 5.517   -11.588 -18.867 1.00 67.48  ? 25  C   B O2    1 
ATOM   555  N N3    . C   B 1 3  ? 5.936   -9.485  -19.634 1.00 59.88  ? 25  C   B N3    1 
ATOM   556  C C4    . C   B 1 3  ? 5.496   -8.435  -20.328 1.00 61.87  ? 25  C   B C4    1 
ATOM   557  N N4    . C   B 1 3  ? 6.284   -7.368  -20.433 1.00 61.65  ? 25  C   B N4    1 
ATOM   558  C C5    . C   B 1 3  ? 4.221   -8.428  -20.950 1.00 61.81  ? 25  C   B C5    1 
ATOM   559  C C6    . C   B 1 3  ? 3.465   -9.519  -20.813 1.00 64.10  ? 25  C   B C6    1 
ATOM   560  P P     . G   B 1 4  ? 0.214   -10.698 -16.239 1.00 82.52  ? 26  G   B P     1 
ATOM   561  O OP1   . G   B 1 4  ? -0.927  -11.262 -15.470 1.00 82.81  ? 26  G   B OP1   1 
ATOM   562  O OP2   . G   B 1 4  ? 0.212   -9.257  -16.621 1.00 80.20  ? 26  G   B OP2   1 
ATOM   563  O "O5'" . G   B 1 4  ? 1.540   -11.021 -15.419 1.00 77.21  ? 26  G   B "O5'" 1 
ATOM   564  C "C5'" . G   B 1 4  ? 1.681   -12.274 -14.767 1.00 75.94  ? 26  G   B "C5'" 1 
ATOM   565  C "C4'" . G   B 1 4  ? 3.055   -12.407 -14.154 1.00 74.39  ? 26  G   B "C4'" 1 
ATOM   566  O "O4'" . G   B 1 4  ? 4.041   -12.307 -15.220 1.00 73.06  ? 26  G   B "O4'" 1 
ATOM   567  C "C3'" . G   B 1 4  ? 3.436   -11.264 -13.234 1.00 73.42  ? 26  G   B "C3'" 1 
ATOM   568  O "O3'" . G   B 1 4  ? 2.925   -11.490 -11.923 1.00 74.91  ? 26  G   B "O3'" 1 
ATOM   569  C "C2'" . G   B 1 4  ? 4.950   -11.400 -13.236 1.00 72.57  ? 26  G   B "C2'" 1 
ATOM   570  O "O2'" . G   B 1 4  ? 5.335   -12.525 -12.464 1.00 70.59  ? 26  G   B "O2'" 1 
ATOM   571  C "C1'" . G   B 1 4  ? 5.214   -11.665 -14.723 1.00 70.28  ? 26  G   B "C1'" 1 
ATOM   572  N N9    . G   B 1 4  ? 5.382   -10.409 -15.449 1.00 64.75  ? 26  G   B N9    1 
ATOM   573  C C8    . G   B 1 4  ? 4.461   -9.813  -16.277 1.00 63.46  ? 26  G   B C8    1 
ATOM   574  N N7    . G   B 1 4  ? 4.863   -8.665  -16.745 1.00 61.37  ? 26  G   B N7    1 
ATOM   575  C C5    . G   B 1 4  ? 6.130   -8.498  -16.204 1.00 58.99  ? 26  G   B C5    1 
ATOM   576  C C6    . G   B 1 4  ? 7.047   -7.437  -16.348 1.00 57.42  ? 26  G   B C6    1 
ATOM   577  O O6    . G   B 1 4  ? 6.914   -6.397  -17.007 1.00 53.51  ? 26  G   B O6    1 
ATOM   578  N N1    . G   B 1 4  ? 8.214   -7.667  -15.624 1.00 55.01  ? 26  G   B N1    1 
ATOM   579  C C2    . G   B 1 4  ? 8.457   -8.779  -14.862 1.00 56.71  ? 26  G   B C2    1 
ATOM   580  N N2    . G   B 1 4  ? 9.638   -8.833  -14.231 1.00 57.65  ? 26  G   B N2    1 
ATOM   581  N N3    . G   B 1 4  ? 7.606   -9.776  -14.721 1.00 56.21  ? 26  G   B N3    1 
ATOM   582  C C4    . G   B 1 4  ? 6.472   -9.571  -15.413 1.00 59.80  ? 26  G   B C4    1 
ATOM   583  P P     . U   B 1 5  ? 2.547   -10.235 -10.982 1.00 77.62  ? 27  U   B P     1 
ATOM   584  O OP1   . U   B 1 5  ? 1.581   -10.707 -9.942  1.00 78.01  ? 27  U   B OP1   1 
ATOM   585  O OP2   . U   B 1 5  ? 2.178   -9.097  -11.866 1.00 74.25  ? 27  U   B OP2   1 
ATOM   586  O "O5'" . U   B 1 5  ? 3.922   -9.870  -10.268 1.00 72.56  ? 27  U   B "O5'" 1 
ATOM   587  C "C5'" . U   B 1 5  ? 5.069   -9.637  -11.056 1.00 72.59  ? 27  U   B "C5'" 1 
ATOM   588  C "C4'" . U   B 1 5  ? 6.325   -9.783  -10.253 1.00 70.83  ? 27  U   B "C4'" 1 
ATOM   589  O "O4'" . U   B 1 5  ? 7.436   -9.732  -11.185 1.00 70.09  ? 27  U   B "O4'" 1 
ATOM   590  C "C3'" . U   B 1 5  ? 6.548   -8.629  -9.292  1.00 73.40  ? 27  U   B "C3'" 1 
ATOM   591  O "O3'" . U   B 1 5  ? 6.076   -9.013  -8.002  1.00 78.82  ? 27  U   B "O3'" 1 
ATOM   592  C "C2'" . U   B 1 5  ? 8.060   -8.479  -9.315  1.00 70.78  ? 27  U   B "C2'" 1 
ATOM   593  O "O2'" . U   B 1 5  ? 8.688   -9.507  -8.580  1.00 72.74  ? 27  U   B "O2'" 1 
ATOM   594  C "C1'" . U   B 1 5  ? 8.345   -8.716  -10.798 1.00 66.66  ? 27  U   B "C1'" 1 
ATOM   595  N N1    . U   B 1 5  ? 8.076   -7.541  -11.645 1.00 59.51  ? 27  U   B N1    1 
ATOM   596  C C2    . U   B 1 5  ? 9.048   -6.563  -11.739 1.00 57.94  ? 27  U   B C2    1 
ATOM   597  O O2    . U   B 1 5  ? 10.130  -6.640  -11.173 1.00 62.71  ? 27  U   B O2    1 
ATOM   598  N N3    . U   B 1 5  ? 8.710   -5.486  -12.523 1.00 53.08  ? 27  U   B N3    1 
ATOM   599  C C4    . U   B 1 5  ? 7.530   -5.300  -13.212 1.00 54.58  ? 27  U   B C4    1 
ATOM   600  O O4    . U   B 1 5  ? 7.368   -4.271  -13.864 1.00 56.70  ? 27  U   B O4    1 
ATOM   601  C C5    . U   B 1 5  ? 6.581   -6.359  -13.076 1.00 54.71  ? 27  U   B C5    1 
ATOM   602  C C6    . U   B 1 5  ? 6.880   -7.416  -12.321 1.00 56.83  ? 27  U   B C6    1 
ATOM   603  P P     . C   B 1 6  ? 5.685   -7.881  -6.933  1.00 81.67  ? 28  C   B P     1 
ATOM   604  O OP1   . C   B 1 6  ? 5.358   -8.565  -5.651  1.00 84.59  ? 28  C   B OP1   1 
ATOM   605  O OP2   . C   B 1 6  ? 4.676   -6.989  -7.559  1.00 80.45  ? 28  C   B OP2   1 
ATOM   606  O "O5'" . C   B 1 6  ? 7.057   -7.089  -6.744  1.00 78.04  ? 28  C   B "O5'" 1 
ATOM   607  C "C5'" . C   B 1 6  ? 7.063   -5.737  -6.331  1.00 74.42  ? 28  C   B "C5'" 1 
ATOM   608  C "C4'" . C   B 1 6  ? 8.387   -5.079  -6.655  1.00 72.05  ? 28  C   B "C4'" 1 
ATOM   609  O "O4'" . C   B 1 6  ? 8.738   -5.281  -8.054  1.00 68.76  ? 28  C   B "O4'" 1 
ATOM   610  C "C3'" . C   B 1 6  ? 8.277   -3.579  -6.490  1.00 73.41  ? 28  C   B "C3'" 1 
ATOM   611  O "O3'" . C   B 1 6  ? 8.625   -3.286  -5.146  1.00 76.58  ? 28  C   B "O3'" 1 
ATOM   612  C "C2'" . C   B 1 6  ? 9.286   -3.043  -7.496  1.00 69.07  ? 28  C   B "C2'" 1 
ATOM   613  O "O2'" . C   B 1 6  ? 10.603  -3.141  -6.998  1.00 71.41  ? 28  C   B "O2'" 1 
ATOM   614  C "C1'" . C   B 1 6  ? 9.116   -4.045  -8.641  1.00 64.38  ? 28  C   B "C1'" 1 
ATOM   615  N N1    . C   B 1 6  ? 8.044   -3.669  -9.580  1.00 59.69  ? 28  C   B N1    1 
ATOM   616  C C2    . C   B 1 6  ? 8.129   -2.449  -10.268 1.00 57.81  ? 28  C   B C2    1 
ATOM   617  O O2    . C   B 1 6  ? 9.116   -1.717  -10.074 1.00 55.00  ? 28  C   B O2    1 
ATOM   618  N N3    . C   B 1 6  ? 7.129   -2.098  -11.121 1.00 55.80  ? 28  C   B N3    1 
ATOM   619  C C4    . C   B 1 6  ? 6.080   -2.914  -11.291 1.00 56.76  ? 28  C   B C4    1 
ATOM   620  N N4    . C   B 1 6  ? 5.113   -2.532  -12.138 1.00 59.44  ? 28  C   B N4    1 
ATOM   621  C C5    . C   B 1 6  ? 5.973   -4.161  -10.602 1.00 54.77  ? 28  C   B C5    1 
ATOM   622  C C6    . C   B 1 6  ? 6.969   -4.496  -9.770  1.00 56.33  ? 28  C   B C6    1 
ATOM   623  P P     . A   B 1 7  ? 7.676   -2.333  -4.274  1.00 77.32  ? 29  A   B P     1 
ATOM   624  O OP1   . A   B 1 7  ? 8.164   -2.445  -2.878  1.00 79.72  ? 29  A   B OP1   1 
ATOM   625  O OP2   . A   B 1 7  ? 6.249   -2.619  -4.578  1.00 76.35  ? 29  A   B OP2   1 
ATOM   626  O "O5'" . A   B 1 7  ? 8.049   -0.885  -4.816  1.00 73.49  ? 29  A   B "O5'" 1 
ATOM   627  C "C5'" . A   B 1 7  ? 9.355   -0.382  -4.620  1.00 72.68  ? 29  A   B "C5'" 1 
ATOM   628  C "C4'" . A   B 1 7  ? 9.519   0.925   -5.333  1.00 71.25  ? 29  A   B "C4'" 1 
ATOM   629  O "O4'" . A   B 1 7  ? 9.427   0.680   -6.757  1.00 69.16  ? 29  A   B "O4'" 1 
ATOM   630  C "C3'" . A   B 1 7  ? 8.384   1.895   -5.099  1.00 71.30  ? 29  A   B "C3'" 1 
ATOM   631  O "O3'" . A   B 1 7  ? 8.584   2.569   -3.865  1.00 74.24  ? 29  A   B "O3'" 1 
ATOM   632  C "C2'" . A   B 1 7  ? 8.583   2.833   -6.275  1.00 70.37  ? 29  A   B "C2'" 1 
ATOM   633  O "O2'" . A   B 1 7  ? 9.736   3.640   -6.076  1.00 67.33  ? 29  A   B "O2'" 1 
ATOM   634  C "C1'" . A   B 1 7  ? 8.864   1.818   -7.389  1.00 67.13  ? 29  A   B "C1'" 1 
ATOM   635  N N9    . A   B 1 7  ? 7.646   1.383   -8.067  1.00 62.32  ? 29  A   B N9    1 
ATOM   636  C C8    . A   B 1 7  ? 6.965   0.204   -7.888  1.00 62.12  ? 29  A   B C8    1 
ATOM   637  N N7    . A   B 1 7  ? 5.892   0.092   -8.631  1.00 58.50  ? 29  A   B N7    1 
ATOM   638  C C5    . A   B 1 7  ? 5.864   1.276   -9.351  1.00 59.16  ? 29  A   B C5    1 
ATOM   639  C C6    . A   B 1 7  ? 4.973   1.771   -10.312 1.00 57.10  ? 29  A   B C6    1 
ATOM   640  N N6    . A   B 1 7  ? 3.888   1.107   -10.729 1.00 56.85  ? 29  A   B N6    1 
ATOM   641  N N1    . A   B 1 7  ? 5.232   2.987   -10.837 1.00 56.99  ? 29  A   B N1    1 
ATOM   642  C C2    . A   B 1 7  ? 6.318   3.654   -10.413 1.00 60.25  ? 29  A   B C2    1 
ATOM   643  N N3    . A   B 1 7  ? 7.230   3.295   -9.510  1.00 60.02  ? 29  A   B N3    1 
ATOM   644  C C4    . A   B 1 7  ? 6.941   2.082   -9.012  1.00 61.09  ? 29  A   B C4    1 
ATOM   645  P P     . C   B 1 8  ? 7.327   2.821   -2.892  1.00 73.82  ? 30  C   B P     1 
ATOM   646  O OP1   . C   B 1 8  ? 7.876   3.256   -1.580  1.00 75.07  ? 30  C   B OP1   1 
ATOM   647  O OP2   . C   B 1 8  ? 6.439   1.634   -2.962  1.00 70.91  ? 30  C   B OP2   1 
ATOM   648  O "O5'" . C   B 1 8  ? 6.590   4.066   -3.557  1.00 71.23  ? 30  C   B "O5'" 1 
ATOM   649  C "C5'" . C   B 1 8  ? 7.322   5.243   -3.887  1.00 71.55  ? 30  C   B "C5'" 1 
ATOM   650  C "C4'" . C   B 1 8  ? 6.427   6.229   -4.594  1.00 71.60  ? 30  C   B "C4'" 1 
ATOM   651  O "O4'" . C   B 1 8  ? 6.230   5.812   -5.973  1.00 70.12  ? 30  C   B "O4'" 1 
ATOM   652  C "C3'" . C   B 1 8  ? 5.027   6.241   -4.018  1.00 72.45  ? 30  C   B "C3'" 1 
ATOM   653  O "O3'" . C   B 1 8  ? 5.011   7.104   -2.886  1.00 73.67  ? 30  C   B "O3'" 1 
ATOM   654  C "C2'" . C   B 1 8  ? 4.230   6.807   -5.183  1.00 70.94  ? 30  C   B "C2'" 1 
ATOM   655  O "O2'" . C   B 1 8  ? 4.452   8.196   -5.340  1.00 70.27  ? 30  C   B "O2'" 1 
ATOM   656  C "C1'" . C   B 1 8  ? 4.892   6.090   -6.364  1.00 68.59  ? 30  C   B "C1'" 1 
ATOM   657  N N1    . C   B 1 8  ? 4.233   4.814   -6.691  1.00 65.09  ? 30  C   B N1    1 
ATOM   658  C C2    . C   B 1 8  ? 3.051   4.836   -7.419  1.00 64.65  ? 30  C   B C2    1 
ATOM   659  O O2    . C   B 1 8  ? 2.593   5.930   -7.782  1.00 68.52  ? 30  C   B O2    1 
ATOM   660  N N3    . C   B 1 8  ? 2.434   3.670   -7.714  1.00 60.49  ? 30  C   B N3    1 
ATOM   661  C C4    . C   B 1 8  ? 2.957   2.517   -7.314  1.00 60.31  ? 30  C   B C4    1 
ATOM   662  N N4    . C   B 1 8  ? 2.312   1.392   -7.638  1.00 57.41  ? 30  C   B N4    1 
ATOM   663  C C5    . C   B 1 8  ? 4.165   2.464   -6.569  1.00 60.35  ? 30  C   B C5    1 
ATOM   664  C C6    . C   B 1 8  ? 4.766   3.625   -6.284  1.00 63.64  ? 30  C   B C6    1 
ATOM   665  P P     . A   B 1 9  ? 3.874   6.919   -1.770  1.00 74.45  ? 31  A   B P     1 
ATOM   666  O OP1   . A   B 1 9  ? 4.141   7.938   -0.727  1.00 74.59  ? 31  A   B OP1   1 
ATOM   667  O OP2   . A   B 1 9  ? 3.769   5.484   -1.391  1.00 71.42  ? 31  A   B OP2   1 
ATOM   668  O "O5'" . A   B 1 9  ? 2.550   7.349   -2.538  1.00 74.22  ? 31  A   B "O5'" 1 
ATOM   669  C "C5'" . A   B 1 9  ? 2.386   8.688   -2.976  1.00 74.05  ? 31  A   B "C5'" 1 
ATOM   670  C "C4'" . A   B 1 9  ? 1.037   8.864   -3.634  1.00 74.90  ? 31  A   B "C4'" 1 
ATOM   671  O "O4'" . A   B 1 9  ? 1.057   8.144   -4.892  1.00 75.51  ? 31  A   B "O4'" 1 
ATOM   672  C "C3'" . A   B 1 9  ? -0.115  8.223   -2.884  1.00 73.30  ? 31  A   B "C3'" 1 
ATOM   673  O "O3'" . A   B 1 9  ? -0.581  9.114   -1.868  1.00 73.18  ? 31  A   B "O3'" 1 
ATOM   674  C "C2'" . A   B 1 9  ? -1.135  8.092   -4.008  1.00 74.10  ? 31  A   B "C2'" 1 
ATOM   675  O "O2'" . A   B 1 9  ? -1.684  9.346   -4.358  1.00 71.88  ? 31  A   B "O2'" 1 
ATOM   676  C "C1'" . A   B 1 9  ? -0.240  7.641   -5.166  1.00 74.36  ? 31  A   B "C1'" 1 
ATOM   677  N N9    . A   B 1 9  ? -0.142  6.188   -5.270  1.00 74.10  ? 31  A   B N9    1 
ATOM   678  C C8    . A   B 1 9  ? 0.837   5.383   -4.742  1.00 74.09  ? 31  A   B C8    1 
ATOM   679  N N7    . A   B 1 9  ? 0.651   4.106   -4.967  1.00 72.60  ? 31  A   B N7    1 
ATOM   680  C C5    . A   B 1 9  ? -0.524  4.066   -5.701  1.00 73.85  ? 31  A   B C5    1 
ATOM   681  C C6    . A   B 1 9  ? -1.254  3.000   -6.250  1.00 73.96  ? 31  A   B C6    1 
ATOM   682  N N6    . A   B 1 9  ? -0.883  1.721   -6.129  1.00 72.35  ? 31  A   B N6    1 
ATOM   683  N N1    . A   B 1 9  ? -2.387  3.294   -6.932  1.00 74.68  ? 31  A   B N1    1 
ATOM   684  C C2    . A   B 1 9  ? -2.747  4.583   -7.042  1.00 73.50  ? 31  A   B C2    1 
ATOM   685  N N3    . A   B 1 9  ? -2.138  5.674   -6.569  1.00 74.91  ? 31  A   B N3    1 
ATOM   686  C C4    . A   B 1 9  ? -1.021  5.341   -5.900  1.00 73.46  ? 31  A   B C4    1 
ATOM   687  P P     . C   B 1 10 ? -1.384  8.533   -0.589  1.00 75.24  ? 32  C   B P     1 
ATOM   688  O OP1   . C   B 1 10 ? -1.639  9.709   0.287   1.00 74.31  ? 32  C   B OP1   1 
ATOM   689  O OP2   . C   B 1 10 ? -0.683  7.344   -0.026  1.00 72.26  ? 32  C   B OP2   1 
ATOM   690  O "O5'" . C   B 1 10 ? -2.781  8.059   -1.196  1.00 70.21  ? 32  C   B "O5'" 1 
ATOM   691  C "C5'" . C   B 1 10 ? -3.632  8.993   -1.853  1.00 68.13  ? 32  C   B "C5'" 1 
ATOM   692  C "C4'" . C   B 1 10 ? -4.765  8.285   -2.574  1.00 67.10  ? 32  C   B "C4'" 1 
ATOM   693  O "O4'" . C   B 1 10 ? -4.202  7.488   -3.644  1.00 66.59  ? 32  C   B "O4'" 1 
ATOM   694  C "C3'" . C   B 1 10 ? -5.504  7.266   -1.728  1.00 66.41  ? 32  C   B "C3'" 1 
ATOM   695  O "O3'" . C   B 1 10 ? -6.519  7.921   -0.978  1.00 68.36  ? 32  C   B "O3'" 1 
ATOM   696  C "C2'" . C   B 1 10 ? -6.127  6.379   -2.798  1.00 65.92  ? 32  C   B "C2'" 1 
ATOM   697  O "O2'" . C   B 1 10 ? -7.241  6.997   -3.417  1.00 65.15  ? 32  C   B "O2'" 1 
ATOM   698  C "C1'" . C   B 1 10 ? -4.996  6.322   -3.828  1.00 65.60  ? 32  C   B "C1'" 1 
ATOM   699  N N1    . C   B 1 10 ? -4.144  5.147   -3.622  1.00 63.99  ? 32  C   B N1    1 
ATOM   700  C C2    . C   B 1 10 ? -4.595  3.903   -4.066  1.00 63.26  ? 32  C   B C2    1 
ATOM   701  O O2    . C   B 1 10 ? -5.689  3.836   -4.650  1.00 59.57  ? 32  C   B O2    1 
ATOM   702  N N3    . C   B 1 10 ? -3.827  2.809   -3.848  1.00 64.20  ? 32  C   B N3    1 
ATOM   703  C C4    . C   B 1 10 ? -2.650  2.931   -3.227  1.00 64.42  ? 32  C   B C4    1 
ATOM   704  N N4    . C   B 1 10 ? -1.926  1.830   -3.038  1.00 61.20  ? 32  C   B N4    1 
ATOM   705  C C5    . C   B 1 10 ? -2.164  4.192   -2.776  1.00 65.15  ? 32  C   B C5    1 
ATOM   706  C C6    . C   B 1 10 ? -2.935  5.262   -2.995  1.00 64.24  ? 32  C   B C6    1 
ATOM   707  P P     . C   B 1 11 ? -7.069  7.255   0.378   1.00 67.51  ? 33  C   B P     1 
ATOM   708  O OP1   . C   B 1 11 ? -8.001  8.245   0.981   1.00 67.54  ? 33  C   B OP1   1 
ATOM   709  O OP2   . C   B 1 11 ? -5.910  6.760   1.170   1.00 65.24  ? 33  C   B OP2   1 
ATOM   710  O "O5'" . C   B 1 11 ? -7.964  6.039   -0.137  1.00 66.23  ? 33  C   B "O5'" 1 
ATOM   711  C "C5'" . C   B 1 11 ? -9.251  6.290   -0.697  1.00 62.37  ? 33  C   B "C5'" 1 
ATOM   712  C "C4'" . C   B 1 11 ? -9.903  5.003   -1.160  1.00 62.25  ? 33  C   B "C4'" 1 
ATOM   713  O "O4'" . C   B 1 11 ? -9.046  4.392   -2.166  1.00 61.94  ? 33  C   B "O4'" 1 
ATOM   714  C "C3'" . C   B 1 11 ? -9.987  3.925   -0.098  1.00 62.03  ? 33  C   B "C3'" 1 
ATOM   715  O "O3'" . C   B 1 11 ? -11.142 4.119   0.708   1.00 62.42  ? 33  C   B "O3'" 1 
ATOM   716  C "C2'" . C   B 1 11 ? -10.147 2.676   -0.954  1.00 61.14  ? 33  C   B "C2'" 1 
ATOM   717  O "O2'" . C   B 1 11 ? -11.445 2.577   -1.518  1.00 59.22  ? 33  C   B "O2'" 1 
ATOM   718  C "C1'" . C   B 1 11 ? -9.169  2.980   -2.089  1.00 58.52  ? 33  C   B "C1'" 1 
ATOM   719  N N1    . C   B 1 11 ? -7.844  2.417   -1.813  1.00 57.28  ? 33  C   B N1    1 
ATOM   720  C C2    . C   B 1 11 ? -7.610  1.066   -2.106  1.00 56.13  ? 33  C   B C2    1 
ATOM   721  O O2    . C   B 1 11 ? -8.544  0.372   -2.574  1.00 53.14  ? 33  C   B O2    1 
ATOM   722  N N3    . C   B 1 11 ? -6.381  0.546   -1.873  1.00 54.54  ? 33  C   B N3    1 
ATOM   723  C C4    . C   B 1 11 ? -5.415  1.318   -1.367  1.00 55.02  ? 33  C   B C4    1 
ATOM   724  N N4    . C   B 1 11 ? -4.211  0.768   -1.162  1.00 51.23  ? 33  C   B N4    1 
ATOM   725  C C5    . C   B 1 11 ? -5.635  2.689   -1.047  1.00 55.59  ? 33  C   B C5    1 
ATOM   726  C C6    . C   B 1 11 ? -6.851  3.192   -1.284  1.00 56.79  ? 33  C   B C6    1 
ATOM   727  P P     . G   B 1 12 ? -11.132 3.632   2.245   1.00 65.43  ? 34  G   B P     1 
ATOM   728  O OP1   . G   B 1 12 ? -12.415 4.083   2.862   1.00 66.84  ? 34  G   B OP1   1 
ATOM   729  O OP2   . G   B 1 12 ? -9.840  4.032   2.864   1.00 63.21  ? 34  G   B OP2   1 
ATOM   730  O "O5'" . G   B 1 12 ? -11.165 2.038   2.148   1.00 64.63  ? 34  G   B "O5'" 1 
ATOM   731  C "C5'" . G   B 1 12 ? -12.311 1.378   1.619   1.00 61.51  ? 34  G   B "C5'" 1 
ATOM   732  C "C4'" . G   B 1 12 ? -12.096 -0.119  1.553   1.00 58.07  ? 34  G   B "C4'" 1 
ATOM   733  O "O4'" . G   B 1 12 ? -11.097 -0.408  0.540   1.00 56.44  ? 34  G   B "O4'" 1 
ATOM   734  C "C3'" . G   B 1 12 ? -11.457 -0.716  2.786   1.00 57.49  ? 34  G   B "C3'" 1 
ATOM   735  O "O3'" . G   B 1 12 ? -12.401 -0.974  3.809   1.00 56.67  ? 34  G   B "O3'" 1 
ATOM   736  C "C2'" . G   B 1 12 ? -11.015 -2.046  2.223   1.00 55.63  ? 34  G   B "C2'" 1 
ATOM   737  O "O2'" . G   B 1 12 ? -12.165 -2.836  1.989   1.00 50.20  ? 34  G   B "O2'" 1 
ATOM   738  C "C1'" . G   B 1 12 ? -10.399 -1.596  0.898   1.00 54.74  ? 34  G   B "C1'" 1 
ATOM   739  N N9    . G   B 1 12 ? -8.978  -1.282  1.058   1.00 53.94  ? 34  G   B N9    1 
ATOM   740  C C8    . G   B 1 12 ? -8.414  -0.042  1.233   1.00 53.92  ? 34  G   B C8    1 
ATOM   741  N N7    . G   B 1 12 ? -7.118  -0.089  1.407   1.00 52.43  ? 34  G   B N7    1 
ATOM   742  C C5    . G   B 1 12 ? -6.807  -1.437  1.326   1.00 47.49  ? 34  G   B C5    1 
ATOM   743  C C6    . G   B 1 12 ? -5.559  -2.101  1.450   1.00 46.32  ? 34  G   B C6    1 
ATOM   744  O O6    . G   B 1 12 ? -4.436  -1.616  1.665   1.00 39.23  ? 34  G   B O6    1 
ATOM   745  N N1    . G   B 1 12 ? -5.703  -3.474  1.300   1.00 46.52  ? 34  G   B N1    1 
ATOM   746  C C2    . G   B 1 12 ? -6.890  -4.123  1.064   1.00 48.49  ? 34  G   B C2    1 
ATOM   747  N N2    . G   B 1 12 ? -6.840  -5.444  0.932   1.00 51.00  ? 34  G   B N2    1 
ATOM   748  N N3    . G   B 1 12 ? -8.052  -3.519  0.960   1.00 48.57  ? 34  G   B N3    1 
ATOM   749  C C4    . G   B 1 12 ? -7.941  -2.187  1.097   1.00 50.50  ? 34  G   B C4    1 
ATOM   750  P P     . G   B 1 13 ? -11.887 -1.127  5.322   1.00 58.28  ? 35  G   B P     1 
ATOM   751  O OP1   . G   B 1 13 ? -13.120 -1.344  6.126   1.00 58.72  ? 35  G   B OP1   1 
ATOM   752  O OP2   . G   B 1 13 ? -10.967 -0.003  5.647   1.00 54.99  ? 35  G   B OP2   1 
ATOM   753  O "O5'" . G   B 1 13 ? -11.017 -2.472  5.339   1.00 57.07  ? 35  G   B "O5'" 1 
ATOM   754  C "C5'" . G   B 1 13 ? -11.660 -3.728  5.215   1.00 51.05  ? 35  G   B "C5'" 1 
ATOM   755  C "C4'" . G   B 1 13 ? -10.662 -4.840  4.968   1.00 47.92  ? 35  G   B "C4'" 1 
ATOM   756  O "O4'" . G   B 1 13 ? -9.704  -4.379  3.983   1.00 44.73  ? 35  G   B "O4'" 1 
ATOM   757  C "C3'" . G   B 1 13 ? -9.756  -5.172  6.134   1.00 44.54  ? 35  G   B "C3'" 1 
ATOM   758  O "O3'" . G   B 1 13 ? -10.405 -6.045  7.043   1.00 43.55  ? 35  G   B "O3'" 1 
ATOM   759  C "C2'" . G   B 1 13 ? -8.662  -5.940  5.412   1.00 42.58  ? 35  G   B "C2'" 1 
ATOM   760  O "O2'" . G   B 1 13 ? -9.126  -7.203  4.988   1.00 37.42  ? 35  G   B "O2'" 1 
ATOM   761  C "C1'" . G   B 1 13 ? -8.476  -5.067  4.177   1.00 40.82  ? 35  G   B "C1'" 1 
ATOM   762  N N9    . G   B 1 13 ? -7.436  -4.083  4.411   1.00 39.67  ? 35  G   B N9    1 
ATOM   763  C C8    . G   B 1 13 ? -7.611  -2.738  4.621   1.00 42.32  ? 35  G   B C8    1 
ATOM   764  N N7    . G   B 1 13 ? -6.488  -2.095  4.786   1.00 38.73  ? 35  G   B N7    1 
ATOM   765  C C5    . G   B 1 13 ? -5.513  -3.078  4.687   1.00 40.33  ? 35  G   B C5    1 
ATOM   766  C C6    . G   B 1 13 ? -4.102  -2.980  4.772   1.00 37.29  ? 35  G   B C6    1 
ATOM   767  O O6    . G   B 1 13 ? -3.410  -1.974  4.939   1.00 40.06  ? 35  G   B O6    1 
ATOM   768  N N1    . G   B 1 13 ? -3.494  -4.218  4.623   1.00 38.21  ? 35  G   B N1    1 
ATOM   769  C C2    . G   B 1 13 ? -4.152  -5.401  4.395   1.00 37.98  ? 35  G   B C2    1 
ATOM   770  N N2    . G   B 1 13 ? -3.373  -6.494  4.255   1.00 32.81  ? 35  G   B N2    1 
ATOM   771  N N3    . G   B 1 13 ? -5.474  -5.509  4.303   1.00 38.90  ? 35  G   B N3    1 
ATOM   772  C C4    . G   B 1 13 ? -6.084  -4.312  4.460   1.00 39.88  ? 35  G   B C4    1 
ATOM   773  P P     . U   B 1 14 ? -9.827  -6.204  8.534   1.00 45.78  ? 36  U   B P     1 
ATOM   774  O OP1   . U   B 1 14 ? -10.796 -7.042  9.300   1.00 47.22  ? 36  U   B OP1   1 
ATOM   775  O OP2   . U   B 1 14 ? -9.447  -4.853  9.035   1.00 44.80  ? 36  U   B OP2   1 
ATOM   776  O "O5'" . U   B 1 14 ? -8.504  -7.072  8.353   1.00 46.41  ? 36  U   B "O5'" 1 
ATOM   777  C "C5'" . U   B 1 14 ? -8.595  -8.443  7.986   1.00 41.22  ? 36  U   B "C5'" 1 
ATOM   778  C "C4'" . U   B 1 14 ? -7.232  -9.089  8.011   1.00 39.59  ? 36  U   B "C4'" 1 
ATOM   779  O "O4'" . U   B 1 14 ? -6.383  -8.400  7.058   1.00 32.67  ? 36  U   B "O4'" 1 
ATOM   780  C "C3'" . U   B 1 14 ? -6.464  -8.887  9.304   1.00 40.11  ? 36  U   B "C3'" 1 
ATOM   781  O "O3'" . U   B 1 14 ? -6.843  -9.828  10.290  1.00 38.18  ? 36  U   B "O3'" 1 
ATOM   782  C "C2'" . U   B 1 14 ? -5.067  -9.214  8.828   1.00 37.50  ? 36  U   B "C2'" 1 
ATOM   783  O "O2'" . U   B 1 14 ? -4.988  -10.592 8.551   1.00 37.29  ? 36  U   B "O2'" 1 
ATOM   784  C "C1'" . U   B 1 14 ? -5.037  -8.435  7.519   1.00 34.91  ? 36  U   B "C1'" 1 
ATOM   785  N N1    . U   B 1 14 ? -4.566  -7.051  7.704   1.00 33.89  ? 36  U   B N1    1 
ATOM   786  C C2    . U   B 1 14 ? -3.197  -6.836  7.724   1.00 31.53  ? 36  U   B C2    1 
ATOM   787  O O2    . U   B 1 14 ? -2.390  -7.742  7.627   1.00 34.04  ? 36  U   B O2    1 
ATOM   788  N N3    . U   B 1 14 ? -2.812  -5.526  7.864   1.00 32.35  ? 36  U   B N3    1 
ATOM   789  C C4    . U   B 1 14 ? -3.650  -4.427  7.994   1.00 38.16  ? 36  U   B C4    1 
ATOM   790  O O4    . U   B 1 14 ? -3.169  -3.300  8.173   1.00 38.64  ? 36  U   B O4    1 
ATOM   791  C C5    . U   B 1 14 ? -5.051  -4.741  7.969   1.00 33.79  ? 36  U   B C5    1 
ATOM   792  C C6    . U   B 1 14 ? -5.448  -6.005  7.833   1.00 31.38  ? 36  U   B C6    1 
ATOM   793  P P     . G   B 1 15 ? -6.646  -9.458  11.839  1.00 40.31  ? 37  G   B P     1 
ATOM   794  O OP1   . G   B 1 15 ? -7.238  -10.599 12.578  1.00 37.64  ? 37  G   B OP1   1 
ATOM   795  O OP2   . G   B 1 15 ? -7.140  -8.089  12.080  1.00 38.29  ? 37  G   B OP2   1 
ATOM   796  O "O5'" . G   B 1 15 ? -5.053  -9.459  12.031  1.00 39.12  ? 37  G   B "O5'" 1 
ATOM   797  C "C5'" . G   B 1 15 ? -4.329  -10.690 11.963  1.00 37.98  ? 37  G   B "C5'" 1 
ATOM   798  C "C4'" . G   B 1 15 ? -2.844  -10.459 12.135  1.00 38.40  ? 37  G   B "C4'" 1 
ATOM   799  O "O4'" . G   B 1 15 ? -2.381  -9.622  11.049  1.00 43.26  ? 37  G   B "O4'" 1 
ATOM   800  C "C3'" . G   B 1 15 ? -2.487  -9.653  13.372  1.00 40.98  ? 37  G   B "C3'" 1 
ATOM   801  O "O3'" . G   B 1 15 ? -2.371  -10.526 14.468  1.00 39.80  ? 37  G   B "O3'" 1 
ATOM   802  C "C2'" . G   B 1 15 ? -1.118  -9.108  12.997  1.00 38.01  ? 37  G   B "C2'" 1 
ATOM   803  O "O2'" . G   B 1 15 ? -0.135  -10.108 13.098  1.00 38.51  ? 37  G   B "O2'" 1 
ATOM   804  C "C1'" . G   B 1 15 ? -1.318  -8.789  11.516  1.00 39.41  ? 37  G   B "C1'" 1 
ATOM   805  N N9    . G   B 1 15 ? -1.688  -7.394  11.330  1.00 34.38  ? 37  G   B N9    1 
ATOM   806  C C8    . G   B 1 15 ? -2.957  -6.862  11.236  1.00 31.23  ? 37  G   B C8    1 
ATOM   807  N N7    . G   B 1 15 ? -2.953  -5.557  11.108  1.00 35.57  ? 37  G   B N7    1 
ATOM   808  C C5    . G   B 1 15 ? -1.603  -5.210  11.117  1.00 38.09  ? 37  G   B C5    1 
ATOM   809  C C6    . G   B 1 15 ? -0.959  -3.932  11.023  1.00 34.42  ? 37  G   B C6    1 
ATOM   810  O O6    . G   B 1 15 ? -1.467  -2.823  10.896  1.00 39.52  ? 37  G   B O6    1 
ATOM   811  N N1    . G   B 1 15 ? 0.427   -4.048  11.082  1.00 34.85  ? 37  G   B N1    1 
ATOM   812  C C2    . G   B 1 15 ? 1.110   -5.236  11.223  1.00 34.28  ? 37  G   B C2    1 
ATOM   813  N N2    . G   B 1 15 ? 2.435   -5.160  11.284  1.00 33.99  ? 37  G   B N2    1 
ATOM   814  N N3    . G   B 1 15 ? 0.529   -6.420  11.304  1.00 33.90  ? 37  G   B N3    1 
ATOM   815  C C4    . G   B 1 15 ? -0.813  -6.337  11.244  1.00 35.98  ? 37  G   B C4    1 
ATOM   816  P P     . A   B 1 16 ? -3.209  -10.248 15.795  1.00 40.86  ? 38  A   B P     1 
ATOM   817  O OP1   . A   B 1 16 ? -4.282  -11.258 15.941  1.00 50.29  ? 38  A   B OP1   1 
ATOM   818  O OP2   . A   B 1 16 ? -3.558  -8.821  15.808  1.00 43.36  ? 38  A   B OP2   1 
ATOM   819  O "O5'" . A   B 1 16 ? -2.158  -10.605 16.931  1.00 43.87  ? 38  A   B "O5'" 1 
ATOM   820  C "C5'" . A   B 1 16 ? -1.053  -9.751  17.196  1.00 43.81  ? 38  A   B "C5'" 1 
ATOM   821  C "C4'" . A   B 1 16 ? -0.732  -9.813  18.661  1.00 45.03  ? 38  A   B "C4'" 1 
ATOM   822  O "O4'" . A   B 1 16 ? 0.021   -11.025 18.892  1.00 39.49  ? 38  A   B "O4'" 1 
ATOM   823  C "C3'" . A   B 1 16 ? 0.172   -8.695  19.152  1.00 41.96  ? 38  A   B "C3'" 1 
ATOM   824  O "O3'" . A   B 1 16 ? -0.664  -7.592  19.507  1.00 41.88  ? 38  A   B "O3'" 1 
ATOM   825  C "C2'" . A   B 1 16 ? 0.782   -9.338  20.390  1.00 42.77  ? 38  A   B "C2'" 1 
ATOM   826  O "O2'" . A   B 1 16 ? -0.135  -9.298  21.459  1.00 44.16  ? 38  A   B "O2'" 1 
ATOM   827  C "C1'" . A   B 1 16 ? 0.924   -10.803 19.945  1.00 44.56  ? 38  A   B "C1'" 1 
ATOM   828  N N9    . A   B 1 16 ? 2.242   -11.164 19.462  1.00 42.54  ? 38  A   B N9    1 
ATOM   829  C C8    . A   B 1 16 ? 2.725   -11.106 18.179  1.00 44.90  ? 38  A   B C8    1 
ATOM   830  N N7    . A   B 1 16 ? 3.936   -11.585 18.052  1.00 41.13  ? 38  A   B N7    1 
ATOM   831  C C5    . A   B 1 16 ? 4.280   -11.965 19.345  1.00 41.09  ? 38  A   B C5    1 
ATOM   832  C C6    . A   B 1 16 ? 5.435   -12.560 19.881  1.00 37.99  ? 38  A   B C6    1 
ATOM   833  N N6    . A   B 1 16 ? 6.516   -12.866 19.159  1.00 40.20  ? 38  A   B N6    1 
ATOM   834  N N1    . A   B 1 16 ? 5.446   -12.827 21.204  1.00 38.67  ? 38  A   B N1    1 
ATOM   835  C C2    . A   B 1 16 ? 4.363   -12.496 21.937  1.00 42.54  ? 38  A   B C2    1 
ATOM   836  N N3    . A   B 1 16 ? 3.222   -11.926 21.549  1.00 40.46  ? 38  A   B N3    1 
ATOM   837  C C4    . A   B 1 16 ? 3.249   -11.689 20.225  1.00 42.36  ? 38  A   B C4    1 
ATOM   838  P P     . A   B 1 17 ? -0.286  -6.096  19.042  1.00 40.36  ? 39  A   B P     1 
ATOM   839  O OP1   . A   B 1 17 ? -1.551  -5.311  18.918  1.00 40.74  ? 39  A   B OP1   1 
ATOM   840  O OP2   . A   B 1 17 ? 0.667   -6.148  17.909  1.00 34.19  ? 39  A   B OP2   1 
ATOM   841  O "O5'" . A   B 1 17 ? 0.454   -5.508  20.322  1.00 43.38  ? 39  A   B "O5'" 1 
ATOM   842  C "C5'" . A   B 1 17 ? -0.158  -5.585  21.605  1.00 37.90  ? 39  A   B "C5'" 1 
ATOM   843  C "C4'" . A   B 1 17 ? 0.908   -5.561  22.666  1.00 43.14  ? 39  A   B "C4'" 1 
ATOM   844  O "O4'" . A   B 1 17 ? 1.696   -6.779  22.555  1.00 34.61  ? 39  A   B "O4'" 1 
ATOM   845  C "C3'" . A   B 1 17 ? 1.879   -4.403  22.473  1.00 41.60  ? 39  A   B "C3'" 1 
ATOM   846  O "O3'" . A   B 1 17 ? 1.417   -3.295  23.270  1.00 48.49  ? 39  A   B "O3'" 1 
ATOM   847  C "C2'" . A   B 1 17 ? 3.187   -4.970  23.029  1.00 41.07  ? 39  A   B "C2'" 1 
ATOM   848  O "O2'" . A   B 1 17 ? 3.265   -4.827  24.427  1.00 42.34  ? 39  A   B "O2'" 1 
ATOM   849  C "C1'" . A   B 1 17 ? 3.057   -6.472  22.737  1.00 37.88  ? 39  A   B "C1'" 1 
ATOM   850  N N9    . A   B 1 17 ? 3.796   -6.968  21.579  1.00 35.24  ? 39  A   B N9    1 
ATOM   851  C C8    . A   B 1 17 ? 3.745   -6.549  20.272  1.00 34.97  ? 39  A   B C8    1 
ATOM   852  N N7    . A   B 1 17 ? 4.556   -7.217  19.474  1.00 34.36  ? 39  A   B N7    1 
ATOM   853  C C5    . A   B 1 17 ? 5.168   -8.138  20.314  1.00 30.66  ? 39  A   B C5    1 
ATOM   854  C C6    . A   B 1 17 ? 6.119   -9.142  20.087  1.00 31.37  ? 39  A   B C6    1 
ATOM   855  N N6    . A   B 1 17 ? 6.670   -9.388  18.901  1.00 28.30  ? 39  A   B N6    1 
ATOM   856  N N1    . A   B 1 17 ? 6.502   -9.897  21.138  1.00 31.62  ? 39  A   B N1    1 
ATOM   857  C C2    . A   B 1 17 ? 5.976   -9.643  22.330  1.00 29.00  ? 39  A   B C2    1 
ATOM   858  N N3    . A   B 1 17 ? 5.083   -8.723  22.674  1.00 36.01  ? 39  A   B N3    1 
ATOM   859  C C4    . A   B 1 17 ? 4.712   -7.996  21.608  1.00 33.83  ? 39  A   B C4    1 
ATOM   860  P P     . G   B 1 18 ? 0.836   -1.947  22.574  1.00 46.27  ? 40  G   B P     1 
ATOM   861  O OP1   . G   B 1 18 ? 0.444   -1.012  23.643  1.00 48.33  ? 40  G   B OP1   1 
ATOM   862  O OP2   . G   B 1 18 ? -0.167  -2.331  21.540  1.00 54.20  ? 40  G   B OP2   1 
ATOM   863  O "O5'" . G   B 1 18 ? 2.087   -1.303  21.825  1.00 47.59  ? 40  G   B "O5'" 1 
ATOM   864  C "C5'" . G   B 1 18 ? 3.289   -1.003  22.521  1.00 42.81  ? 40  G   B "C5'" 1 
ATOM   865  C "C4'" . G   B 1 18 ? 4.138   -0.054  21.702  1.00 41.36  ? 40  G   B "C4'" 1 
ATOM   866  O "O4'" . G   B 1 18 ? 4.207   -0.563  20.340  1.00 39.61  ? 40  G   B "O4'" 1 
ATOM   867  C "C3'" . G   B 1 18 ? 3.528   1.331   21.560  1.00 40.46  ? 40  G   B "C3'" 1 
ATOM   868  O "O3'" . G   B 1 18 ? 4.010   2.153   22.621  1.00 43.03  ? 40  G   B "O3'" 1 
ATOM   869  C "C2'" . G   B 1 18 ? 4.104   1.793   20.233  1.00 38.70  ? 40  G   B "C2'" 1 
ATOM   870  O "O2'" . G   B 1 18 ? 5.444   2.176   20.381  1.00 43.29  ? 40  G   B "O2'" 1 
ATOM   871  C "C1'" . G   B 1 18 ? 4.059   0.504   19.422  1.00 36.96  ? 40  G   B "C1'" 1 
ATOM   872  N N9    . G   B 1 18 ? 2.752   0.371   18.804  1.00 38.33  ? 40  G   B N9    1 
ATOM   873  C C8    . G   B 1 18 ? 1.853   -0.650  18.985  1.00 32.84  ? 40  G   B C8    1 
ATOM   874  N N7    . G   B 1 18 ? 0.749   -0.474  18.313  1.00 35.23  ? 40  G   B N7    1 
ATOM   875  C C5    . G   B 1 18 ? 0.937   0.735   17.652  1.00 36.20  ? 40  G   B C5    1 
ATOM   876  C C6    . G   B 1 18 ? 0.070   1.445   16.776  1.00 40.23  ? 40  G   B C6    1 
ATOM   877  O O6    . G   B 1 18 ? -1.075  1.127   16.406  1.00 43.64  ? 40  G   B O6    1 
ATOM   878  N N1    . G   B 1 18 ? 0.650   2.632   16.324  1.00 39.04  ? 40  G   B N1    1 
ATOM   879  C C2    . G   B 1 18 ? 1.895   3.076   16.680  1.00 40.00  ? 40  G   B C2    1 
ATOM   880  N N2    . G   B 1 18 ? 2.277   4.242   16.153  1.00 34.59  ? 40  G   B N2    1 
ATOM   881  N N3    . G   B 1 18 ? 2.710   2.416   17.503  1.00 42.39  ? 40  G   B N3    1 
ATOM   882  C C4    . G   B 1 18 ? 2.165   1.263   17.941  1.00 35.10  ? 40  G   B C4    1 
ATOM   883  P P     . U   B 1 19 ? 3.149   3.417   23.127  1.00 40.57  ? 41  U   B P     1 
ATOM   884  O OP1   . U   B 1 19 ? 4.063   4.157   24.043  1.00 50.87  ? 41  U   B OP1   1 
ATOM   885  O OP2   . U   B 1 19 ? 1.804   3.027   23.622  1.00 37.09  ? 41  U   B OP2   1 
ATOM   886  O "O5'" . U   B 1 19 ? 2.985   4.293   21.812  1.00 38.92  ? 41  U   B "O5'" 1 
ATOM   887  C "C5'" . U   B 1 19 ? 4.052   5.087   21.340  1.00 33.84  ? 41  U   B "C5'" 1 
ATOM   888  C "C4'" . U   B 1 19 ? 3.513   6.150   20.425  1.00 36.13  ? 41  U   B "C4'" 1 
ATOM   889  O "O4'" . U   B 1 19 ? 2.904   5.497   19.288  1.00 33.48  ? 41  U   B "O4'" 1 
ATOM   890  C "C3'" . U   B 1 19 ? 2.384   6.959   21.043  1.00 36.82  ? 41  U   B "C3'" 1 
ATOM   891  O "O3'" . U   B 1 19 ? 2.949   8.061   21.743  1.00 40.59  ? 41  U   B "O3'" 1 
ATOM   892  C "C2'" . U   B 1 19 ? 1.630   7.442   19.811  1.00 37.15  ? 41  U   B "C2'" 1 
ATOM   893  O "O2'" . U   B 1 19 ? 2.281   8.564   19.231  1.00 36.95  ? 41  U   B "O2'" 1 
ATOM   894  C "C1'" . U   B 1 19 ? 1.772   6.235   18.873  1.00 34.66  ? 41  U   B "C1'" 1 
ATOM   895  N N1    . U   B 1 19 ? 0.613   5.348   18.965  1.00 35.09  ? 41  U   B N1    1 
ATOM   896  C C2    . U   B 1 19 ? -0.484  5.679   18.219  1.00 34.36  ? 41  U   B C2    1 
ATOM   897  O O2    . U   B 1 19 ? -0.511  6.672   17.513  1.00 43.73  ? 41  U   B O2    1 
ATOM   898  N N3    . U   B 1 19 ? -1.547  4.819   18.329  1.00 32.38  ? 41  U   B N3    1 
ATOM   899  C C4    . U   B 1 19 ? -1.615  3.687   19.110  1.00 35.05  ? 41  U   B C4    1 
ATOM   900  O O4    . U   B 1 19 ? -2.652  3.025   19.127  1.00 40.44  ? 41  U   B O4    1 
ATOM   901  C C5    . U   B 1 19 ? -0.436  3.414   19.865  1.00 32.68  ? 41  U   B C5    1 
ATOM   902  C C6    . U   B 1 19 ? 0.620   4.237   19.767  1.00 30.11  ? 41  U   B C6    1 
ATOM   903  P P     . C   B 1 20 ? 2.211   8.660   23.041  1.00 39.34  ? 42  C   B P     1 
ATOM   904  O OP1   . C   B 1 20 ? 3.295   9.439   23.702  1.00 41.17  ? 42  C   B OP1   1 
ATOM   905  O OP2   . C   B 1 20 ? 1.540   7.568   23.791  1.00 39.62  ? 42  C   B OP2   1 
ATOM   906  O "O5'" . C   B 1 20 ? 1.119   9.644   22.414  1.00 35.44  ? 42  C   B "O5'" 1 
ATOM   907  C "C5'" . C   B 1 20 ? 1.531   10.694  21.541  1.00 40.52  ? 42  C   B "C5'" 1 
ATOM   908  C "C4'" . C   B 1 20 ? 0.357   11.263  20.764  1.00 46.15  ? 42  C   B "C4'" 1 
ATOM   909  O "O4'" . C   B 1 20 ? -0.093  10.260  19.821  1.00 47.33  ? 42  C   B "O4'" 1 
ATOM   910  C "C3'" . C   B 1 20 ? -0.886  11.545  21.592  1.00 49.47  ? 42  C   B "C3'" 1 
ATOM   911  O "O3'" . C   B 1 20 ? -0.814  12.837  22.171  1.00 53.71  ? 42  C   B "O3'" 1 
ATOM   912  C "C2'" . C   B 1 20 ? -1.962  11.543  20.519  1.00 49.43  ? 42  C   B "C2'" 1 
ATOM   913  O "O2'" . C   B 1 20 ? -1.913  12.734  19.757  1.00 50.55  ? 42  C   B "O2'" 1 
ATOM   914  C "C1'" . C   B 1 20 ? -1.493  10.383  19.640  1.00 45.03  ? 42  C   B "C1'" 1 
ATOM   915  N N1    . C   B 1 20 ? -2.125  9.129   20.055  1.00 43.34  ? 42  C   B N1    1 
ATOM   916  C C2    . C   B 1 20 ? -3.368  8.844   19.558  1.00 39.17  ? 42  C   B C2    1 
ATOM   917  O O2    . C   B 1 20 ? -3.887  9.672   18.800  1.00 40.98  ? 42  C   B O2    1 
ATOM   918  N N3    . C   B 1 20 ? -3.977  7.682   19.903  1.00 36.69  ? 42  C   B N3    1 
ATOM   919  C C4    . C   B 1 20 ? -3.366  6.828   20.718  1.00 39.25  ? 42  C   B C4    1 
ATOM   920  N N4    . C   B 1 20 ? -3.994  5.691   21.012  1.00 35.23  ? 42  C   B N4    1 
ATOM   921  C C5    . C   B 1 20 ? -2.078  7.105   21.263  1.00 41.29  ? 42  C   B C5    1 
ATOM   922  C C6    . C   B 1 20 ? -1.501  8.259   20.911  1.00 42.63  ? 42  C   B C6    1 
ATOM   923  P P     . G   B 1 21 ? -1.742  13.192  23.429  1.00 56.92  ? 43  G   B P     1 
ATOM   924  O OP1   . G   B 1 21 ? -1.354  14.556  23.866  1.00 54.68  ? 43  G   B OP1   1 
ATOM   925  O OP2   . G   B 1 21 ? -1.675  12.058  24.402  1.00 54.64  ? 43  G   B OP2   1 
ATOM   926  O "O5'" . G   B 1 21 ? -3.210  13.238  22.806  1.00 54.99  ? 43  G   B "O5'" 1 
ATOM   927  C "C5'" . G   B 1 21 ? -3.605  14.316  21.972  1.00 54.48  ? 43  G   B "C5'" 1 
ATOM   928  C "C4'" . G   B 1 21 ? -5.048  14.155  21.535  1.00 54.68  ? 43  G   B "C4'" 1 
ATOM   929  O "O4'" . G   B 1 21 ? -5.146  12.917  20.777  1.00 56.80  ? 43  G   B "O4'" 1 
ATOM   930  C "C3'" . G   B 1 21 ? -6.044  13.930  22.660  1.00 57.02  ? 43  G   B "C3'" 1 
ATOM   931  O "O3'" . G   B 1 21 ? -6.453  15.181  23.229  1.00 60.73  ? 43  G   B "O3'" 1 
ATOM   932  C "C2'" . G   B 1 21 ? -7.202  13.312  21.884  1.00 55.64  ? 43  G   B "C2'" 1 
ATOM   933  O "O2'" . G   B 1 21 ? -7.882  14.283  21.134  1.00 54.99  ? 43  G   B "O2'" 1 
ATOM   934  C "C1'" . G   B 1 21 ? -6.465  12.401  20.892  1.00 54.91  ? 43  G   B "C1'" 1 
ATOM   935  N N9    . G   B 1 21 ? -6.407  11.030  21.380  1.00 43.80  ? 43  G   B N9    1 
ATOM   936  C C8    . G   B 1 21 ? -5.396  10.431  22.089  1.00 41.35  ? 43  G   B C8    1 
ATOM   937  N N7    . G   B 1 21 ? -5.677  9.209   22.454  1.00 44.18  ? 43  G   B N7    1 
ATOM   938  C C5    . G   B 1 21 ? -6.945  8.984   21.931  1.00 45.48  ? 43  G   B C5    1 
ATOM   939  C C6    . G   B 1 21 ? -7.775  7.837   22.002  1.00 46.70  ? 43  G   B C6    1 
ATOM   940  O O6    . G   B 1 21 ? -7.551  6.750   22.561  1.00 48.65  ? 43  G   B O6    1 
ATOM   941  N N1    . G   B 1 21 ? -8.979  8.040   21.339  1.00 46.75  ? 43  G   B N1    1 
ATOM   942  C C2    . G   B 1 21 ? -9.338  9.198   20.689  1.00 49.82  ? 43  G   B C2    1 
ATOM   943  N N2    . G   B 1 21 ? -10.559 9.197   20.106  1.00 46.07  ? 43  G   B N2    1 
ATOM   944  N N3    . G   B 1 21 ? -8.566  10.277  20.616  1.00 45.09  ? 43  G   B N3    1 
ATOM   945  C C4    . G   B 1 21 ? -7.396  10.097  21.256  1.00 44.89  ? 43  G   B C4    1 
ATOM   946  P P     . C   B 1 22 ? -7.215  15.213  24.659  1.00 65.38  ? 44  C   B P     1 
ATOM   947  O OP1   . C   B 1 22 ? -7.291  16.641  25.073  1.00 64.32  ? 44  C   B OP1   1 
ATOM   948  O OP2   . C   B 1 22 ? -6.611  14.219  25.590  1.00 62.32  ? 44  C   B OP2   1 
ATOM   949  O "O5'" . C   B 1 22 ? -8.698  14.722  24.315  1.00 64.71  ? 44  C   B "O5'" 1 
ATOM   950  C "C5'" . C   B 1 22 ? -9.484  15.375  23.314  1.00 60.50  ? 44  C   B "C5'" 1 
ATOM   951  C "C4'" . C   B 1 22 ? -10.677 14.514  22.917  1.00 63.63  ? 44  C   B "C4'" 1 
ATOM   952  O "O4'" . C   B 1 22 ? -10.177 13.245  22.420  1.00 63.97  ? 44  C   B "O4'" 1 
ATOM   953  C "C3'" . C   B 1 22 ? -11.575 14.081  24.069  1.00 64.02  ? 44  C   B "C3'" 1 
ATOM   954  O "O3'" . C   B 1 22 ? -12.488 15.072  24.548  1.00 66.41  ? 44  C   B "O3'" 1 
ATOM   955  C "C2'" . C   B 1 22 ? -12.274 12.859  23.480  1.00 63.37  ? 44  C   B "C2'" 1 
ATOM   956  O "O2'" . C   B 1 22 ? -13.281 13.212  22.550  1.00 64.78  ? 44  C   B "O2'" 1 
ATOM   957  C "C1'" . C   B 1 22 ? -11.131 12.222  22.689  1.00 61.95  ? 44  C   B "C1'" 1 
ATOM   958  N N1    . C   B 1 22 ? -10.468 11.146  23.427  1.00 60.75  ? 44  C   B N1    1 
ATOM   959  C C2    . C   B 1 22 ? -11.102 9.902   23.503  1.00 58.62  ? 44  C   B C2    1 
ATOM   960  O O2    . C   B 1 22 ? -12.227 9.776   22.947  1.00 57.84  ? 44  C   B O2    1 
ATOM   961  N N3    . C   B 1 22 ? -10.477 8.885   24.173  1.00 57.87  ? 44  C   B N3    1 
ATOM   962  C C4    . C   B 1 22 ? -9.271  9.105   24.750  1.00 58.61  ? 44  C   B C4    1 
ATOM   963  N N4    . C   B 1 22 ? -8.668  8.110   25.402  1.00 57.38  ? 44  C   B N4    1 
ATOM   964  C C5    . C   B 1 22 ? -8.622  10.370  24.684  1.00 59.11  ? 44  C   B C5    1 
ATOM   965  C C6    . C   B 1 22 ? -9.249  11.351  24.027  1.00 63.69  ? 44  C   B C6    1 
HETATM 966  C C11   . GET C 2 .  ? 1.294   1.409   -13.427 1.00 54.68  ? 45  GET A C11   1 
HETATM 967  O O11   . GET C 2 .  ? 1.635   1.293   -14.781 1.00 56.54  ? 45  GET A O11   1 
HETATM 968  C C21   . GET C 2 .  ? -0.235  1.634   -13.356 1.00 55.95  ? 45  GET A C21   1 
HETATM 969  N N21   . GET C 2 .  ? -0.947  0.523   -14.028 1.00 55.66  ? 45  GET A N21   1 
HETATM 970  C C31   . GET C 2 .  ? -0.608  3.017   -13.984 1.00 55.72  ? 45  GET A C31   1 
HETATM 971  O O31   . GET C 2 .  ? -1.945  3.243   -13.922 1.00 57.30  ? 45  GET A O31   1 
HETATM 972  C C41   . GET C 2 .  ? 0.171   4.125   -13.231 1.00 56.28  ? 45  GET A C41   1 
HETATM 973  O O41   . GET C 2 .  ? -0.144  5.410   -13.770 1.00 55.70  ? 45  GET A O41   1 
HETATM 974  C C51   . GET C 2 .  ? 1.705   3.842   -13.335 1.00 56.15  ? 45  GET A C51   1 
HETATM 975  O O51   . GET C 2 .  ? 2.021   2.516   -12.796 1.00 56.11  ? 45  GET A O51   1 
HETATM 976  C C61   . GET C 2 .  ? 2.572   4.879   -12.595 1.00 57.74  ? 45  GET A C61   1 
HETATM 977  O O61   . GET C 2 .  ? 3.924   4.605   -12.777 1.00 60.24  ? 45  GET A O61   1 
HETATM 978  C C71   . GET C 2 .  ? 2.311   4.916   -11.070 1.00 55.34  ? 45  GET A C71   1 
HETATM 979  C C12   . GET C 2 .  ? 3.999   -1.384  -17.132 1.00 62.20  ? 45  GET A C12   1 
HETATM 980  N N12   . GET C 2 .  ? 5.145   -2.195  -17.589 1.00 58.14  ? 45  GET A N12   1 
HETATM 981  C C22   . GET C 2 .  ? 4.402   0.116   -17.083 1.00 61.59  ? 45  GET A C22   1 
HETATM 982  C C32   . GET C 2 .  ? 3.210   0.979   -16.596 1.00 61.82  ? 45  GET A C32   1 
HETATM 983  N N32   . GET C 2 .  ? 3.632   2.401   -16.572 1.00 65.38  ? 45  GET A N32   1 
HETATM 984  C C42   . GET C 2 .  ? 2.748   0.493   -15.186 1.00 59.19  ? 45  GET A C42   1 
HETATM 985  C C52   . GET C 2 .  ? 2.334   -1.002  -15.258 1.00 61.35  ? 45  GET A C52   1 
HETATM 986  O O52   . GET C 2 .  ? 1.932   -1.440  -13.982 1.00 59.97  ? 45  GET A O52   1 
HETATM 987  C C62   . GET C 2 .  ? 3.538   -1.850  -15.724 1.00 60.77  ? 45  GET A C62   1 
HETATM 988  O O62   . GET C 2 .  ? 3.155   -3.216  -15.777 1.00 61.51  ? 45  GET A O62   1 
HETATM 989  C C13   . GET C 2 .  ? 3.998   -4.144  -15.139 1.00 62.57  ? 45  GET A C13   1 
HETATM 990  C C23   . GET C 2 .  ? 3.963   -5.469  -15.935 1.00 61.88  ? 45  GET A C23   1 
HETATM 991  O O23   . GET C 2 .  ? 4.449   -5.244  -17.251 1.00 60.54  ? 45  GET A O23   1 
HETATM 992  C C33   . GET C 2 .  ? 2.487   -6.005  -15.954 1.00 62.42  ? 45  GET A C33   1 
HETATM 993  N N33   . GET C 2 .  ? 2.339   -7.282  -16.725 1.00 63.68  ? 45  GET A N33   1 
HETATM 994  C C93   . GET C 2 .  ? 2.312   -7.010  -18.183 1.00 65.66  ? 45  GET A C93   1 
HETATM 995  C C43   . GET C 2 .  ? 2.008   -6.217  -14.480 1.00 62.39  ? 45  GET A C43   1 
HETATM 996  O O43   . GET C 2 .  ? 2.851   -7.183  -13.851 1.00 59.70  ? 45  GET A O43   1 
HETATM 997  C C83   . GET C 2 .  ? 0.665   -6.708  -14.406 1.00 63.03  ? 45  GET A C83   1 
HETATM 998  C C53   . GET C 2 .  ? 2.140   -4.903  -13.666 1.00 61.06  ? 45  GET A C53   1 
HETATM 999  O O53   . GET C 2 .  ? 3.522   -4.373  -13.763 1.00 61.47  ? 45  GET A O53   1 
HETATM 1000 C C11   . GET D 2 .  ? -2.230  -2.837  15.145  1.00 32.98  ? 46  GET A C11   1 
HETATM 1001 O O11   . GET D 2 .  ? -2.558  -2.807  16.501  1.00 33.53  ? 46  GET A O11   1 
HETATM 1002 C C21   . GET D 2 .  ? -2.844  -4.132  14.545  1.00 32.00  ? 46  GET A C21   1 
HETATM 1003 N N21   . GET D 2 .  ? -4.298  -4.138  14.737  1.00 29.80  ? 46  GET A N21   1 
HETATM 1004 C C31   . GET D 2 .  ? -2.181  -5.395  15.170  1.00 36.84  ? 46  GET A C31   1 
HETATM 1005 O O31   . GET D 2 .  ? -2.695  -6.529  14.632  1.00 37.33  ? 46  GET A O31   1 
HETATM 1006 C C41   . GET D 2 .  ? -0.637  -5.316  14.933  1.00 41.12  ? 46  GET A C41   1 
HETATM 1007 O O41   . GET D 2 .  ? 0.010   -6.478  15.492  1.00 48.97  ? 46  GET A O41   1 
HETATM 1008 C C51   . GET D 2 .  ? -0.104  -3.998  15.590  1.00 40.51  ? 46  GET A C51   1 
HETATM 1009 O O51   . GET D 2 .  ? -0.786  -2.821  15.007  1.00 39.14  ? 46  GET A O51   1 
HETATM 1010 C C61   . GET D 2 .  ? 1.402   -3.763  15.422  1.00 41.16  ? 46  GET A C61   1 
HETATM 1011 O O61   . GET D 2 .  ? 1.780   -2.627  16.129  1.00 43.65  ? 46  GET A O61   1 
HETATM 1012 C C71   . GET D 2 .  ? 1.830   -3.525  13.963  1.00 44.20  ? 46  GET A C71   1 
HETATM 1013 C C12   . GET D 2 .  ? -4.127  -0.037  19.351  1.00 33.39  ? 46  GET A C12   1 
HETATM 1014 N N12   . GET D 2 .  ? -4.320  1.203   20.145  1.00 32.18  ? 46  GET A N12   1 
HETATM 1015 C C22   . GET D 2 .  ? -2.717  -0.644  19.612  1.00 31.57  ? 46  GET A C22   1 
HETATM 1016 C C32   . GET D 2 .  ? -2.516  -1.945  18.753  1.00 35.99  ? 46  GET A C32   1 
HETATM 1017 N N32   . GET D 2 .  ? -1.146  -2.514  19.034  1.00 36.36  ? 46  GET A N32   1 
HETATM 1018 C C42   . GET D 2 .  ? -2.700  -1.599  17.236  1.00 33.79  ? 46  GET A C42   1 
HETATM 1019 C C52   . GET D 2 .  ? -4.112  -1.007  17.008  1.00 36.38  ? 46  GET A C52   1 
HETATM 1020 O O52   . GET D 2 .  ? -4.254  -0.668  15.650  1.00 33.86  ? 46  GET A O52   1 
HETATM 1021 C C62   . GET D 2 .  ? -4.289  0.285   17.850  1.00 36.71  ? 46  GET A C62   1 
HETATM 1022 O O62   . GET D 2 .  ? -5.588  0.811   17.625  1.00 40.43  ? 46  GET A O62   1 
HETATM 1023 C C13   . GET D 2 .  ? -5.712  2.151   17.234  1.00 38.89  ? 46  GET A C13   1 
HETATM 1024 C C23   . GET D 2 .  ? -7.008  2.698   17.863  1.00 39.34  ? 46  GET A C23   1 
HETATM 1025 O O23   . GET D 2 .  ? -6.904  2.623   19.268  1.00 36.72  ? 46  GET A O23   1 
HETATM 1026 C C33   . GET D 2 .  ? -8.223  1.854   17.348  1.00 40.16  ? 46  GET A C33   1 
HETATM 1027 N N33   . GET D 2 .  ? -9.512  2.300   17.932  1.00 42.34  ? 46  GET A N33   1 
HETATM 1028 C C93   . GET D 2 .  ? -9.722  1.691   19.270  1.00 44.34  ? 46  GET A C93   1 
HETATM 1029 C C43   . GET D 2 .  ? -8.286  1.943   15.784  1.00 43.03  ? 46  GET A C43   1 
HETATM 1030 O O43   . GET D 2 .  ? -8.455  3.314   15.377  1.00 40.73  ? 46  GET A O43   1 
HETATM 1031 C C83   . GET D 2 .  ? -9.397  1.184   15.239  1.00 41.06  ? 46  GET A C83   1 
HETATM 1032 C C53   . GET D 2 .  ? -6.934  1.469   15.167  1.00 40.42  ? 46  GET A C53   1 
HETATM 1033 O O53   . GET D 2 .  ? -5.787  2.228   15.765  1.00 40.94  ? 46  GET A O53   1 
HETATM 1034 O O     A HOH E 3 .  ? 1.137   11.787  -15.579 0.51 42.70  ? 102 HOH A O     1 
HETATM 1035 O O     . HOH E 3 .  ? -0.774  -2.720  -7.627  1.00 65.72  ? 104 HOH A O     1 
HETATM 1036 O O     . HOH E 3 .  ? -0.153  8.578   -12.316 1.00 66.08  ? 106 HOH A O     1 
HETATM 1037 O O     . HOH E 3 .  ? 17.398  -2.107  -12.016 0.78 51.76  ? 108 HOH A O     1 
HETATM 1038 O O     . HOH E 3 .  ? -6.297  -1.900  14.341  1.00 28.55  ? 111 HOH A O     1 
HETATM 1039 O O     . HOH E 3 .  ? 2.471   7.971   14.616  1.00 51.45  ? 114 HOH A O     1 
HETATM 1040 O O     . HOH E 3 .  ? -7.175  4.743   -7.044  1.00 52.36  ? 115 HOH A O     1 
HETATM 1041 O O     . HOH E 3 .  ? 5.910   2.075   15.047  1.00 50.32  ? 116 HOH A O     1 
HETATM 1042 O O     . HOH E 3 .  ? -5.216  -0.336  22.538  1.00 45.57  ? 118 HOH A O     1 
HETATM 1043 O O     . HOH E 3 .  ? -0.499  -2.517  -13.804 1.00 48.26  ? 119 HOH A O     1 
HETATM 1044 O O     . HOH E 3 .  ? -6.682  4.255   12.091  0.75 31.46  ? 121 HOH A O     1 
HETATM 1045 O O     . HOH E 3 .  ? -0.411  -1.208  -9.762  1.00 31.61  ? 122 HOH A O     1 
HETATM 1046 O O     . HOH E 3 .  ? -1.102  -3.156  -2.151  1.00 58.01  ? 126 HOH A O     1 
HETATM 1047 O O     . HOH E 3 .  ? -2.581  -1.403  -11.467 1.00 48.25  ? 127 HOH A O     1 
HETATM 1048 O O     . HOH E 3 .  ? -2.249  0.741   8.849   1.00 64.96  ? 129 HOH A O     1 
HETATM 1049 O O     . HOH E 3 .  ? -1.309  -2.669  -5.082  1.00 53.70  ? 130 HOH A O     1 
HETATM 1050 O O     . HOH E 3 .  ? 9.229   -13.761 -15.703 1.00 61.68  ? 132 HOH A O     1 
HETATM 1051 O O     . HOH E 3 .  ? 4.583   2.783   -19.044 0.52 32.66  ? 134 HOH A O     1 
HETATM 1052 O O     . HOH E 3 .  ? 2.266   -0.336  6.472   1.00 58.94  ? 135 HOH A O     1 
HETATM 1053 O O     . HOH E 3 .  ? 5.206   -2.098  4.458   1.00 60.50  ? 136 HOH A O     1 
HETATM 1054 O O     . HOH E 3 .  ? 11.065  -5.688  -19.825 1.00 60.53  ? 137 HOH A O     1 
HETATM 1055 O O     A HOH E 3 .  ? 2.104   14.081  -14.351 0.71 58.13  ? 139 HOH A O     1 
HETATM 1056 O O     B HOH E 3 .  ? 3.056   12.177  -14.364 0.56 50.26  ? 140 HOH A O     1 
HETATM 1057 O O     . HOH F 3 .  ? 2.641   -9.012  13.395  1.00 61.86  ? 101 HOH B O     1 
HETATM 1058 O O     . HOH F 3 .  ? 4.967   -6.856  11.403  1.00 41.02  ? 103 HOH B O     1 
HETATM 1059 O O     . HOH F 3 .  ? 4.885   7.258   24.957  1.00 49.94  ? 105 HOH B O     1 
HETATM 1060 O O     . HOH F 3 .  ? -5.813  10.042  26.239  1.00 58.02  ? 107 HOH B O     1 
HETATM 1061 O O     . HOH F 3 .  ? 11.343  -10.450 -12.414 1.00 54.48  ? 109 HOH B O     1 
HETATM 1062 O O     . HOH F 3 .  ? -3.774  -1.608  10.286  1.00 29.89  ? 110 HOH B O     1 
HETATM 1063 O O     . HOH F 3 .  ? 8.245   -14.483 21.267  1.00 47.97  ? 112 HOH B O     1 
HETATM 1064 O O     . HOH F 3 .  ? -3.496  0.402   3.541   1.00 39.58  ? 113 HOH B O     1 
HETATM 1065 O O     . HOH F 3 .  ? -5.763  5.184   24.332  1.00 49.68  ? 117 HOH B O     1 
HETATM 1066 O O     . HOH F 3 .  ? -14.370 10.288  21.103  1.00 59.33  ? 120 HOH B O     1 
HETATM 1067 O O     . HOH F 3 .  ? -6.612  -12.818 9.636   1.00 39.76  ? 123 HOH B O     1 
HETATM 1068 O O     . HOH F 3 .  ? -4.109  1.250   6.310   1.00 48.26  ? 124 HOH B O     1 
HETATM 1069 O O     . HOH F 3 .  ? -0.828  -9.725  -8.366  1.00 67.40  ? 125 HOH B O     1 
HETATM 1070 O O     . HOH F 3 .  ? 2.852   -13.575 -23.221 1.00 66.03  ? 128 HOH B O     1 
HETATM 1071 O O     . HOH F 3 .  ? -4.783  -14.632 11.030  1.00 65.90  ? 131 HOH B O     1 
HETATM 1072 O O     . HOH F 3 .  ? -4.168  7.659   24.223  1.00 51.94  ? 133 HOH B O     1 
HETATM 1073 O O     . HOH F 3 .  ? -3.843  11.961  17.740  1.00 55.46  ? 138 HOH B O     1 
# 
